data_2CZW
# 
_entry.id   2CZW 
# 
_audit_conform.dict_name       mmcif_pdbx.dic 
_audit_conform.dict_version    5.388 
_audit_conform.dict_location   http://mmcif.pdb.org/dictionaries/ascii/mmcif_pdbx.dic 
# 
loop_
_database_2.database_id 
_database_2.database_code 
_database_2.pdbx_database_accession 
_database_2.pdbx_DOI 
PDB   2CZW         pdb_00002czw 10.2210/pdb2czw/pdb 
RCSB  RCSB024813   ?            ?                   
WWPDB D_1000024813 ?            ?                   
# 
loop_
_pdbx_audit_revision_history.ordinal 
_pdbx_audit_revision_history.data_content_type 
_pdbx_audit_revision_history.major_revision 
_pdbx_audit_revision_history.minor_revision 
_pdbx_audit_revision_history.revision_date 
1 'Structure model' 1 0 2006-04-25 
2 'Structure model' 1 1 2008-04-30 
3 'Structure model' 1 2 2011-07-13 
4 'Structure model' 1 3 2024-03-13 
# 
_pdbx_audit_revision_details.ordinal             1 
_pdbx_audit_revision_details.revision_ordinal    1 
_pdbx_audit_revision_details.data_content_type   'Structure model' 
_pdbx_audit_revision_details.provider            repository 
_pdbx_audit_revision_details.type                'Initial release' 
_pdbx_audit_revision_details.description         ? 
_pdbx_audit_revision_details.details             ? 
# 
loop_
_pdbx_audit_revision_group.ordinal 
_pdbx_audit_revision_group.revision_ordinal 
_pdbx_audit_revision_group.data_content_type 
_pdbx_audit_revision_group.group 
1 2 'Structure model' 'Version format compliance' 
2 3 'Structure model' 'Version format compliance' 
3 4 'Structure model' 'Data collection'           
4 4 'Structure model' 'Database references'       
# 
loop_
_pdbx_audit_revision_category.ordinal 
_pdbx_audit_revision_category.revision_ordinal 
_pdbx_audit_revision_category.data_content_type 
_pdbx_audit_revision_category.category 
1 4 'Structure model' chem_comp_atom     
2 4 'Structure model' chem_comp_bond     
3 4 'Structure model' database_2         
4 4 'Structure model' struct_ref_seq_dif 
# 
loop_
_pdbx_audit_revision_item.ordinal 
_pdbx_audit_revision_item.revision_ordinal 
_pdbx_audit_revision_item.data_content_type 
_pdbx_audit_revision_item.item 
1 4 'Structure model' '_database_2.pdbx_DOI'                
2 4 'Structure model' '_database_2.pdbx_database_accession' 
3 4 'Structure model' '_struct_ref_seq_dif.details'         
# 
_pdbx_database_status.status_code                     REL 
_pdbx_database_status.entry_id                        2CZW 
_pdbx_database_status.recvd_initial_deposition_date   2005-07-19 
_pdbx_database_status.deposit_site                    PDBJ 
_pdbx_database_status.process_site                    PDBJ 
_pdbx_database_status.status_code_sf                  REL 
_pdbx_database_status.status_code_mr                  ? 
_pdbx_database_status.SG_entry                        ? 
_pdbx_database_status.pdb_format_compatible           Y 
_pdbx_database_status.status_code_cs                  ? 
_pdbx_database_status.status_code_nmr_data            ? 
_pdbx_database_status.methods_development_category    ? 
# 
_pdbx_database_related.db_name        PDB 
_pdbx_database_related.db_id          1PXW 
_pdbx_database_related.details        'Crystal Structure Of L7Ae Srnp Core Protein From Pyrococcus Abyssii' 
_pdbx_database_related.content_type   unspecified 
# 
loop_
_audit_author.name 
_audit_author.pdbx_ordinal 
'Fukuhara, H.' 1 
'Kifusa, M.'   2 
'Watanabe, M.' 3 
'Terada, A.'   4 
'Honda, T.'    5 
'Numata, T.'   6 
'Kakuta, Y.'   7 
'Kimura, M.'   8 
# 
_citation.id                        primary 
_citation.title                     
'A fifth protein subunit Ph1496p elevates the optimum temperature for the ribonuclease P activity from Pyrococcus horikoshii OT3' 
_citation.journal_abbrev            Biochem.Biophys.Res.Commun. 
_citation.journal_volume            343 
_citation.page_first                956 
_citation.page_last                 964 
_citation.year                      2006 
_citation.journal_id_ASTM           BBRCA9 
_citation.country                   US 
_citation.journal_id_ISSN           0006-291X 
_citation.journal_id_CSD            0146 
_citation.book_publisher            ? 
_citation.pdbx_database_id_PubMed   16574071 
_citation.pdbx_database_id_DOI      10.1016/j.bbrc.2006.02.192 
# 
loop_
_citation_author.citation_id 
_citation_author.name 
_citation_author.ordinal 
_citation_author.identifier_ORCID 
primary 'Fukuhara, H.' 1 ? 
primary 'Kifusa, M.'   2 ? 
primary 'Watanabe, M.' 3 ? 
primary 'Terada, A.'   4 ? 
primary 'Honda, T.'    5 ? 
primary 'Numata, T.'   6 ? 
primary 'Kakuta, Y.'   7 ? 
primary 'Kimura, M.'   8 ? 
# 
loop_
_entity.id 
_entity.type 
_entity.src_method 
_entity.pdbx_description 
_entity.formula_weight 
_entity.pdbx_number_of_molecules 
_entity.pdbx_ec 
_entity.pdbx_mutation 
_entity.pdbx_fragment 
_entity.details 
1 polymer man '50S ribosomal protein L7Ae' 13573.874 1   ? ? ? ? 
2 water   nat water                        18.015    111 ? ? ? ? 
# 
_entity_name_com.entity_id   1 
_entity_name_com.name        'Ribonuclease P component protein' 
# 
_entity_poly.entity_id                      1 
_entity_poly.type                           'polypeptide(L)' 
_entity_poly.nstd_linkage                   no 
_entity_poly.nstd_monomer                   no 
_entity_poly.pdbx_seq_one_letter_code       
;MMAKPSYVKFEVPKELAEKALQAVEIARDTGKIRKGTNETTKAVERGQAKLVIIAEDVDPEEIVAHLPPLCEEKEIPYIY
VPSKKELGAAAGIEVAAASVAIIEPGKARDLVEEIAMKVRELMK
;
_entity_poly.pdbx_seq_one_letter_code_can   
;MMAKPSYVKFEVPKELAEKALQAVEIARDTGKIRKGTNETTKAVERGQAKLVIIAEDVDPEEIVAHLPPLCEEKEIPYIY
VPSKKELGAAAGIEVAAASVAIIEPGKARDLVEEIAMKVRELMK
;
_entity_poly.pdbx_strand_id                 A 
_entity_poly.pdbx_target_identifier         ? 
# 
_pdbx_entity_nonpoly.entity_id   2 
_pdbx_entity_nonpoly.name        water 
_pdbx_entity_nonpoly.comp_id     HOH 
# 
loop_
_entity_poly_seq.entity_id 
_entity_poly_seq.num 
_entity_poly_seq.mon_id 
_entity_poly_seq.hetero 
1 1   MET n 
1 2   MET n 
1 3   ALA n 
1 4   LYS n 
1 5   PRO n 
1 6   SER n 
1 7   TYR n 
1 8   VAL n 
1 9   LYS n 
1 10  PHE n 
1 11  GLU n 
1 12  VAL n 
1 13  PRO n 
1 14  LYS n 
1 15  GLU n 
1 16  LEU n 
1 17  ALA n 
1 18  GLU n 
1 19  LYS n 
1 20  ALA n 
1 21  LEU n 
1 22  GLN n 
1 23  ALA n 
1 24  VAL n 
1 25  GLU n 
1 26  ILE n 
1 27  ALA n 
1 28  ARG n 
1 29  ASP n 
1 30  THR n 
1 31  GLY n 
1 32  LYS n 
1 33  ILE n 
1 34  ARG n 
1 35  LYS n 
1 36  GLY n 
1 37  THR n 
1 38  ASN n 
1 39  GLU n 
1 40  THR n 
1 41  THR n 
1 42  LYS n 
1 43  ALA n 
1 44  VAL n 
1 45  GLU n 
1 46  ARG n 
1 47  GLY n 
1 48  GLN n 
1 49  ALA n 
1 50  LYS n 
1 51  LEU n 
1 52  VAL n 
1 53  ILE n 
1 54  ILE n 
1 55  ALA n 
1 56  GLU n 
1 57  ASP n 
1 58  VAL n 
1 59  ASP n 
1 60  PRO n 
1 61  GLU n 
1 62  GLU n 
1 63  ILE n 
1 64  VAL n 
1 65  ALA n 
1 66  HIS n 
1 67  LEU n 
1 68  PRO n 
1 69  PRO n 
1 70  LEU n 
1 71  CYS n 
1 72  GLU n 
1 73  GLU n 
1 74  LYS n 
1 75  GLU n 
1 76  ILE n 
1 77  PRO n 
1 78  TYR n 
1 79  ILE n 
1 80  TYR n 
1 81  VAL n 
1 82  PRO n 
1 83  SER n 
1 84  LYS n 
1 85  LYS n 
1 86  GLU n 
1 87  LEU n 
1 88  GLY n 
1 89  ALA n 
1 90  ALA n 
1 91  ALA n 
1 92  GLY n 
1 93  ILE n 
1 94  GLU n 
1 95  VAL n 
1 96  ALA n 
1 97  ALA n 
1 98  ALA n 
1 99  SER n 
1 100 VAL n 
1 101 ALA n 
1 102 ILE n 
1 103 ILE n 
1 104 GLU n 
1 105 PRO n 
1 106 GLY n 
1 107 LYS n 
1 108 ALA n 
1 109 ARG n 
1 110 ASP n 
1 111 LEU n 
1 112 VAL n 
1 113 GLU n 
1 114 GLU n 
1 115 ILE n 
1 116 ALA n 
1 117 MET n 
1 118 LYS n 
1 119 VAL n 
1 120 ARG n 
1 121 GLU n 
1 122 LEU n 
1 123 MET n 
1 124 LYS n 
# 
_entity_src_gen.entity_id                          1 
_entity_src_gen.pdbx_src_id                        1 
_entity_src_gen.pdbx_alt_source_flag               sample 
_entity_src_gen.pdbx_seq_type                      ? 
_entity_src_gen.pdbx_beg_seq_num                   ? 
_entity_src_gen.pdbx_end_seq_num                   ? 
_entity_src_gen.gene_src_common_name               ? 
_entity_src_gen.gene_src_genus                     Pyrococcus 
_entity_src_gen.pdbx_gene_src_gene                 ph1496 
_entity_src_gen.gene_src_species                   ? 
_entity_src_gen.gene_src_strain                    ? 
_entity_src_gen.gene_src_tissue                    ? 
_entity_src_gen.gene_src_tissue_fraction           ? 
_entity_src_gen.gene_src_details                   ? 
_entity_src_gen.pdbx_gene_src_fragment             ? 
_entity_src_gen.pdbx_gene_src_scientific_name      'Pyrococcus horikoshii' 
_entity_src_gen.pdbx_gene_src_ncbi_taxonomy_id     53953 
_entity_src_gen.pdbx_gene_src_variant              ? 
_entity_src_gen.pdbx_gene_src_cell_line            ? 
_entity_src_gen.pdbx_gene_src_atcc                 ? 
_entity_src_gen.pdbx_gene_src_organ                ? 
_entity_src_gen.pdbx_gene_src_organelle            ? 
_entity_src_gen.pdbx_gene_src_cell                 ? 
_entity_src_gen.pdbx_gene_src_cellular_location    ? 
_entity_src_gen.host_org_common_name               ? 
_entity_src_gen.pdbx_host_org_scientific_name      'Escherichia coli' 
_entity_src_gen.pdbx_host_org_ncbi_taxonomy_id     562 
_entity_src_gen.host_org_genus                     Escherichia 
_entity_src_gen.pdbx_host_org_gene                 ? 
_entity_src_gen.pdbx_host_org_organ                ? 
_entity_src_gen.host_org_species                   ? 
_entity_src_gen.pdbx_host_org_tissue               ? 
_entity_src_gen.pdbx_host_org_tissue_fraction      ? 
_entity_src_gen.pdbx_host_org_strain               ? 
_entity_src_gen.pdbx_host_org_variant              ? 
_entity_src_gen.pdbx_host_org_cell_line            ? 
_entity_src_gen.pdbx_host_org_atcc                 ? 
_entity_src_gen.pdbx_host_org_culture_collection   ? 
_entity_src_gen.pdbx_host_org_cell                 ? 
_entity_src_gen.pdbx_host_org_organelle            ? 
_entity_src_gen.pdbx_host_org_cellular_location    ? 
_entity_src_gen.pdbx_host_org_vector_type          plasmid 
_entity_src_gen.pdbx_host_org_vector               ? 
_entity_src_gen.host_org_details                   ? 
_entity_src_gen.expression_system_id               ? 
_entity_src_gen.plasmid_name                       pET-22b 
_entity_src_gen.plasmid_details                    ? 
_entity_src_gen.pdbx_description                   ? 
# 
loop_
_chem_comp.id 
_chem_comp.type 
_chem_comp.mon_nstd_flag 
_chem_comp.name 
_chem_comp.pdbx_synonyms 
_chem_comp.formula 
_chem_comp.formula_weight 
ALA 'L-peptide linking' y ALANINE         ? 'C3 H7 N O2'     89.093  
ARG 'L-peptide linking' y ARGININE        ? 'C6 H15 N4 O2 1' 175.209 
ASN 'L-peptide linking' y ASPARAGINE      ? 'C4 H8 N2 O3'    132.118 
ASP 'L-peptide linking' y 'ASPARTIC ACID' ? 'C4 H7 N O4'     133.103 
CYS 'L-peptide linking' y CYSTEINE        ? 'C3 H7 N O2 S'   121.158 
GLN 'L-peptide linking' y GLUTAMINE       ? 'C5 H10 N2 O3'   146.144 
GLU 'L-peptide linking' y 'GLUTAMIC ACID' ? 'C5 H9 N O4'     147.129 
GLY 'peptide linking'   y GLYCINE         ? 'C2 H5 N O2'     75.067  
HIS 'L-peptide linking' y HISTIDINE       ? 'C6 H10 N3 O2 1' 156.162 
HOH non-polymer         . WATER           ? 'H2 O'           18.015  
ILE 'L-peptide linking' y ISOLEUCINE      ? 'C6 H13 N O2'    131.173 
LEU 'L-peptide linking' y LEUCINE         ? 'C6 H13 N O2'    131.173 
LYS 'L-peptide linking' y LYSINE          ? 'C6 H15 N2 O2 1' 147.195 
MET 'L-peptide linking' y METHIONINE      ? 'C5 H11 N O2 S'  149.211 
PHE 'L-peptide linking' y PHENYLALANINE   ? 'C9 H11 N O2'    165.189 
PRO 'L-peptide linking' y PROLINE         ? 'C5 H9 N O2'     115.130 
SER 'L-peptide linking' y SERINE          ? 'C3 H7 N O3'     105.093 
THR 'L-peptide linking' y THREONINE       ? 'C4 H9 N O3'     119.119 
TYR 'L-peptide linking' y TYROSINE        ? 'C9 H11 N O3'    181.189 
VAL 'L-peptide linking' y VALINE          ? 'C5 H11 N O2'    117.146 
# 
loop_
_pdbx_poly_seq_scheme.asym_id 
_pdbx_poly_seq_scheme.entity_id 
_pdbx_poly_seq_scheme.seq_id 
_pdbx_poly_seq_scheme.mon_id 
_pdbx_poly_seq_scheme.ndb_seq_num 
_pdbx_poly_seq_scheme.pdb_seq_num 
_pdbx_poly_seq_scheme.auth_seq_num 
_pdbx_poly_seq_scheme.pdb_mon_id 
_pdbx_poly_seq_scheme.auth_mon_id 
_pdbx_poly_seq_scheme.pdb_strand_id 
_pdbx_poly_seq_scheme.pdb_ins_code 
_pdbx_poly_seq_scheme.hetero 
A 1 1   MET 1   1   ?   ?   ?   A . n 
A 1 2   MET 2   2   ?   ?   ?   A . n 
A 1 3   ALA 3   3   ?   ?   ?   A . n 
A 1 4   LYS 4   4   ?   ?   ?   A . n 
A 1 5   PRO 5   5   ?   ?   ?   A . n 
A 1 6   SER 6   6   ?   ?   ?   A . n 
A 1 7   TYR 7   7   7   TYR TYR A . n 
A 1 8   VAL 8   8   8   VAL VAL A . n 
A 1 9   LYS 9   9   9   LYS LYS A . n 
A 1 10  PHE 10  10  10  PHE PHE A . n 
A 1 11  GLU 11  11  11  GLU GLU A . n 
A 1 12  VAL 12  12  12  VAL VAL A . n 
A 1 13  PRO 13  13  13  PRO PRO A . n 
A 1 14  LYS 14  14  14  LYS LYS A . n 
A 1 15  GLU 15  15  15  GLU GLU A . n 
A 1 16  LEU 16  16  16  LEU LEU A . n 
A 1 17  ALA 17  17  17  ALA ALA A . n 
A 1 18  GLU 18  18  18  GLU GLU A . n 
A 1 19  LYS 19  19  19  LYS LYS A . n 
A 1 20  ALA 20  20  20  ALA ALA A . n 
A 1 21  LEU 21  21  21  LEU LEU A . n 
A 1 22  GLN 22  22  22  GLN GLN A . n 
A 1 23  ALA 23  23  23  ALA ALA A . n 
A 1 24  VAL 24  24  24  VAL VAL A . n 
A 1 25  GLU 25  25  25  GLU GLU A . n 
A 1 26  ILE 26  26  26  ILE ILE A . n 
A 1 27  ALA 27  27  27  ALA ALA A . n 
A 1 28  ARG 28  28  28  ARG ARG A . n 
A 1 29  ASP 29  29  29  ASP ASP A . n 
A 1 30  THR 30  30  30  THR THR A . n 
A 1 31  GLY 31  31  31  GLY GLY A . n 
A 1 32  LYS 32  32  32  LYS LYS A . n 
A 1 33  ILE 33  33  33  ILE ILE A . n 
A 1 34  ARG 34  34  34  ARG ARG A . n 
A 1 35  LYS 35  35  35  LYS LYS A . n 
A 1 36  GLY 36  36  36  GLY GLY A . n 
A 1 37  THR 37  37  37  THR THR A . n 
A 1 38  ASN 38  38  38  ASN ASN A . n 
A 1 39  GLU 39  39  39  GLU GLU A . n 
A 1 40  THR 40  40  40  THR THR A . n 
A 1 41  THR 41  41  41  THR THR A . n 
A 1 42  LYS 42  42  42  LYS LYS A . n 
A 1 43  ALA 43  43  43  ALA ALA A . n 
A 1 44  VAL 44  44  44  VAL VAL A . n 
A 1 45  GLU 45  45  45  GLU GLU A . n 
A 1 46  ARG 46  46  46  ARG ARG A . n 
A 1 47  GLY 47  47  47  GLY GLY A . n 
A 1 48  GLN 48  48  48  GLN GLN A . n 
A 1 49  ALA 49  49  49  ALA ALA A . n 
A 1 50  LYS 50  50  50  LYS LYS A . n 
A 1 51  LEU 51  51  51  LEU LEU A . n 
A 1 52  VAL 52  52  52  VAL VAL A . n 
A 1 53  ILE 53  53  53  ILE ILE A . n 
A 1 54  ILE 54  54  54  ILE ILE A . n 
A 1 55  ALA 55  55  55  ALA ALA A . n 
A 1 56  GLU 56  56  56  GLU GLU A . n 
A 1 57  ASP 57  57  57  ASP ASP A . n 
A 1 58  VAL 58  58  58  VAL VAL A . n 
A 1 59  ASP 59  59  59  ASP ASP A . n 
A 1 60  PRO 60  60  60  PRO PRO A . n 
A 1 61  GLU 61  61  61  GLU GLU A . n 
A 1 62  GLU 62  62  62  GLU GLU A . n 
A 1 63  ILE 63  63  63  ILE ILE A . n 
A 1 64  VAL 64  64  64  VAL VAL A . n 
A 1 65  ALA 65  65  65  ALA ALA A . n 
A 1 66  HIS 66  66  66  HIS HIS A . n 
A 1 67  LEU 67  67  67  LEU LEU A . n 
A 1 68  PRO 68  68  68  PRO PRO A . n 
A 1 69  PRO 69  69  69  PRO PRO A . n 
A 1 70  LEU 70  70  70  LEU LEU A . n 
A 1 71  CYS 71  71  71  CYS CYS A . n 
A 1 72  GLU 72  72  72  GLU GLU A . n 
A 1 73  GLU 73  73  73  GLU GLU A . n 
A 1 74  LYS 74  74  74  LYS LYS A . n 
A 1 75  GLU 75  75  75  GLU GLU A . n 
A 1 76  ILE 76  76  76  ILE ILE A . n 
A 1 77  PRO 77  77  77  PRO PRO A . n 
A 1 78  TYR 78  78  78  TYR TYR A . n 
A 1 79  ILE 79  79  79  ILE ILE A . n 
A 1 80  TYR 80  80  80  TYR TYR A . n 
A 1 81  VAL 81  81  81  VAL VAL A . n 
A 1 82  PRO 82  82  82  PRO PRO A . n 
A 1 83  SER 83  83  83  SER SER A . n 
A 1 84  LYS 84  84  84  LYS LYS A . n 
A 1 85  LYS 85  85  85  LYS LYS A . n 
A 1 86  GLU 86  86  86  GLU GLU A . n 
A 1 87  LEU 87  87  87  LEU LEU A . n 
A 1 88  GLY 88  88  88  GLY GLY A . n 
A 1 89  ALA 89  89  89  ALA ALA A . n 
A 1 90  ALA 90  90  90  ALA ALA A . n 
A 1 91  ALA 91  91  91  ALA ALA A . n 
A 1 92  GLY 92  92  92  GLY GLY A . n 
A 1 93  ILE 93  93  93  ILE ILE A . n 
A 1 94  GLU 94  94  94  GLU GLU A . n 
A 1 95  VAL 95  95  95  VAL VAL A . n 
A 1 96  ALA 96  96  96  ALA ALA A . n 
A 1 97  ALA 97  97  97  ALA ALA A . n 
A 1 98  ALA 98  98  98  ALA ALA A . n 
A 1 99  SER 99  99  99  SER SER A . n 
A 1 100 VAL 100 100 100 VAL VAL A . n 
A 1 101 ALA 101 101 101 ALA ALA A . n 
A 1 102 ILE 102 102 102 ILE ILE A . n 
A 1 103 ILE 103 103 103 ILE ILE A . n 
A 1 104 GLU 104 104 104 GLU GLU A . n 
A 1 105 PRO 105 105 105 PRO PRO A . n 
A 1 106 GLY 106 106 106 GLY GLY A . n 
A 1 107 LYS 107 107 107 LYS LYS A . n 
A 1 108 ALA 108 108 108 ALA ALA A . n 
A 1 109 ARG 109 109 109 ARG ARG A . n 
A 1 110 ASP 110 110 110 ASP ASP A . n 
A 1 111 LEU 111 111 111 LEU LEU A . n 
A 1 112 VAL 112 112 112 VAL VAL A . n 
A 1 113 GLU 113 113 113 GLU GLU A . n 
A 1 114 GLU 114 114 114 GLU GLU A . n 
A 1 115 ILE 115 115 115 ILE ILE A . n 
A 1 116 ALA 116 116 116 ALA ALA A . n 
A 1 117 MET 117 117 117 MET MET A . n 
A 1 118 LYS 118 118 118 LYS LYS A . n 
A 1 119 VAL 119 119 119 VAL VAL A . n 
A 1 120 ARG 120 120 120 ARG ARG A . n 
A 1 121 GLU 121 121 121 GLU GLU A . n 
A 1 122 LEU 122 122 122 LEU LEU A . n 
A 1 123 MET 123 123 123 MET MET A . n 
A 1 124 LYS 124 124 124 LYS LYS A . n 
# 
loop_
_pdbx_nonpoly_scheme.asym_id 
_pdbx_nonpoly_scheme.entity_id 
_pdbx_nonpoly_scheme.mon_id 
_pdbx_nonpoly_scheme.ndb_seq_num 
_pdbx_nonpoly_scheme.pdb_seq_num 
_pdbx_nonpoly_scheme.auth_seq_num 
_pdbx_nonpoly_scheme.pdb_mon_id 
_pdbx_nonpoly_scheme.auth_mon_id 
_pdbx_nonpoly_scheme.pdb_strand_id 
_pdbx_nonpoly_scheme.pdb_ins_code 
B 2 HOH 1   125 1   HOH TIP A . 
B 2 HOH 2   126 2   HOH TIP A . 
B 2 HOH 3   127 3   HOH TIP A . 
B 2 HOH 4   128 4   HOH TIP A . 
B 2 HOH 5   129 5   HOH TIP A . 
B 2 HOH 6   130 6   HOH TIP A . 
B 2 HOH 7   131 7   HOH TIP A . 
B 2 HOH 8   132 8   HOH TIP A . 
B 2 HOH 9   133 9   HOH TIP A . 
B 2 HOH 10  134 10  HOH TIP A . 
B 2 HOH 11  135 11  HOH TIP A . 
B 2 HOH 12  136 12  HOH TIP A . 
B 2 HOH 13  137 13  HOH TIP A . 
B 2 HOH 14  138 14  HOH TIP A . 
B 2 HOH 15  139 15  HOH TIP A . 
B 2 HOH 16  140 16  HOH TIP A . 
B 2 HOH 17  141 17  HOH TIP A . 
B 2 HOH 18  142 18  HOH TIP A . 
B 2 HOH 19  143 19  HOH TIP A . 
B 2 HOH 20  144 20  HOH TIP A . 
B 2 HOH 21  145 21  HOH TIP A . 
B 2 HOH 22  146 22  HOH TIP A . 
B 2 HOH 23  147 23  HOH TIP A . 
B 2 HOH 24  148 24  HOH TIP A . 
B 2 HOH 25  149 25  HOH TIP A . 
B 2 HOH 26  150 26  HOH TIP A . 
B 2 HOH 27  151 27  HOH TIP A . 
B 2 HOH 28  152 28  HOH TIP A . 
B 2 HOH 29  153 29  HOH TIP A . 
B 2 HOH 30  154 30  HOH TIP A . 
B 2 HOH 31  155 31  HOH TIP A . 
B 2 HOH 32  156 32  HOH TIP A . 
B 2 HOH 33  157 33  HOH TIP A . 
B 2 HOH 34  158 34  HOH TIP A . 
B 2 HOH 35  159 35  HOH TIP A . 
B 2 HOH 36  160 36  HOH TIP A . 
B 2 HOH 37  161 37  HOH TIP A . 
B 2 HOH 38  162 38  HOH TIP A . 
B 2 HOH 39  163 39  HOH TIP A . 
B 2 HOH 40  164 40  HOH TIP A . 
B 2 HOH 41  165 41  HOH TIP A . 
B 2 HOH 42  166 42  HOH TIP A . 
B 2 HOH 43  167 43  HOH TIP A . 
B 2 HOH 44  168 44  HOH TIP A . 
B 2 HOH 45  169 45  HOH TIP A . 
B 2 HOH 46  170 46  HOH TIP A . 
B 2 HOH 47  171 47  HOH TIP A . 
B 2 HOH 48  172 48  HOH TIP A . 
B 2 HOH 49  173 49  HOH TIP A . 
B 2 HOH 50  174 50  HOH TIP A . 
B 2 HOH 51  175 51  HOH TIP A . 
B 2 HOH 52  176 52  HOH TIP A . 
B 2 HOH 53  177 53  HOH TIP A . 
B 2 HOH 54  178 54  HOH TIP A . 
B 2 HOH 55  179 55  HOH TIP A . 
B 2 HOH 56  180 56  HOH TIP A . 
B 2 HOH 57  181 57  HOH TIP A . 
B 2 HOH 58  182 58  HOH TIP A . 
B 2 HOH 59  183 59  HOH TIP A . 
B 2 HOH 60  184 60  HOH TIP A . 
B 2 HOH 61  185 61  HOH TIP A . 
B 2 HOH 62  186 62  HOH TIP A . 
B 2 HOH 63  187 63  HOH TIP A . 
B 2 HOH 64  188 64  HOH TIP A . 
B 2 HOH 65  189 65  HOH TIP A . 
B 2 HOH 66  190 66  HOH TIP A . 
B 2 HOH 67  191 67  HOH TIP A . 
B 2 HOH 68  192 68  HOH TIP A . 
B 2 HOH 69  193 69  HOH TIP A . 
B 2 HOH 70  194 70  HOH TIP A . 
B 2 HOH 71  195 71  HOH TIP A . 
B 2 HOH 72  196 72  HOH TIP A . 
B 2 HOH 73  197 73  HOH TIP A . 
B 2 HOH 74  198 74  HOH TIP A . 
B 2 HOH 75  199 75  HOH TIP A . 
B 2 HOH 76  200 76  HOH TIP A . 
B 2 HOH 77  201 77  HOH TIP A . 
B 2 HOH 78  202 78  HOH TIP A . 
B 2 HOH 79  203 79  HOH TIP A . 
B 2 HOH 80  204 80  HOH TIP A . 
B 2 HOH 81  205 81  HOH TIP A . 
B 2 HOH 82  206 82  HOH TIP A . 
B 2 HOH 83  207 83  HOH TIP A . 
B 2 HOH 84  208 84  HOH TIP A . 
B 2 HOH 85  209 85  HOH TIP A . 
B 2 HOH 86  210 86  HOH TIP A . 
B 2 HOH 87  211 87  HOH TIP A . 
B 2 HOH 88  212 88  HOH TIP A . 
B 2 HOH 89  213 89  HOH TIP A . 
B 2 HOH 90  214 90  HOH TIP A . 
B 2 HOH 91  215 91  HOH TIP A . 
B 2 HOH 92  216 92  HOH TIP A . 
B 2 HOH 93  217 93  HOH TIP A . 
B 2 HOH 94  218 94  HOH TIP A . 
B 2 HOH 95  219 95  HOH TIP A . 
B 2 HOH 96  220 96  HOH TIP A . 
B 2 HOH 97  221 97  HOH TIP A . 
B 2 HOH 98  222 98  HOH TIP A . 
B 2 HOH 99  223 99  HOH TIP A . 
B 2 HOH 100 224 100 HOH TIP A . 
B 2 HOH 101 225 101 HOH TIP A . 
B 2 HOH 102 226 102 HOH TIP A . 
B 2 HOH 103 227 103 HOH TIP A . 
B 2 HOH 104 228 104 HOH TIP A . 
B 2 HOH 105 229 105 HOH TIP A . 
B 2 HOH 106 230 106 HOH TIP A . 
B 2 HOH 107 231 107 HOH TIP A . 
B 2 HOH 108 232 108 HOH TIP A . 
B 2 HOH 109 233 109 HOH TIP A . 
B 2 HOH 110 234 110 HOH TIP A . 
B 2 HOH 111 235 111 HOH TIP A . 
# 
loop_
_software.name 
_software.classification 
_software.version 
_software.citation_id 
_software.pdbx_ordinal 
HKL-2000  'data collection' . ? 1 
SCALEPACK 'data scaling'    . ? 2 
CNS       refinement        . ? 3 
HKL-2000  'data reduction'  . ? 4 
CNS       phasing           . ? 5 
# 
_cell.entry_id           2CZW 
_cell.length_a           44.561 
_cell.length_b           82.940 
_cell.length_c           32.189 
_cell.angle_alpha        90.00 
_cell.angle_beta         90.00 
_cell.angle_gamma        90.00 
_cell.Z_PDB              4 
_cell.pdbx_unique_axis   ? 
_cell.length_a_esd       ? 
_cell.length_b_esd       ? 
_cell.length_c_esd       ? 
_cell.angle_alpha_esd    ? 
_cell.angle_beta_esd     ? 
_cell.angle_gamma_esd    ? 
# 
_symmetry.entry_id                         2CZW 
_symmetry.space_group_name_H-M             'P 21 21 2' 
_symmetry.pdbx_full_space_group_name_H-M   ? 
_symmetry.cell_setting                     ? 
_symmetry.Int_Tables_number                18 
_symmetry.space_group_name_Hall            ? 
# 
_exptl.entry_id          2CZW 
_exptl.method            'X-RAY DIFFRACTION' 
_exptl.crystals_number   1 
# 
_exptl_crystal.id                    1 
_exptl_crystal.density_meas          ? 
_exptl_crystal.density_Matthews      2.18 
_exptl_crystal.density_percent_sol   43.6 
_exptl_crystal.description           ? 
_exptl_crystal.F_000                 ? 
_exptl_crystal.preparation           ? 
# 
_exptl_crystal_grow.crystal_id      1 
_exptl_crystal_grow.method          'VAPOR DIFFUSION, SITTING DROP' 
_exptl_crystal_grow.temp            293 
_exptl_crystal_grow.temp_details    ? 
_exptl_crystal_grow.pH              9.5 
_exptl_crystal_grow.pdbx_details    'PEG 3000, CHES, pH 9.5, VAPOR DIFFUSION, SITTING DROP, temperature 293K' 
_exptl_crystal_grow.pdbx_pH_range   . 
# 
_diffrn.id                     1 
_diffrn.ambient_temp           100 
_diffrn.ambient_temp_details   ? 
_diffrn.crystal_id             1 
# 
_diffrn_detector.diffrn_id              1 
_diffrn_detector.detector               'IMAGE PLATE' 
_diffrn_detector.type                   'RIGAKU RAXIS IV' 
_diffrn_detector.pdbx_collection_date   2004-03-12 
_diffrn_detector.details                ? 
# 
_diffrn_radiation.diffrn_id                        1 
_diffrn_radiation.wavelength_id                    1 
_diffrn_radiation.pdbx_monochromatic_or_laue_m_l   M 
_diffrn_radiation.monochromator                    ? 
_diffrn_radiation.pdbx_diffrn_protocol             'SINGLE WAVELENGTH' 
_diffrn_radiation.pdbx_scattering_type             x-ray 
# 
_diffrn_radiation_wavelength.id           1 
_diffrn_radiation_wavelength.wavelength   0.9792 
_diffrn_radiation_wavelength.wt           1.0 
# 
_diffrn_source.diffrn_id                   1 
_diffrn_source.source                      SYNCHROTRON 
_diffrn_source.type                        'SPRING-8 BEAMLINE BL40B2' 
_diffrn_source.pdbx_synchrotron_site       SPring-8 
_diffrn_source.pdbx_synchrotron_beamline   BL40B2 
_diffrn_source.pdbx_wavelength             ? 
_diffrn_source.pdbx_wavelength_list        0.9792 
# 
_reflns.entry_id                     2CZW 
_reflns.observed_criterion_sigma_F   0 
_reflns.observed_criterion_sigma_I   0 
_reflns.d_resolution_high            1.7 
_reflns.d_resolution_low             50 
_reflns.number_all                   12373 
_reflns.number_obs                   12373 
_reflns.percent_possible_obs         91 
_reflns.pdbx_Rmerge_I_obs            ? 
_reflns.pdbx_Rsym_value              ? 
_reflns.pdbx_netI_over_sigmaI        ? 
_reflns.B_iso_Wilson_estimate        ? 
_reflns.pdbx_redundancy              ? 
_reflns.R_free_details               ? 
_reflns.limit_h_max                  ? 
_reflns.limit_h_min                  ? 
_reflns.limit_k_max                  ? 
_reflns.limit_k_min                  ? 
_reflns.limit_l_max                  ? 
_reflns.limit_l_min                  ? 
_reflns.observed_criterion_F_max     ? 
_reflns.observed_criterion_F_min     ? 
_reflns.pdbx_chi_squared             ? 
_reflns.pdbx_scaling_rejects         ? 
_reflns.pdbx_diffrn_id               1 
_reflns.pdbx_ordinal                 1 
# 
_reflns_shell.d_res_high             1.7 
_reflns_shell.d_res_low              1.76 
_reflns_shell.percent_possible_all   74.2 
_reflns_shell.Rmerge_I_obs           ? 
_reflns_shell.pdbx_Rsym_value        ? 
_reflns_shell.meanI_over_sigI_obs    ? 
_reflns_shell.pdbx_redundancy        ? 
_reflns_shell.percent_possible_obs   ? 
_reflns_shell.number_unique_all      ? 
_reflns_shell.number_measured_all    ? 
_reflns_shell.number_measured_obs    ? 
_reflns_shell.number_unique_obs      ? 
_reflns_shell.pdbx_chi_squared       ? 
_reflns_shell.pdbx_diffrn_id         ? 
_reflns_shell.pdbx_ordinal           1 
# 
_refine.entry_id                                 2CZW 
_refine.ls_d_res_high                            1.9 
_refine.ls_d_res_low                             23.5 
_refine.pdbx_ls_sigma_F                          0 
_refine.pdbx_ls_sigma_I                          ? 
_refine.ls_number_reflns_all                     9265 
_refine.ls_number_reflns_obs                     8334 
_refine.ls_number_reflns_R_free                  931 
_refine.ls_percent_reflns_obs                    ? 
_refine.ls_R_factor_all                          ? 
_refine.ls_R_factor_obs                          ? 
_refine.ls_R_factor_R_work                       0.206 
_refine.ls_R_factor_R_free                       0.238 
_refine.ls_redundancy_reflns_obs                 ? 
_refine.pdbx_data_cutoff_high_absF               ? 
_refine.pdbx_data_cutoff_low_absF                ? 
_refine.ls_number_parameters                     ? 
_refine.ls_number_restraints                     ? 
_refine.ls_percent_reflns_R_free                 ? 
_refine.ls_R_factor_R_free_error                 ? 
_refine.ls_R_factor_R_free_error_details         ? 
_refine.pdbx_method_to_determine_struct          'MOLECULAR REPLACEMENT' 
_refine.pdbx_starting_model                      ? 
_refine.pdbx_ls_cross_valid_method               ? 
_refine.pdbx_R_Free_selection_details            random 
_refine.pdbx_stereochem_target_val_spec_case     ? 
_refine.pdbx_stereochemistry_target_values       'Engh & Huber' 
_refine.solvent_model_details                    ? 
_refine.solvent_model_param_bsol                 ? 
_refine.solvent_model_param_ksol                 ? 
_refine.occupancy_max                            ? 
_refine.occupancy_min                            ? 
_refine.pdbx_isotropic_thermal_model             ? 
_refine.B_iso_mean                               ? 
_refine.aniso_B[1][1]                            ? 
_refine.aniso_B[1][2]                            ? 
_refine.aniso_B[1][3]                            ? 
_refine.aniso_B[2][2]                            ? 
_refine.aniso_B[2][3]                            ? 
_refine.aniso_B[3][3]                            ? 
_refine.details                                  ? 
_refine.B_iso_min                                ? 
_refine.B_iso_max                                ? 
_refine.correlation_coeff_Fo_to_Fc               ? 
_refine.correlation_coeff_Fo_to_Fc_free          ? 
_refine.pdbx_solvent_vdw_probe_radii             ? 
_refine.pdbx_solvent_ion_probe_radii             ? 
_refine.pdbx_solvent_shrinkage_radii             ? 
_refine.overall_SU_R_Cruickshank_DPI             ? 
_refine.overall_SU_R_free                        ? 
_refine.overall_SU_ML                            ? 
_refine.overall_SU_B                             ? 
_refine.pdbx_overall_ESU_R_Free                  ? 
_refine.pdbx_data_cutoff_high_rms_absF           ? 
_refine.pdbx_overall_ESU_R                       ? 
_refine.ls_wR_factor_R_free                      ? 
_refine.ls_wR_factor_R_work                      ? 
_refine.overall_FOM_free_R_set                   ? 
_refine.overall_FOM_work_R_set                   ? 
_refine.pdbx_refine_id                           'X-RAY DIFFRACTION' 
_refine.pdbx_diffrn_id                           1 
_refine.pdbx_TLS_residual_ADP_flag               ? 
_refine.pdbx_overall_phase_error                 ? 
_refine.pdbx_overall_SU_R_free_Cruickshank_DPI   ? 
_refine.pdbx_overall_SU_R_Blow_DPI               ? 
_refine.pdbx_overall_SU_R_free_Blow_DPI          ? 
# 
_refine_hist.pdbx_refine_id                   'X-RAY DIFFRACTION' 
_refine_hist.cycle_id                         LAST 
_refine_hist.pdbx_number_atoms_protein        906 
_refine_hist.pdbx_number_atoms_nucleic_acid   0 
_refine_hist.pdbx_number_atoms_ligand         0 
_refine_hist.number_atoms_solvent             111 
_refine_hist.number_atoms_total               1017 
_refine_hist.d_res_high                       1.9 
_refine_hist.d_res_low                        23.5 
# 
loop_
_refine_ls_restr.type 
_refine_ls_restr.dev_ideal 
_refine_ls_restr.dev_ideal_target 
_refine_ls_restr.weight 
_refine_ls_restr.number 
_refine_ls_restr.pdbx_refine_id 
_refine_ls_restr.pdbx_restraint_function 
c_bond_d    0.005 ? ? ? 'X-RAY DIFFRACTION' ? 
c_angle_deg 1.2   ? ? ? 'X-RAY DIFFRACTION' ? 
# 
_struct.entry_id                  2CZW 
_struct.title                     'Crystal structure analysis of protein component Ph1496p of P.horikoshii ribonuclease P' 
_struct.pdbx_model_details        ? 
_struct.pdbx_CASP_flag            ? 
_struct.pdbx_model_type_details   ? 
# 
_struct_keywords.entry_id        2CZW 
_struct_keywords.pdbx_keywords   'RIBOSOME, HYDROLASE' 
_struct_keywords.text            'ribonuclease P, ribonucleoprotein, RIBOSOME, HYDROLASE' 
# 
loop_
_struct_asym.id 
_struct_asym.pdbx_blank_PDB_chainid_flag 
_struct_asym.pdbx_modified 
_struct_asym.entity_id 
_struct_asym.details 
A N N 1 ? 
B N N 2 ? 
# 
_struct_ref.id                         1 
_struct_ref.db_name                    UNP 
_struct_ref.db_code                    RL7A_PYRHO 
_struct_ref.pdbx_db_accession          P62009 
_struct_ref.entity_id                  1 
_struct_ref.pdbx_align_begin           1 
_struct_ref.pdbx_db_isoform            ? 
_struct_ref.pdbx_seq_one_letter_code   ? 
# 
_struct_ref_seq.align_id                      1 
_struct_ref_seq.ref_id                        1 
_struct_ref_seq.pdbx_PDB_id_code              2CZW 
_struct_ref_seq.pdbx_strand_id                A 
_struct_ref_seq.seq_align_beg                 2 
_struct_ref_seq.pdbx_seq_align_beg_ins_code   ? 
_struct_ref_seq.seq_align_end                 124 
_struct_ref_seq.pdbx_seq_align_end_ins_code   ? 
_struct_ref_seq.pdbx_db_accession             P62009 
_struct_ref_seq.db_align_beg                  1 
_struct_ref_seq.pdbx_db_align_beg_ins_code    ? 
_struct_ref_seq.db_align_end                  123 
_struct_ref_seq.pdbx_db_align_end_ins_code    ? 
_struct_ref_seq.pdbx_auth_seq_align_beg       2 
_struct_ref_seq.pdbx_auth_seq_align_end       124 
# 
_struct_ref_seq_dif.align_id                     1 
_struct_ref_seq_dif.pdbx_pdb_id_code             2CZW 
_struct_ref_seq_dif.mon_id                       MET 
_struct_ref_seq_dif.pdbx_pdb_strand_id           A 
_struct_ref_seq_dif.seq_num                      1 
_struct_ref_seq_dif.pdbx_pdb_ins_code            ? 
_struct_ref_seq_dif.pdbx_seq_db_name             UNP 
_struct_ref_seq_dif.pdbx_seq_db_accession_code   P62009 
_struct_ref_seq_dif.db_mon_id                    ? 
_struct_ref_seq_dif.pdbx_seq_db_seq_num          ? 
_struct_ref_seq_dif.details                      'initiating methionine' 
_struct_ref_seq_dif.pdbx_auth_seq_num            1 
_struct_ref_seq_dif.pdbx_ordinal                 1 
# 
_pdbx_struct_assembly.id                   1 
_pdbx_struct_assembly.details              author_defined_assembly 
_pdbx_struct_assembly.method_details       ? 
_pdbx_struct_assembly.oligomeric_details   monomeric 
_pdbx_struct_assembly.oligomeric_count     1 
# 
_pdbx_struct_assembly_gen.assembly_id       1 
_pdbx_struct_assembly_gen.oper_expression   1 
_pdbx_struct_assembly_gen.asym_id_list      A,B 
# 
_pdbx_struct_oper_list.id                   1 
_pdbx_struct_oper_list.type                 'identity operation' 
_pdbx_struct_oper_list.name                 1_555 
_pdbx_struct_oper_list.symmetry_operation   x,y,z 
_pdbx_struct_oper_list.matrix[1][1]         1.0000000000 
_pdbx_struct_oper_list.matrix[1][2]         0.0000000000 
_pdbx_struct_oper_list.matrix[1][3]         0.0000000000 
_pdbx_struct_oper_list.vector[1]            0.0000000000 
_pdbx_struct_oper_list.matrix[2][1]         0.0000000000 
_pdbx_struct_oper_list.matrix[2][2]         1.0000000000 
_pdbx_struct_oper_list.matrix[2][3]         0.0000000000 
_pdbx_struct_oper_list.vector[2]            0.0000000000 
_pdbx_struct_oper_list.matrix[3][1]         0.0000000000 
_pdbx_struct_oper_list.matrix[3][2]         0.0000000000 
_pdbx_struct_oper_list.matrix[3][3]         1.0000000000 
_pdbx_struct_oper_list.vector[3]            0.0000000000 
# 
loop_
_struct_conf.conf_type_id 
_struct_conf.id 
_struct_conf.pdbx_PDB_helix_id 
_struct_conf.beg_label_comp_id 
_struct_conf.beg_label_asym_id 
_struct_conf.beg_label_seq_id 
_struct_conf.pdbx_beg_PDB_ins_code 
_struct_conf.end_label_comp_id 
_struct_conf.end_label_asym_id 
_struct_conf.end_label_seq_id 
_struct_conf.pdbx_end_PDB_ins_code 
_struct_conf.beg_auth_comp_id 
_struct_conf.beg_auth_asym_id 
_struct_conf.beg_auth_seq_id 
_struct_conf.end_auth_comp_id 
_struct_conf.end_auth_asym_id 
_struct_conf.end_auth_seq_id 
_struct_conf.pdbx_PDB_helix_class 
_struct_conf.details 
_struct_conf.pdbx_PDB_helix_length 
HELX_P HELX_P1 1 PRO A 13  ? GLY A 31  ? PRO A 13  GLY A 31  1 ? 19 
HELX_P HELX_P2 2 GLY A 36  ? ARG A 46  ? GLY A 36  ARG A 46  1 ? 11 
HELX_P HELX_P3 3 PRO A 60  ? VAL A 64  ? PRO A 60  VAL A 64  5 ? 5  
HELX_P HELX_P4 4 HIS A 66  ? GLU A 75  ? HIS A 66  GLU A 75  1 ? 10 
HELX_P HELX_P5 5 SER A 83  ? GLY A 92  ? SER A 83  GLY A 92  1 ? 10 
HELX_P HELX_P6 6 PRO A 105 ? LYS A 107 ? PRO A 105 LYS A 107 5 ? 3  
HELX_P HELX_P7 7 ALA A 108 ? MET A 123 ? ALA A 108 MET A 123 1 ? 16 
# 
_struct_conf_type.id          HELX_P 
_struct_conf_type.criteria    ? 
_struct_conf_type.reference   ? 
# 
_struct_mon_prot_cis.pdbx_id                1 
_struct_mon_prot_cis.label_comp_id          ASP 
_struct_mon_prot_cis.label_seq_id           59 
_struct_mon_prot_cis.label_asym_id          A 
_struct_mon_prot_cis.label_alt_id           . 
_struct_mon_prot_cis.pdbx_PDB_ins_code      ? 
_struct_mon_prot_cis.auth_comp_id           ASP 
_struct_mon_prot_cis.auth_seq_id            59 
_struct_mon_prot_cis.auth_asym_id           A 
_struct_mon_prot_cis.pdbx_label_comp_id_2   PRO 
_struct_mon_prot_cis.pdbx_label_seq_id_2    60 
_struct_mon_prot_cis.pdbx_label_asym_id_2   A 
_struct_mon_prot_cis.pdbx_PDB_ins_code_2    ? 
_struct_mon_prot_cis.pdbx_auth_comp_id_2    PRO 
_struct_mon_prot_cis.pdbx_auth_seq_id_2     60 
_struct_mon_prot_cis.pdbx_auth_asym_id_2    A 
_struct_mon_prot_cis.pdbx_PDB_model_num     1 
_struct_mon_prot_cis.pdbx_omega_angle       0.21 
# 
_struct_sheet.id               A 
_struct_sheet.type             ? 
_struct_sheet.number_strands   4 
_struct_sheet.details          ? 
# 
loop_
_struct_sheet_order.sheet_id 
_struct_sheet_order.range_id_1 
_struct_sheet_order.range_id_2 
_struct_sheet_order.offset 
_struct_sheet_order.sense 
A 1 2 ? anti-parallel 
A 2 3 ? anti-parallel 
A 3 4 ? parallel      
# 
loop_
_struct_sheet_range.sheet_id 
_struct_sheet_range.id 
_struct_sheet_range.beg_label_comp_id 
_struct_sheet_range.beg_label_asym_id 
_struct_sheet_range.beg_label_seq_id 
_struct_sheet_range.pdbx_beg_PDB_ins_code 
_struct_sheet_range.end_label_comp_id 
_struct_sheet_range.end_label_asym_id 
_struct_sheet_range.end_label_seq_id 
_struct_sheet_range.pdbx_end_PDB_ins_code 
_struct_sheet_range.beg_auth_comp_id 
_struct_sheet_range.beg_auth_asym_id 
_struct_sheet_range.beg_auth_seq_id 
_struct_sheet_range.end_auth_comp_id 
_struct_sheet_range.end_auth_asym_id 
_struct_sheet_range.end_auth_seq_id 
A 1 LYS A 32 ? LYS A 35  ? LYS A 32 LYS A 35  
A 2 SER A 99 ? GLU A 104 ? SER A 99 GLU A 104 
A 3 LEU A 51 ? ALA A 55  ? LEU A 51 ALA A 55  
A 4 TYR A 78 ? VAL A 81  ? TYR A 78 VAL A 81  
# 
loop_
_pdbx_struct_sheet_hbond.sheet_id 
_pdbx_struct_sheet_hbond.range_id_1 
_pdbx_struct_sheet_hbond.range_id_2 
_pdbx_struct_sheet_hbond.range_1_label_atom_id 
_pdbx_struct_sheet_hbond.range_1_label_comp_id 
_pdbx_struct_sheet_hbond.range_1_label_asym_id 
_pdbx_struct_sheet_hbond.range_1_label_seq_id 
_pdbx_struct_sheet_hbond.range_1_PDB_ins_code 
_pdbx_struct_sheet_hbond.range_1_auth_atom_id 
_pdbx_struct_sheet_hbond.range_1_auth_comp_id 
_pdbx_struct_sheet_hbond.range_1_auth_asym_id 
_pdbx_struct_sheet_hbond.range_1_auth_seq_id 
_pdbx_struct_sheet_hbond.range_2_label_atom_id 
_pdbx_struct_sheet_hbond.range_2_label_comp_id 
_pdbx_struct_sheet_hbond.range_2_label_asym_id 
_pdbx_struct_sheet_hbond.range_2_label_seq_id 
_pdbx_struct_sheet_hbond.range_2_PDB_ins_code 
_pdbx_struct_sheet_hbond.range_2_auth_atom_id 
_pdbx_struct_sheet_hbond.range_2_auth_comp_id 
_pdbx_struct_sheet_hbond.range_2_auth_asym_id 
_pdbx_struct_sheet_hbond.range_2_auth_seq_id 
A 1 2 N ARG A 34  ? N ARG A 34  O ALA A 101 ? O ALA A 101 
A 2 3 O VAL A 100 ? O VAL A 100 N ILE A 53  ? N ILE A 53  
A 3 4 N ILE A 54  ? N ILE A 54  O ILE A 79  ? O ILE A 79  
# 
loop_
_pdbx_unobs_or_zero_occ_residues.id 
_pdbx_unobs_or_zero_occ_residues.PDB_model_num 
_pdbx_unobs_or_zero_occ_residues.polymer_flag 
_pdbx_unobs_or_zero_occ_residues.occupancy_flag 
_pdbx_unobs_or_zero_occ_residues.auth_asym_id 
_pdbx_unobs_or_zero_occ_residues.auth_comp_id 
_pdbx_unobs_or_zero_occ_residues.auth_seq_id 
_pdbx_unobs_or_zero_occ_residues.PDB_ins_code 
_pdbx_unobs_or_zero_occ_residues.label_asym_id 
_pdbx_unobs_or_zero_occ_residues.label_comp_id 
_pdbx_unobs_or_zero_occ_residues.label_seq_id 
1 1 Y 1 A MET 1 ? A MET 1 
2 1 Y 1 A MET 2 ? A MET 2 
3 1 Y 1 A ALA 3 ? A ALA 3 
4 1 Y 1 A LYS 4 ? A LYS 4 
5 1 Y 1 A PRO 5 ? A PRO 5 
6 1 Y 1 A SER 6 ? A SER 6 
# 
loop_
_chem_comp_atom.comp_id 
_chem_comp_atom.atom_id 
_chem_comp_atom.type_symbol 
_chem_comp_atom.pdbx_aromatic_flag 
_chem_comp_atom.pdbx_stereo_config 
_chem_comp_atom.pdbx_ordinal 
ALA N    N N N 1   
ALA CA   C N S 2   
ALA C    C N N 3   
ALA O    O N N 4   
ALA CB   C N N 5   
ALA OXT  O N N 6   
ALA H    H N N 7   
ALA H2   H N N 8   
ALA HA   H N N 9   
ALA HB1  H N N 10  
ALA HB2  H N N 11  
ALA HB3  H N N 12  
ALA HXT  H N N 13  
ARG N    N N N 14  
ARG CA   C N S 15  
ARG C    C N N 16  
ARG O    O N N 17  
ARG CB   C N N 18  
ARG CG   C N N 19  
ARG CD   C N N 20  
ARG NE   N N N 21  
ARG CZ   C N N 22  
ARG NH1  N N N 23  
ARG NH2  N N N 24  
ARG OXT  O N N 25  
ARG H    H N N 26  
ARG H2   H N N 27  
ARG HA   H N N 28  
ARG HB2  H N N 29  
ARG HB3  H N N 30  
ARG HG2  H N N 31  
ARG HG3  H N N 32  
ARG HD2  H N N 33  
ARG HD3  H N N 34  
ARG HE   H N N 35  
ARG HH11 H N N 36  
ARG HH12 H N N 37  
ARG HH21 H N N 38  
ARG HH22 H N N 39  
ARG HXT  H N N 40  
ASN N    N N N 41  
ASN CA   C N S 42  
ASN C    C N N 43  
ASN O    O N N 44  
ASN CB   C N N 45  
ASN CG   C N N 46  
ASN OD1  O N N 47  
ASN ND2  N N N 48  
ASN OXT  O N N 49  
ASN H    H N N 50  
ASN H2   H N N 51  
ASN HA   H N N 52  
ASN HB2  H N N 53  
ASN HB3  H N N 54  
ASN HD21 H N N 55  
ASN HD22 H N N 56  
ASN HXT  H N N 57  
ASP N    N N N 58  
ASP CA   C N S 59  
ASP C    C N N 60  
ASP O    O N N 61  
ASP CB   C N N 62  
ASP CG   C N N 63  
ASP OD1  O N N 64  
ASP OD2  O N N 65  
ASP OXT  O N N 66  
ASP H    H N N 67  
ASP H2   H N N 68  
ASP HA   H N N 69  
ASP HB2  H N N 70  
ASP HB3  H N N 71  
ASP HD2  H N N 72  
ASP HXT  H N N 73  
CYS N    N N N 74  
CYS CA   C N R 75  
CYS C    C N N 76  
CYS O    O N N 77  
CYS CB   C N N 78  
CYS SG   S N N 79  
CYS OXT  O N N 80  
CYS H    H N N 81  
CYS H2   H N N 82  
CYS HA   H N N 83  
CYS HB2  H N N 84  
CYS HB3  H N N 85  
CYS HG   H N N 86  
CYS HXT  H N N 87  
GLN N    N N N 88  
GLN CA   C N S 89  
GLN C    C N N 90  
GLN O    O N N 91  
GLN CB   C N N 92  
GLN CG   C N N 93  
GLN CD   C N N 94  
GLN OE1  O N N 95  
GLN NE2  N N N 96  
GLN OXT  O N N 97  
GLN H    H N N 98  
GLN H2   H N N 99  
GLN HA   H N N 100 
GLN HB2  H N N 101 
GLN HB3  H N N 102 
GLN HG2  H N N 103 
GLN HG3  H N N 104 
GLN HE21 H N N 105 
GLN HE22 H N N 106 
GLN HXT  H N N 107 
GLU N    N N N 108 
GLU CA   C N S 109 
GLU C    C N N 110 
GLU O    O N N 111 
GLU CB   C N N 112 
GLU CG   C N N 113 
GLU CD   C N N 114 
GLU OE1  O N N 115 
GLU OE2  O N N 116 
GLU OXT  O N N 117 
GLU H    H N N 118 
GLU H2   H N N 119 
GLU HA   H N N 120 
GLU HB2  H N N 121 
GLU HB3  H N N 122 
GLU HG2  H N N 123 
GLU HG3  H N N 124 
GLU HE2  H N N 125 
GLU HXT  H N N 126 
GLY N    N N N 127 
GLY CA   C N N 128 
GLY C    C N N 129 
GLY O    O N N 130 
GLY OXT  O N N 131 
GLY H    H N N 132 
GLY H2   H N N 133 
GLY HA2  H N N 134 
GLY HA3  H N N 135 
GLY HXT  H N N 136 
HIS N    N N N 137 
HIS CA   C N S 138 
HIS C    C N N 139 
HIS O    O N N 140 
HIS CB   C N N 141 
HIS CG   C Y N 142 
HIS ND1  N Y N 143 
HIS CD2  C Y N 144 
HIS CE1  C Y N 145 
HIS NE2  N Y N 146 
HIS OXT  O N N 147 
HIS H    H N N 148 
HIS H2   H N N 149 
HIS HA   H N N 150 
HIS HB2  H N N 151 
HIS HB3  H N N 152 
HIS HD1  H N N 153 
HIS HD2  H N N 154 
HIS HE1  H N N 155 
HIS HE2  H N N 156 
HIS HXT  H N N 157 
HOH O    O N N 158 
HOH H1   H N N 159 
HOH H2   H N N 160 
ILE N    N N N 161 
ILE CA   C N S 162 
ILE C    C N N 163 
ILE O    O N N 164 
ILE CB   C N S 165 
ILE CG1  C N N 166 
ILE CG2  C N N 167 
ILE CD1  C N N 168 
ILE OXT  O N N 169 
ILE H    H N N 170 
ILE H2   H N N 171 
ILE HA   H N N 172 
ILE HB   H N N 173 
ILE HG12 H N N 174 
ILE HG13 H N N 175 
ILE HG21 H N N 176 
ILE HG22 H N N 177 
ILE HG23 H N N 178 
ILE HD11 H N N 179 
ILE HD12 H N N 180 
ILE HD13 H N N 181 
ILE HXT  H N N 182 
LEU N    N N N 183 
LEU CA   C N S 184 
LEU C    C N N 185 
LEU O    O N N 186 
LEU CB   C N N 187 
LEU CG   C N N 188 
LEU CD1  C N N 189 
LEU CD2  C N N 190 
LEU OXT  O N N 191 
LEU H    H N N 192 
LEU H2   H N N 193 
LEU HA   H N N 194 
LEU HB2  H N N 195 
LEU HB3  H N N 196 
LEU HG   H N N 197 
LEU HD11 H N N 198 
LEU HD12 H N N 199 
LEU HD13 H N N 200 
LEU HD21 H N N 201 
LEU HD22 H N N 202 
LEU HD23 H N N 203 
LEU HXT  H N N 204 
LYS N    N N N 205 
LYS CA   C N S 206 
LYS C    C N N 207 
LYS O    O N N 208 
LYS CB   C N N 209 
LYS CG   C N N 210 
LYS CD   C N N 211 
LYS CE   C N N 212 
LYS NZ   N N N 213 
LYS OXT  O N N 214 
LYS H    H N N 215 
LYS H2   H N N 216 
LYS HA   H N N 217 
LYS HB2  H N N 218 
LYS HB3  H N N 219 
LYS HG2  H N N 220 
LYS HG3  H N N 221 
LYS HD2  H N N 222 
LYS HD3  H N N 223 
LYS HE2  H N N 224 
LYS HE3  H N N 225 
LYS HZ1  H N N 226 
LYS HZ2  H N N 227 
LYS HZ3  H N N 228 
LYS HXT  H N N 229 
MET N    N N N 230 
MET CA   C N S 231 
MET C    C N N 232 
MET O    O N N 233 
MET CB   C N N 234 
MET CG   C N N 235 
MET SD   S N N 236 
MET CE   C N N 237 
MET OXT  O N N 238 
MET H    H N N 239 
MET H2   H N N 240 
MET HA   H N N 241 
MET HB2  H N N 242 
MET HB3  H N N 243 
MET HG2  H N N 244 
MET HG3  H N N 245 
MET HE1  H N N 246 
MET HE2  H N N 247 
MET HE3  H N N 248 
MET HXT  H N N 249 
PHE N    N N N 250 
PHE CA   C N S 251 
PHE C    C N N 252 
PHE O    O N N 253 
PHE CB   C N N 254 
PHE CG   C Y N 255 
PHE CD1  C Y N 256 
PHE CD2  C Y N 257 
PHE CE1  C Y N 258 
PHE CE2  C Y N 259 
PHE CZ   C Y N 260 
PHE OXT  O N N 261 
PHE H    H N N 262 
PHE H2   H N N 263 
PHE HA   H N N 264 
PHE HB2  H N N 265 
PHE HB3  H N N 266 
PHE HD1  H N N 267 
PHE HD2  H N N 268 
PHE HE1  H N N 269 
PHE HE2  H N N 270 
PHE HZ   H N N 271 
PHE HXT  H N N 272 
PRO N    N N N 273 
PRO CA   C N S 274 
PRO C    C N N 275 
PRO O    O N N 276 
PRO CB   C N N 277 
PRO CG   C N N 278 
PRO CD   C N N 279 
PRO OXT  O N N 280 
PRO H    H N N 281 
PRO HA   H N N 282 
PRO HB2  H N N 283 
PRO HB3  H N N 284 
PRO HG2  H N N 285 
PRO HG3  H N N 286 
PRO HD2  H N N 287 
PRO HD3  H N N 288 
PRO HXT  H N N 289 
SER N    N N N 290 
SER CA   C N S 291 
SER C    C N N 292 
SER O    O N N 293 
SER CB   C N N 294 
SER OG   O N N 295 
SER OXT  O N N 296 
SER H    H N N 297 
SER H2   H N N 298 
SER HA   H N N 299 
SER HB2  H N N 300 
SER HB3  H N N 301 
SER HG   H N N 302 
SER HXT  H N N 303 
THR N    N N N 304 
THR CA   C N S 305 
THR C    C N N 306 
THR O    O N N 307 
THR CB   C N R 308 
THR OG1  O N N 309 
THR CG2  C N N 310 
THR OXT  O N N 311 
THR H    H N N 312 
THR H2   H N N 313 
THR HA   H N N 314 
THR HB   H N N 315 
THR HG1  H N N 316 
THR HG21 H N N 317 
THR HG22 H N N 318 
THR HG23 H N N 319 
THR HXT  H N N 320 
TYR N    N N N 321 
TYR CA   C N S 322 
TYR C    C N N 323 
TYR O    O N N 324 
TYR CB   C N N 325 
TYR CG   C Y N 326 
TYR CD1  C Y N 327 
TYR CD2  C Y N 328 
TYR CE1  C Y N 329 
TYR CE2  C Y N 330 
TYR CZ   C Y N 331 
TYR OH   O N N 332 
TYR OXT  O N N 333 
TYR H    H N N 334 
TYR H2   H N N 335 
TYR HA   H N N 336 
TYR HB2  H N N 337 
TYR HB3  H N N 338 
TYR HD1  H N N 339 
TYR HD2  H N N 340 
TYR HE1  H N N 341 
TYR HE2  H N N 342 
TYR HH   H N N 343 
TYR HXT  H N N 344 
VAL N    N N N 345 
VAL CA   C N S 346 
VAL C    C N N 347 
VAL O    O N N 348 
VAL CB   C N N 349 
VAL CG1  C N N 350 
VAL CG2  C N N 351 
VAL OXT  O N N 352 
VAL H    H N N 353 
VAL H2   H N N 354 
VAL HA   H N N 355 
VAL HB   H N N 356 
VAL HG11 H N N 357 
VAL HG12 H N N 358 
VAL HG13 H N N 359 
VAL HG21 H N N 360 
VAL HG22 H N N 361 
VAL HG23 H N N 362 
VAL HXT  H N N 363 
# 
loop_
_chem_comp_bond.comp_id 
_chem_comp_bond.atom_id_1 
_chem_comp_bond.atom_id_2 
_chem_comp_bond.value_order 
_chem_comp_bond.pdbx_aromatic_flag 
_chem_comp_bond.pdbx_stereo_config 
_chem_comp_bond.pdbx_ordinal 
ALA N   CA   sing N N 1   
ALA N   H    sing N N 2   
ALA N   H2   sing N N 3   
ALA CA  C    sing N N 4   
ALA CA  CB   sing N N 5   
ALA CA  HA   sing N N 6   
ALA C   O    doub N N 7   
ALA C   OXT  sing N N 8   
ALA CB  HB1  sing N N 9   
ALA CB  HB2  sing N N 10  
ALA CB  HB3  sing N N 11  
ALA OXT HXT  sing N N 12  
ARG N   CA   sing N N 13  
ARG N   H    sing N N 14  
ARG N   H2   sing N N 15  
ARG CA  C    sing N N 16  
ARG CA  CB   sing N N 17  
ARG CA  HA   sing N N 18  
ARG C   O    doub N N 19  
ARG C   OXT  sing N N 20  
ARG CB  CG   sing N N 21  
ARG CB  HB2  sing N N 22  
ARG CB  HB3  sing N N 23  
ARG CG  CD   sing N N 24  
ARG CG  HG2  sing N N 25  
ARG CG  HG3  sing N N 26  
ARG CD  NE   sing N N 27  
ARG CD  HD2  sing N N 28  
ARG CD  HD3  sing N N 29  
ARG NE  CZ   sing N N 30  
ARG NE  HE   sing N N 31  
ARG CZ  NH1  sing N N 32  
ARG CZ  NH2  doub N N 33  
ARG NH1 HH11 sing N N 34  
ARG NH1 HH12 sing N N 35  
ARG NH2 HH21 sing N N 36  
ARG NH2 HH22 sing N N 37  
ARG OXT HXT  sing N N 38  
ASN N   CA   sing N N 39  
ASN N   H    sing N N 40  
ASN N   H2   sing N N 41  
ASN CA  C    sing N N 42  
ASN CA  CB   sing N N 43  
ASN CA  HA   sing N N 44  
ASN C   O    doub N N 45  
ASN C   OXT  sing N N 46  
ASN CB  CG   sing N N 47  
ASN CB  HB2  sing N N 48  
ASN CB  HB3  sing N N 49  
ASN CG  OD1  doub N N 50  
ASN CG  ND2  sing N N 51  
ASN ND2 HD21 sing N N 52  
ASN ND2 HD22 sing N N 53  
ASN OXT HXT  sing N N 54  
ASP N   CA   sing N N 55  
ASP N   H    sing N N 56  
ASP N   H2   sing N N 57  
ASP CA  C    sing N N 58  
ASP CA  CB   sing N N 59  
ASP CA  HA   sing N N 60  
ASP C   O    doub N N 61  
ASP C   OXT  sing N N 62  
ASP CB  CG   sing N N 63  
ASP CB  HB2  sing N N 64  
ASP CB  HB3  sing N N 65  
ASP CG  OD1  doub N N 66  
ASP CG  OD2  sing N N 67  
ASP OD2 HD2  sing N N 68  
ASP OXT HXT  sing N N 69  
CYS N   CA   sing N N 70  
CYS N   H    sing N N 71  
CYS N   H2   sing N N 72  
CYS CA  C    sing N N 73  
CYS CA  CB   sing N N 74  
CYS CA  HA   sing N N 75  
CYS C   O    doub N N 76  
CYS C   OXT  sing N N 77  
CYS CB  SG   sing N N 78  
CYS CB  HB2  sing N N 79  
CYS CB  HB3  sing N N 80  
CYS SG  HG   sing N N 81  
CYS OXT HXT  sing N N 82  
GLN N   CA   sing N N 83  
GLN N   H    sing N N 84  
GLN N   H2   sing N N 85  
GLN CA  C    sing N N 86  
GLN CA  CB   sing N N 87  
GLN CA  HA   sing N N 88  
GLN C   O    doub N N 89  
GLN C   OXT  sing N N 90  
GLN CB  CG   sing N N 91  
GLN CB  HB2  sing N N 92  
GLN CB  HB3  sing N N 93  
GLN CG  CD   sing N N 94  
GLN CG  HG2  sing N N 95  
GLN CG  HG3  sing N N 96  
GLN CD  OE1  doub N N 97  
GLN CD  NE2  sing N N 98  
GLN NE2 HE21 sing N N 99  
GLN NE2 HE22 sing N N 100 
GLN OXT HXT  sing N N 101 
GLU N   CA   sing N N 102 
GLU N   H    sing N N 103 
GLU N   H2   sing N N 104 
GLU CA  C    sing N N 105 
GLU CA  CB   sing N N 106 
GLU CA  HA   sing N N 107 
GLU C   O    doub N N 108 
GLU C   OXT  sing N N 109 
GLU CB  CG   sing N N 110 
GLU CB  HB2  sing N N 111 
GLU CB  HB3  sing N N 112 
GLU CG  CD   sing N N 113 
GLU CG  HG2  sing N N 114 
GLU CG  HG3  sing N N 115 
GLU CD  OE1  doub N N 116 
GLU CD  OE2  sing N N 117 
GLU OE2 HE2  sing N N 118 
GLU OXT HXT  sing N N 119 
GLY N   CA   sing N N 120 
GLY N   H    sing N N 121 
GLY N   H2   sing N N 122 
GLY CA  C    sing N N 123 
GLY CA  HA2  sing N N 124 
GLY CA  HA3  sing N N 125 
GLY C   O    doub N N 126 
GLY C   OXT  sing N N 127 
GLY OXT HXT  sing N N 128 
HIS N   CA   sing N N 129 
HIS N   H    sing N N 130 
HIS N   H2   sing N N 131 
HIS CA  C    sing N N 132 
HIS CA  CB   sing N N 133 
HIS CA  HA   sing N N 134 
HIS C   O    doub N N 135 
HIS C   OXT  sing N N 136 
HIS CB  CG   sing N N 137 
HIS CB  HB2  sing N N 138 
HIS CB  HB3  sing N N 139 
HIS CG  ND1  sing Y N 140 
HIS CG  CD2  doub Y N 141 
HIS ND1 CE1  doub Y N 142 
HIS ND1 HD1  sing N N 143 
HIS CD2 NE2  sing Y N 144 
HIS CD2 HD2  sing N N 145 
HIS CE1 NE2  sing Y N 146 
HIS CE1 HE1  sing N N 147 
HIS NE2 HE2  sing N N 148 
HIS OXT HXT  sing N N 149 
HOH O   H1   sing N N 150 
HOH O   H2   sing N N 151 
ILE N   CA   sing N N 152 
ILE N   H    sing N N 153 
ILE N   H2   sing N N 154 
ILE CA  C    sing N N 155 
ILE CA  CB   sing N N 156 
ILE CA  HA   sing N N 157 
ILE C   O    doub N N 158 
ILE C   OXT  sing N N 159 
ILE CB  CG1  sing N N 160 
ILE CB  CG2  sing N N 161 
ILE CB  HB   sing N N 162 
ILE CG1 CD1  sing N N 163 
ILE CG1 HG12 sing N N 164 
ILE CG1 HG13 sing N N 165 
ILE CG2 HG21 sing N N 166 
ILE CG2 HG22 sing N N 167 
ILE CG2 HG23 sing N N 168 
ILE CD1 HD11 sing N N 169 
ILE CD1 HD12 sing N N 170 
ILE CD1 HD13 sing N N 171 
ILE OXT HXT  sing N N 172 
LEU N   CA   sing N N 173 
LEU N   H    sing N N 174 
LEU N   H2   sing N N 175 
LEU CA  C    sing N N 176 
LEU CA  CB   sing N N 177 
LEU CA  HA   sing N N 178 
LEU C   O    doub N N 179 
LEU C   OXT  sing N N 180 
LEU CB  CG   sing N N 181 
LEU CB  HB2  sing N N 182 
LEU CB  HB3  sing N N 183 
LEU CG  CD1  sing N N 184 
LEU CG  CD2  sing N N 185 
LEU CG  HG   sing N N 186 
LEU CD1 HD11 sing N N 187 
LEU CD1 HD12 sing N N 188 
LEU CD1 HD13 sing N N 189 
LEU CD2 HD21 sing N N 190 
LEU CD2 HD22 sing N N 191 
LEU CD2 HD23 sing N N 192 
LEU OXT HXT  sing N N 193 
LYS N   CA   sing N N 194 
LYS N   H    sing N N 195 
LYS N   H2   sing N N 196 
LYS CA  C    sing N N 197 
LYS CA  CB   sing N N 198 
LYS CA  HA   sing N N 199 
LYS C   O    doub N N 200 
LYS C   OXT  sing N N 201 
LYS CB  CG   sing N N 202 
LYS CB  HB2  sing N N 203 
LYS CB  HB3  sing N N 204 
LYS CG  CD   sing N N 205 
LYS CG  HG2  sing N N 206 
LYS CG  HG3  sing N N 207 
LYS CD  CE   sing N N 208 
LYS CD  HD2  sing N N 209 
LYS CD  HD3  sing N N 210 
LYS CE  NZ   sing N N 211 
LYS CE  HE2  sing N N 212 
LYS CE  HE3  sing N N 213 
LYS NZ  HZ1  sing N N 214 
LYS NZ  HZ2  sing N N 215 
LYS NZ  HZ3  sing N N 216 
LYS OXT HXT  sing N N 217 
MET N   CA   sing N N 218 
MET N   H    sing N N 219 
MET N   H2   sing N N 220 
MET CA  C    sing N N 221 
MET CA  CB   sing N N 222 
MET CA  HA   sing N N 223 
MET C   O    doub N N 224 
MET C   OXT  sing N N 225 
MET CB  CG   sing N N 226 
MET CB  HB2  sing N N 227 
MET CB  HB3  sing N N 228 
MET CG  SD   sing N N 229 
MET CG  HG2  sing N N 230 
MET CG  HG3  sing N N 231 
MET SD  CE   sing N N 232 
MET CE  HE1  sing N N 233 
MET CE  HE2  sing N N 234 
MET CE  HE3  sing N N 235 
MET OXT HXT  sing N N 236 
PHE N   CA   sing N N 237 
PHE N   H    sing N N 238 
PHE N   H2   sing N N 239 
PHE CA  C    sing N N 240 
PHE CA  CB   sing N N 241 
PHE CA  HA   sing N N 242 
PHE C   O    doub N N 243 
PHE C   OXT  sing N N 244 
PHE CB  CG   sing N N 245 
PHE CB  HB2  sing N N 246 
PHE CB  HB3  sing N N 247 
PHE CG  CD1  doub Y N 248 
PHE CG  CD2  sing Y N 249 
PHE CD1 CE1  sing Y N 250 
PHE CD1 HD1  sing N N 251 
PHE CD2 CE2  doub Y N 252 
PHE CD2 HD2  sing N N 253 
PHE CE1 CZ   doub Y N 254 
PHE CE1 HE1  sing N N 255 
PHE CE2 CZ   sing Y N 256 
PHE CE2 HE2  sing N N 257 
PHE CZ  HZ   sing N N 258 
PHE OXT HXT  sing N N 259 
PRO N   CA   sing N N 260 
PRO N   CD   sing N N 261 
PRO N   H    sing N N 262 
PRO CA  C    sing N N 263 
PRO CA  CB   sing N N 264 
PRO CA  HA   sing N N 265 
PRO C   O    doub N N 266 
PRO C   OXT  sing N N 267 
PRO CB  CG   sing N N 268 
PRO CB  HB2  sing N N 269 
PRO CB  HB3  sing N N 270 
PRO CG  CD   sing N N 271 
PRO CG  HG2  sing N N 272 
PRO CG  HG3  sing N N 273 
PRO CD  HD2  sing N N 274 
PRO CD  HD3  sing N N 275 
PRO OXT HXT  sing N N 276 
SER N   CA   sing N N 277 
SER N   H    sing N N 278 
SER N   H2   sing N N 279 
SER CA  C    sing N N 280 
SER CA  CB   sing N N 281 
SER CA  HA   sing N N 282 
SER C   O    doub N N 283 
SER C   OXT  sing N N 284 
SER CB  OG   sing N N 285 
SER CB  HB2  sing N N 286 
SER CB  HB3  sing N N 287 
SER OG  HG   sing N N 288 
SER OXT HXT  sing N N 289 
THR N   CA   sing N N 290 
THR N   H    sing N N 291 
THR N   H2   sing N N 292 
THR CA  C    sing N N 293 
THR CA  CB   sing N N 294 
THR CA  HA   sing N N 295 
THR C   O    doub N N 296 
THR C   OXT  sing N N 297 
THR CB  OG1  sing N N 298 
THR CB  CG2  sing N N 299 
THR CB  HB   sing N N 300 
THR OG1 HG1  sing N N 301 
THR CG2 HG21 sing N N 302 
THR CG2 HG22 sing N N 303 
THR CG2 HG23 sing N N 304 
THR OXT HXT  sing N N 305 
TYR N   CA   sing N N 306 
TYR N   H    sing N N 307 
TYR N   H2   sing N N 308 
TYR CA  C    sing N N 309 
TYR CA  CB   sing N N 310 
TYR CA  HA   sing N N 311 
TYR C   O    doub N N 312 
TYR C   OXT  sing N N 313 
TYR CB  CG   sing N N 314 
TYR CB  HB2  sing N N 315 
TYR CB  HB3  sing N N 316 
TYR CG  CD1  doub Y N 317 
TYR CG  CD2  sing Y N 318 
TYR CD1 CE1  sing Y N 319 
TYR CD1 HD1  sing N N 320 
TYR CD2 CE2  doub Y N 321 
TYR CD2 HD2  sing N N 322 
TYR CE1 CZ   doub Y N 323 
TYR CE1 HE1  sing N N 324 
TYR CE2 CZ   sing Y N 325 
TYR CE2 HE2  sing N N 326 
TYR CZ  OH   sing N N 327 
TYR OH  HH   sing N N 328 
TYR OXT HXT  sing N N 329 
VAL N   CA   sing N N 330 
VAL N   H    sing N N 331 
VAL N   H2   sing N N 332 
VAL CA  C    sing N N 333 
VAL CA  CB   sing N N 334 
VAL CA  HA   sing N N 335 
VAL C   O    doub N N 336 
VAL C   OXT  sing N N 337 
VAL CB  CG1  sing N N 338 
VAL CB  CG2  sing N N 339 
VAL CB  HB   sing N N 340 
VAL CG1 HG11 sing N N 341 
VAL CG1 HG12 sing N N 342 
VAL CG1 HG13 sing N N 343 
VAL CG2 HG21 sing N N 344 
VAL CG2 HG22 sing N N 345 
VAL CG2 HG23 sing N N 346 
VAL OXT HXT  sing N N 347 
# 
_atom_sites.entry_id                    2CZW 
_atom_sites.fract_transf_matrix[1][1]   0.01417720 
_atom_sites.fract_transf_matrix[1][2]   -0.00875885 
_atom_sites.fract_transf_matrix[1][3]   -0.01502957 
_atom_sites.fract_transf_matrix[2][1]   -0.00589214 
_atom_sites.fract_transf_matrix[2][2]   -0.01050411 
_atom_sites.fract_transf_matrix[2][3]   0.00056355 
_atom_sites.fract_transf_matrix[3][1]   -0.01869366 
_atom_sites.fract_transf_matrix[3][2]   0.00925069 
_atom_sites.fract_transf_matrix[3][3]   -0.02302456 
_atom_sites.fract_transf_vector[1]      2.772308 
_atom_sites.fract_transf_vector[2]      1.330235 
_atom_sites.fract_transf_vector[3]      2.857022 
# 
loop_
_atom_type.symbol 
C 
N 
O 
S 
# 
loop_
_atom_site.group_PDB 
_atom_site.id 
_atom_site.type_symbol 
_atom_site.label_atom_id 
_atom_site.label_alt_id 
_atom_site.label_comp_id 
_atom_site.label_asym_id 
_atom_site.label_entity_id 
_atom_site.label_seq_id 
_atom_site.pdbx_PDB_ins_code 
_atom_site.Cartn_x 
_atom_site.Cartn_y 
_atom_site.Cartn_z 
_atom_site.occupancy 
_atom_site.B_iso_or_equiv 
_atom_site.pdbx_formal_charge 
_atom_site.auth_seq_id 
_atom_site.auth_comp_id 
_atom_site.auth_asym_id 
_atom_site.auth_atom_id 
_atom_site.pdbx_PDB_model_num 
ATOM   1    N N   . TYR A 1 7   ? 10.177  7.378   -7.776  1.00 20.56 ? 7   TYR A N   1 
ATOM   2    C CA  . TYR A 1 7   ? 10.116  6.781   -6.416  1.00 19.03 ? 7   TYR A CA  1 
ATOM   3    C C   . TYR A 1 7   ? 9.773   5.291   -6.447  1.00 17.93 ? 7   TYR A C   1 
ATOM   4    O O   . TYR A 1 7   ? 9.567   4.685   -5.398  1.00 19.92 ? 7   TYR A O   1 
ATOM   5    C CB  . TYR A 1 7   ? 9.096   7.533   -5.558  1.00 18.02 ? 7   TYR A CB  1 
ATOM   6    C CG  . TYR A 1 7   ? 7.690   7.523   -6.114  1.00 18.30 ? 7   TYR A CG  1 
ATOM   7    C CD1 . TYR A 1 7   ? 6.827   6.453   -5.875  1.00 13.68 ? 7   TYR A CD1 1 
ATOM   8    C CD2 . TYR A 1 7   ? 7.227   8.579   -6.893  1.00 16.87 ? 7   TYR A CD2 1 
ATOM   9    C CE1 . TYR A 1 7   ? 5.533   6.444   -6.405  1.00 13.58 ? 7   TYR A CE1 1 
ATOM   10   C CE2 . TYR A 1 7   ? 5.944   8.578   -7.423  1.00 16.91 ? 7   TYR A CE2 1 
ATOM   11   C CZ  . TYR A 1 7   ? 5.102   7.509   -7.177  1.00 13.45 ? 7   TYR A CZ  1 
ATOM   12   O OH  . TYR A 1 7   ? 3.834   7.517   -7.708  1.00 13.22 ? 7   TYR A OH  1 
ATOM   13   N N   . VAL A 1 8   ? 9.707   4.711   -7.642  1.00 15.57 ? 8   VAL A N   1 
ATOM   14   C CA  . VAL A 1 8   ? 9.409   3.284   -7.789  1.00 15.55 ? 8   VAL A CA  1 
ATOM   15   C C   . VAL A 1 8   ? 10.729  2.503   -7.735  1.00 16.05 ? 8   VAL A C   1 
ATOM   16   O O   . VAL A 1 8   ? 11.517  2.521   -8.687  1.00 17.82 ? 8   VAL A O   1 
ATOM   17   C CB  . VAL A 1 8   ? 8.689   3.000   -9.121  1.00 14.89 ? 8   VAL A CB  1 
ATOM   18   C CG1 . VAL A 1 8   ? 8.435   1.513   -9.267  1.00 16.78 ? 8   VAL A CG1 1 
ATOM   19   C CG2 . VAL A 1 8   ? 7.364   3.750   -9.160  1.00 13.77 ? 8   VAL A CG2 1 
ATOM   20   N N   . LYS A 1 9   ? 10.948  1.805   -6.624  1.00 14.04 ? 9   LYS A N   1 
ATOM   21   C CA  . LYS A 1 9   ? 12.188  1.072   -6.399  1.00 14.84 ? 9   LYS A CA  1 
ATOM   22   C C   . LYS A 1 9   ? 12.278  -0.365  -6.897  1.00 14.98 ? 9   LYS A C   1 
ATOM   23   O O   . LYS A 1 9   ? 13.349  -0.974  -6.846  1.00 15.36 ? 9   LYS A O   1 
ATOM   24   C CB  . LYS A 1 9   ? 12.536  1.134   -4.909  1.00 16.23 ? 9   LYS A CB  1 
ATOM   25   C CG  . LYS A 1 9   ? 12.706  2.562   -4.411  1.00 18.74 ? 9   LYS A CG  1 
ATOM   26   C CD  . LYS A 1 9   ? 13.152  2.626   -2.960  1.00 24.14 ? 9   LYS A CD  1 
ATOM   27   C CE  . LYS A 1 9   ? 14.577  2.128   -2.789  1.00 28.60 ? 9   LYS A CE  1 
ATOM   28   N NZ  . LYS A 1 9   ? 15.099  2.429   -1.429  1.00 30.17 ? 9   LYS A NZ  1 
ATOM   29   N N   . PHE A 1 10  ? 11.165  -0.915  -7.367  1.00 13.51 ? 10  PHE A N   1 
ATOM   30   C CA  . PHE A 1 10  ? 11.171  -2.269  -7.903  1.00 15.14 ? 10  PHE A CA  1 
ATOM   31   C C   . PHE A 1 10  ? 9.957   -2.509  -8.792  1.00 14.75 ? 10  PHE A C   1 
ATOM   32   O O   . PHE A 1 10  ? 8.936   -1.831  -8.665  1.00 15.56 ? 10  PHE A O   1 
ATOM   33   C CB  . PHE A 1 10  ? 11.258  -3.315  -6.773  1.00 15.79 ? 10  PHE A CB  1 
ATOM   34   C CG  . PHE A 1 10  ? 10.285  -3.094  -5.646  1.00 15.07 ? 10  PHE A CG  1 
ATOM   35   C CD1 . PHE A 1 10  ? 8.973   -3.547  -5.736  1.00 17.33 ? 10  PHE A CD1 1 
ATOM   36   C CD2 . PHE A 1 10  ? 10.694  -2.451  -4.480  1.00 16.84 ? 10  PHE A CD2 1 
ATOM   37   C CE1 . PHE A 1 10  ? 8.080   -3.365  -4.675  1.00 16.62 ? 10  PHE A CE1 1 
ATOM   38   C CE2 . PHE A 1 10  ? 9.815   -2.263  -3.422  1.00 15.19 ? 10  PHE A CE2 1 
ATOM   39   C CZ  . PHE A 1 10  ? 8.503   -2.723  -3.519  1.00 17.96 ? 10  PHE A CZ  1 
ATOM   40   N N   . GLU A 1 11  ? 10.097  -3.456  -9.714  1.00 13.88 ? 11  GLU A N   1 
ATOM   41   C CA  . GLU A 1 11  ? 9.041   -3.803  -10.651 1.00 13.40 ? 11  GLU A CA  1 
ATOM   42   C C   . GLU A 1 11  ? 8.104   -4.840  -10.041 1.00 14.43 ? 11  GLU A C   1 
ATOM   43   O O   . GLU A 1 11  ? 8.510   -5.964  -9.741  1.00 15.66 ? 11  GLU A O   1 
ATOM   44   C CB  . GLU A 1 11  ? 9.655   -4.354  -11.941 1.00 13.66 ? 11  GLU A CB  1 
ATOM   45   C CG  . GLU A 1 11  ? 10.453  -3.334  -12.753 1.00 12.75 ? 11  GLU A CG  1 
ATOM   46   C CD  . GLU A 1 11  ? 9.571   -2.253  -13.360 1.00 16.39 ? 11  GLU A CD  1 
ATOM   47   O OE1 . GLU A 1 11  ? 8.358   -2.506  -13.535 1.00 15.95 ? 11  GLU A OE1 1 
ATOM   48   O OE2 . GLU A 1 11  ? 10.087  -1.156  -13.680 1.00 17.04 ? 11  GLU A OE2 1 
ATOM   49   N N   . VAL A 1 12  ? 6.848   -4.456  -9.865  1.00 14.02 ? 12  VAL A N   1 
ATOM   50   C CA  . VAL A 1 12  ? 5.854   -5.349  -9.285  1.00 14.62 ? 12  VAL A CA  1 
ATOM   51   C C   . VAL A 1 12  ? 5.101   -6.076  -10.385 1.00 14.43 ? 12  VAL A C   1 
ATOM   52   O O   . VAL A 1 12  ? 4.572   -5.448  -11.295 1.00 16.13 ? 12  VAL A O   1 
ATOM   53   C CB  . VAL A 1 12  ? 4.833   -4.558  -8.425  1.00 15.40 ? 12  VAL A CB  1 
ATOM   54   C CG1 . VAL A 1 12  ? 3.786   -5.506  -7.849  1.00 15.29 ? 12  VAL A CG1 1 
ATOM   55   C CG2 . VAL A 1 12  ? 5.558   -3.820  -7.309  1.00 14.25 ? 12  VAL A CG2 1 
ATOM   56   N N   . PRO A 1 13  ? 5.061   -7.417  -10.327 1.00 15.38 ? 13  PRO A N   1 
ATOM   57   C CA  . PRO A 1 13  ? 4.343   -8.173  -11.354 1.00 16.45 ? 13  PRO A CA  1 
ATOM   58   C C   . PRO A 1 13  ? 2.879   -7.753  -11.336 1.00 16.60 ? 13  PRO A C   1 
ATOM   59   O O   . PRO A 1 13  ? 2.317   -7.510  -10.271 1.00 13.53 ? 13  PRO A O   1 
ATOM   60   C CB  . PRO A 1 13  ? 4.530   -9.623  -10.908 1.00 16.69 ? 13  PRO A CB  1 
ATOM   61   C CG  . PRO A 1 13  ? 5.866   -9.597  -10.240 1.00 17.92 ? 13  PRO A CG  1 
ATOM   62   C CD  . PRO A 1 13  ? 5.785   -8.322  -9.419  1.00 17.31 ? 13  PRO A CD  1 
ATOM   63   N N   . LYS A 1 14  ? 2.270   -7.660  -12.512 1.00 20.15 ? 14  LYS A N   1 
ATOM   64   C CA  . LYS A 1 14  ? 0.872   -7.266  -12.612 1.00 22.74 ? 14  LYS A CA  1 
ATOM   65   C C   . LYS A 1 14  ? 0.014   -8.095  -11.666 1.00 22.51 ? 14  LYS A C   1 
ATOM   66   O O   . LYS A 1 14  ? -0.898  -7.576  -11.031 1.00 21.45 ? 14  LYS A O   1 
ATOM   67   C CB  . LYS A 1 14  ? 0.372   -7.444  -14.048 1.00 27.39 ? 14  LYS A CB  1 
ATOM   68   C CG  . LYS A 1 14  ? 0.974   -6.458  -15.041 1.00 33.62 ? 14  LYS A CG  1 
ATOM   69   C CD  . LYS A 1 14  ? 0.601   -6.810  -16.477 1.00 36.79 ? 14  LYS A CD  1 
ATOM   70   C CE  . LYS A 1 14  ? 1.099   -5.751  -17.452 1.00 38.71 ? 14  LYS A CE  1 
ATOM   71   N NZ  . LYS A 1 14  ? 2.575   -5.563  -17.379 1.00 41.45 ? 14  LYS A NZ  1 
ATOM   72   N N   . GLU A 1 15  ? 0.326   -9.384  -11.570 1.00 23.58 ? 15  GLU A N   1 
ATOM   73   C CA  . GLU A 1 15  ? -0.418  -10.300 -10.709 1.00 23.47 ? 15  GLU A CA  1 
ATOM   74   C C   . GLU A 1 15  ? -0.370  -9.887  -9.240  1.00 22.07 ? 15  GLU A C   1 
ATOM   75   O O   . GLU A 1 15  ? -1.390  -9.911  -8.546  1.00 19.57 ? 15  GLU A O   1 
ATOM   76   C CB  . GLU A 1 15  ? 0.136   -11.719 -10.853 1.00 27.35 ? 15  GLU A CB  1 
ATOM   77   C CG  . GLU A 1 15  ? 0.069   -12.287 -12.263 1.00 33.42 ? 15  GLU A CG  1 
ATOM   78   C CD  . GLU A 1 15  ? 0.849   -11.464 -13.280 1.00 36.28 ? 15  GLU A CD  1 
ATOM   79   O OE1 . GLU A 1 15  ? 2.049   -11.200 -13.051 1.00 35.70 ? 15  GLU A OE1 1 
ATOM   80   O OE2 . GLU A 1 15  ? 0.259   -11.088 -14.316 1.00 40.29 ? 15  GLU A OE2 1 
ATOM   81   N N   . LEU A 1 16  ? 0.815   -9.510  -8.767  1.00 19.43 ? 16  LEU A N   1 
ATOM   82   C CA  . LEU A 1 16  ? 0.976   -9.110  -7.373  1.00 17.69 ? 16  LEU A CA  1 
ATOM   83   C C   . LEU A 1 16  ? 0.273   -7.790  -7.075  1.00 16.63 ? 16  LEU A C   1 
ATOM   84   O O   . LEU A 1 16  ? -0.276  -7.604  -5.985  1.00 15.82 ? 16  LEU A O   1 
ATOM   85   C CB  . LEU A 1 16  ? 2.461   -8.995  -7.014  1.00 19.51 ? 16  LEU A CB  1 
ATOM   86   C CG  . LEU A 1 16  ? 2.760   -8.929  -5.511  1.00 19.78 ? 16  LEU A CG  1 
ATOM   87   C CD1 . LEU A 1 16  ? 2.230   -10.196 -4.842  1.00 23.21 ? 16  LEU A CD1 1 
ATOM   88   C CD2 . LEU A 1 16  ? 4.261   -8.803  -5.273  1.00 22.52 ? 16  LEU A CD2 1 
ATOM   89   N N   . ALA A 1 17  ? 0.292   -6.871  -8.039  1.00 17.08 ? 17  ALA A N   1 
ATOM   90   C CA  . ALA A 1 17  ? -0.365  -5.577  -7.862  1.00 17.48 ? 17  ALA A CA  1 
ATOM   91   C C   . ALA A 1 17  ? -1.872  -5.782  -7.702  1.00 17.39 ? 17  ALA A C   1 
ATOM   92   O O   . ALA A 1 17  ? -2.514  -5.120  -6.889  1.00 14.31 ? 17  ALA A O   1 
ATOM   93   C CB  . ALA A 1 17  ? -0.076  -4.662  -9.059  1.00 15.77 ? 17  ALA A CB  1 
ATOM   94   N N   . GLU A 1 18  ? -2.437  -6.702  -8.481  1.00 18.86 ? 18  GLU A N   1 
ATOM   95   C CA  . GLU A 1 18  ? -3.867  -6.979  -8.385  1.00 20.88 ? 18  GLU A CA  1 
ATOM   96   C C   . GLU A 1 18  ? -4.210  -7.583  -7.024  1.00 19.54 ? 18  GLU A C   1 
ATOM   97   O O   . GLU A 1 18  ? -5.292  -7.346  -6.481  1.00 20.56 ? 18  GLU A O   1 
ATOM   98   C CB  . GLU A 1 18  ? -4.311  -7.920  -9.510  1.00 22.46 ? 18  GLU A CB  1 
ATOM   99   C CG  . GLU A 1 18  ? -4.424  -7.239  -10.866 1.00 30.72 ? 18  GLU A CG  1 
ATOM   100  C CD  . GLU A 1 18  ? -4.972  -8.160  -11.946 1.00 36.95 ? 18  GLU A CD  1 
ATOM   101  O OE1 . GLU A 1 18  ? -6.076  -8.721  -11.752 1.00 41.12 ? 18  GLU A OE1 1 
ATOM   102  O OE2 . GLU A 1 18  ? -4.302  -8.320  -12.992 1.00 39.85 ? 18  GLU A OE2 1 
ATOM   103  N N   . LYS A 1 19  ? -3.285  -8.359  -6.470  1.00 19.12 ? 19  LYS A N   1 
ATOM   104  C CA  . LYS A 1 19  ? -3.502  -8.974  -5.168  1.00 17.76 ? 19  LYS A CA  1 
ATOM   105  C C   . LYS A 1 19  ? -3.476  -7.907  -4.080  1.00 17.66 ? 19  LYS A C   1 
ATOM   106  O O   . LYS A 1 19  ? -4.170  -8.023  -3.067  1.00 16.05 ? 19  LYS A O   1 
ATOM   107  C CB  . LYS A 1 19  ? -2.428  -10.027 -4.875  1.00 20.51 ? 19  LYS A CB  1 
ATOM   108  C CG  . LYS A 1 19  ? -2.616  -11.352 -5.605  1.00 22.08 ? 19  LYS A CG  1 
ATOM   109  C CD  . LYS A 1 19  ? -1.597  -12.364 -5.107  1.00 27.67 ? 19  LYS A CD  1 
ATOM   110  C CE  . LYS A 1 19  ? -1.793  -13.726 -5.742  1.00 33.07 ? 19  LYS A CE  1 
ATOM   111  N NZ  . LYS A 1 19  ? -0.782  -14.701 -5.243  1.00 38.34 ? 19  LYS A NZ  1 
ATOM   112  N N   . ALA A 1 20  ? -2.674  -6.863  -4.287  1.00 16.26 ? 20  ALA A N   1 
ATOM   113  C CA  . ALA A 1 20  ? -2.589  -5.785  -3.309  1.00 13.63 ? 20  ALA A CA  1 
ATOM   114  C C   . ALA A 1 20  ? -3.901  -5.002  -3.303  1.00 14.87 ? 20  ALA A C   1 
ATOM   115  O O   . ALA A 1 20  ? -4.362  -4.548  -2.255  1.00 12.52 ? 20  ALA A O   1 
ATOM   116  C CB  . ALA A 1 20  ? -1.406  -4.853  -3.640  1.00 13.17 ? 20  ALA A CB  1 
ATOM   117  N N   . LEU A 1 21  ? -4.495  -4.835  -4.481  1.00 14.10 ? 21  LEU A N   1 
ATOM   118  C CA  . LEU A 1 21  ? -5.760  -4.123  -4.584  1.00 13.42 ? 21  LEU A CA  1 
ATOM   119  C C   . LEU A 1 21  ? -6.843  -4.994  -3.951  1.00 15.62 ? 21  LEU A C   1 
ATOM   120  O O   . LEU A 1 21  ? -7.811  -4.485  -3.399  1.00 11.97 ? 21  LEU A O   1 
ATOM   121  C CB  . LEU A 1 21  ? -6.099  -3.831  -6.050  1.00 14.36 ? 21  LEU A CB  1 
ATOM   122  C CG  . LEU A 1 21  ? -5.188  -2.819  -6.758  1.00 13.30 ? 21  LEU A CG  1 
ATOM   123  C CD1 . LEU A 1 21  ? -5.568  -2.728  -8.230  1.00 15.70 ? 21  LEU A CD1 1 
ATOM   124  C CD2 . LEU A 1 21  ? -5.314  -1.457  -6.086  1.00 13.78 ? 21  LEU A CD2 1 
ATOM   125  N N   . GLN A 1 22  ? -6.668  -6.310  -4.031  1.00 17.37 ? 22  GLN A N   1 
ATOM   126  C CA  . GLN A 1 22  ? -7.628  -7.238  -3.436  1.00 19.74 ? 22  GLN A CA  1 
ATOM   127  C C   . GLN A 1 22  ? -7.535  -7.131  -1.918  1.00 18.34 ? 22  GLN A C   1 
ATOM   128  O O   . GLN A 1 22  ? -8.552  -7.139  -1.218  1.00 19.83 ? 22  GLN A O   1 
ATOM   129  C CB  . GLN A 1 22  ? -7.322  -8.678  -3.845  1.00 23.46 ? 22  GLN A CB  1 
ATOM   130  C CG  . GLN A 1 22  ? -7.641  -9.018  -5.284  1.00 31.12 ? 22  GLN A CG  1 
ATOM   131  C CD  . GLN A 1 22  ? -7.142  -10.402 -5.658  1.00 36.21 ? 22  GLN A CD  1 
ATOM   132  O OE1 . GLN A 1 22  ? -7.340  -11.368 -4.915  1.00 36.84 ? 22  GLN A OE1 1 
ATOM   133  N NE2 . GLN A 1 22  ? -6.494  -10.508 -6.816  1.00 38.17 ? 22  GLN A NE2 1 
ATOM   134  N N   . ALA A 1 23  ? -6.308  -7.035  -1.415  1.00 15.06 ? 23  ALA A N   1 
ATOM   135  C CA  . ALA A 1 23  ? -6.074  -6.926  0.020   1.00 15.89 ? 23  ALA A CA  1 
ATOM   136  C C   . ALA A 1 23  ? -6.679  -5.635  0.559   1.00 17.30 ? 23  ALA A C   1 
ATOM   137  O O   . ALA A 1 23  ? -7.267  -5.617  1.640   1.00 17.72 ? 23  ALA A O   1 
ATOM   138  C CB  . ALA A 1 23  ? -4.579  -6.972  0.311   1.00 17.48 ? 23  ALA A CB  1 
ATOM   139  N N   . VAL A 1 24  ? -6.531  -4.552  -0.196  1.00 17.44 ? 24  VAL A N   1 
ATOM   140  C CA  . VAL A 1 24  ? -7.091  -3.270  0.215   1.00 17.64 ? 24  VAL A CA  1 
ATOM   141  C C   . VAL A 1 24  ? -8.624  -3.336  0.245   1.00 19.00 ? 24  VAL A C   1 
ATOM   142  O O   . VAL A 1 24  ? -9.253  -2.832  1.178   1.00 17.92 ? 24  VAL A O   1 
ATOM   143  C CB  . VAL A 1 24  ? -6.647  -2.137  -0.737  1.00 14.70 ? 24  VAL A CB  1 
ATOM   144  C CG1 . VAL A 1 24  ? -7.491  -0.897  -0.509  1.00 15.65 ? 24  VAL A CG1 1 
ATOM   145  C CG2 . VAL A 1 24  ? -5.180  -1.813  -0.498  1.00 15.10 ? 24  VAL A CG2 1 
ATOM   146  N N   . GLU A 1 25  ? -9.217  -3.950  -0.776  1.00 20.63 ? 25  GLU A N   1 
ATOM   147  C CA  . GLU A 1 25  ? -10.674 -4.083  -0.845  1.00 24.12 ? 25  GLU A CA  1 
ATOM   148  C C   . GLU A 1 25  ? -11.190 -4.842  0.371   1.00 23.28 ? 25  GLU A C   1 
ATOM   149  O O   . GLU A 1 25  ? -12.123 -4.406  1.044   1.00 24.38 ? 25  GLU A O   1 
ATOM   150  C CB  . GLU A 1 25  ? -11.098 -4.847  -2.103  1.00 26.99 ? 25  GLU A CB  1 
ATOM   151  C CG  . GLU A 1 25  ? -10.767 -4.168  -3.416  1.00 32.91 ? 25  GLU A CG  1 
ATOM   152  C CD  . GLU A 1 25  ? -11.330 -4.917  -4.611  1.00 35.14 ? 25  GLU A CD  1 
ATOM   153  O OE1 . GLU A 1 25  ? -11.095 -6.140  -4.711  1.00 36.52 ? 25  GLU A OE1 1 
ATOM   154  O OE2 . GLU A 1 25  ? -12.006 -4.285  -5.451  1.00 37.42 ? 25  GLU A OE2 1 
ATOM   155  N N   . ILE A 1 26  ? -10.569 -5.983  0.640   1.00 23.28 ? 26  ILE A N   1 
ATOM   156  C CA  . ILE A 1 26  ? -10.956 -6.828  1.760   1.00 23.33 ? 26  ILE A CA  1 
ATOM   157  C C   . ILE A 1 26  ? -10.747 -6.157  3.114   1.00 24.00 ? 26  ILE A C   1 
ATOM   158  O O   . ILE A 1 26  ? -11.630 -6.196  3.973   1.00 23.32 ? 26  ILE A O   1 
ATOM   159  C CB  . ILE A 1 26  ? -10.177 -8.160  1.714   1.00 23.55 ? 26  ILE A CB  1 
ATOM   160  C CG1 . ILE A 1 26  ? -10.495 -8.887  0.403   1.00 22.53 ? 26  ILE A CG1 1 
ATOM   161  C CG2 . ILE A 1 26  ? -10.540 -9.027  2.918   1.00 20.69 ? 26  ILE A CG2 1 
ATOM   162  C CD1 . ILE A 1 26  ? -9.615  -10.096 0.125   1.00 23.82 ? 26  ILE A CD1 1 
ATOM   163  N N   . ALA A 1 27  ? -9.585  -5.538  3.305   1.00 22.61 ? 27  ALA A N   1 
ATOM   164  C CA  . ALA A 1 27  ? -9.293  -4.864  4.568   1.00 22.27 ? 27  ALA A CA  1 
ATOM   165  C C   . ALA A 1 27  ? -10.251 -3.694  4.754   1.00 22.70 ? 27  ALA A C   1 
ATOM   166  O O   . ALA A 1 27  ? -10.543 -3.283  5.877   1.00 23.51 ? 27  ALA A O   1 
ATOM   167  C CB  . ALA A 1 27  ? -7.845  -4.369  4.581   1.00 21.98 ? 27  ALA A CB  1 
ATOM   168  N N   . ARG A 1 28  ? -10.728 -3.157  3.639   1.00 23.09 ? 28  ARG A N   1 
ATOM   169  C CA  . ARG A 1 28  ? -11.658 -2.037  3.665   1.00 23.31 ? 28  ARG A CA  1 
ATOM   170  C C   . ARG A 1 28  ? -13.002 -2.485  4.234   1.00 24.84 ? 28  ARG A C   1 
ATOM   171  O O   . ARG A 1 28  ? -13.576 -1.824  5.098   1.00 23.86 ? 28  ARG A O   1 
ATOM   172  C CB  . ARG A 1 28  ? -11.869 -1.497  2.250   1.00 23.49 ? 28  ARG A CB  1 
ATOM   173  C CG  . ARG A 1 28  ? -12.892 -0.369  2.145   1.00 23.38 ? 28  ARG A CG  1 
ATOM   174  C CD  . ARG A 1 28  ? -13.360 -0.204  0.705   1.00 26.22 ? 28  ARG A CD  1 
ATOM   175  N NE  . ARG A 1 28  ? -14.118 -1.369  0.259   1.00 28.08 ? 28  ARG A NE  1 
ATOM   176  C CZ  . ARG A 1 28  ? -14.314 -1.702  -1.013  1.00 29.54 ? 28  ARG A CZ  1 
ATOM   177  N NH1 . ARG A 1 28  ? -13.803 -0.958  -1.985  1.00 27.76 ? 28  ARG A NH1 1 
ATOM   178  N NH2 . ARG A 1 28  ? -15.021 -2.784  -1.313  1.00 28.77 ? 28  ARG A NH2 1 
ATOM   179  N N   . ASP A 1 29  ? -13.494 -3.620  3.747   1.00 26.44 ? 29  ASP A N   1 
ATOM   180  C CA  . ASP A 1 29  ? -14.786 -4.135  4.191   1.00 28.58 ? 29  ASP A CA  1 
ATOM   181  C C   . ASP A 1 29  ? -14.752 -4.894  5.511   1.00 28.96 ? 29  ASP A C   1 
ATOM   182  O O   . ASP A 1 29  ? -15.736 -4.896  6.249   1.00 31.06 ? 29  ASP A O   1 
ATOM   183  C CB  . ASP A 1 29  ? -15.390 -5.066  3.130   1.00 29.84 ? 29  ASP A CB  1 
ATOM   184  C CG  . ASP A 1 29  ? -15.565 -4.397  1.779   1.00 31.43 ? 29  ASP A CG  1 
ATOM   185  O OD1 . ASP A 1 29  ? -15.949 -3.207  1.736   1.00 31.96 ? 29  ASP A OD1 1 
ATOM   186  O OD2 . ASP A 1 29  ? -15.333 -5.074  0.753   1.00 31.11 ? 29  ASP A OD2 1 
ATOM   187  N N   . THR A 1 30  ? -13.628 -5.532  5.817   1.00 27.79 ? 30  THR A N   1 
ATOM   188  C CA  . THR A 1 30  ? -13.541 -6.333  7.031   1.00 27.65 ? 30  THR A CA  1 
ATOM   189  C C   . THR A 1 30  ? -12.526 -5.908  8.083   1.00 28.70 ? 30  THR A C   1 
ATOM   190  O O   . THR A 1 30  ? -12.496 -6.476  9.175   1.00 28.64 ? 30  THR A O   1 
ATOM   191  C CB  . THR A 1 30  ? -13.254 -7.804  6.678   1.00 27.44 ? 30  THR A CB  1 
ATOM   192  O OG1 . THR A 1 30  ? -11.933 -7.920  6.132   1.00 27.24 ? 30  THR A OG1 1 
ATOM   193  C CG2 . THR A 1 30  ? -14.256 -8.303  5.655   1.00 24.01 ? 30  THR A CG2 1 
ATOM   194  N N   . GLY A 1 31  ? -11.694 -4.922  7.769   1.00 28.98 ? 31  GLY A N   1 
ATOM   195  C CA  . GLY A 1 31  ? -10.700 -4.493  8.735   1.00 28.11 ? 31  GLY A CA  1 
ATOM   196  C C   . GLY A 1 31  ? -10.637 -2.993  8.906   1.00 28.68 ? 31  GLY A C   1 
ATOM   197  O O   . GLY A 1 31  ? -11.662 -2.332  9.076   1.00 29.82 ? 31  GLY A O   1 
ATOM   198  N N   . LYS A 1 32  ? -9.426  -2.450  8.856   1.00 27.70 ? 32  LYS A N   1 
ATOM   199  C CA  . LYS A 1 32  ? -9.232  -1.020  9.010   1.00 25.58 ? 32  LYS A CA  1 
ATOM   200  C C   . LYS A 1 32  ? -8.076  -0.522  8.148   1.00 24.99 ? 32  LYS A C   1 
ATOM   201  O O   . LYS A 1 32  ? -6.949  -1.004  8.264   1.00 24.83 ? 32  LYS A O   1 
ATOM   202  C CB  . LYS A 1 32  ? -8.959  -0.684  10.478  1.00 25.72 ? 32  LYS A CB  1 
ATOM   203  C CG  . LYS A 1 32  ? -8.699  0.790   10.727  1.00 28.50 ? 32  LYS A CG  1 
ATOM   204  C CD  . LYS A 1 32  ? -8.524  1.103   12.208  1.00 30.19 ? 32  LYS A CD  1 
ATOM   205  C CE  . LYS A 1 32  ? -9.818  0.896   12.981  1.00 32.94 ? 32  LYS A CE  1 
ATOM   206  N NZ  . LYS A 1 32  ? -9.729  1.425   14.375  1.00 35.94 ? 32  LYS A NZ  1 
ATOM   207  N N   . ILE A 1 33  ? -8.363  0.443   7.282   1.00 23.24 ? 33  ILE A N   1 
ATOM   208  C CA  . ILE A 1 33  ? -7.338  1.006   6.415   1.00 22.72 ? 33  ILE A CA  1 
ATOM   209  C C   . ILE A 1 33  ? -7.333  2.527   6.513   1.00 24.45 ? 33  ILE A C   1 
ATOM   210  O O   . ILE A 1 33  ? -8.317  3.140   6.936   1.00 25.50 ? 33  ILE A O   1 
ATOM   211  C CB  . ILE A 1 33  ? -7.568  0.622   4.932   1.00 17.63 ? 33  ILE A CB  1 
ATOM   212  C CG1 . ILE A 1 33  ? -8.878  1.233   4.431   1.00 18.15 ? 33  ILE A CG1 1 
ATOM   213  C CG2 . ILE A 1 33  ? -7.595  -0.891  4.781   1.00 17.05 ? 33  ILE A CG2 1 
ATOM   214  C CD1 . ILE A 1 33  ? -9.114  1.052   2.940   1.00 16.27 ? 33  ILE A CD1 1 
ATOM   215  N N   . ARG A 1 34  ? -6.214  3.126   6.118   1.00 24.00 ? 34  ARG A N   1 
ATOM   216  C CA  . ARG A 1 34  ? -6.067  4.574   6.122   1.00 22.61 ? 34  ARG A CA  1 
ATOM   217  C C   . ARG A 1 34  ? -5.915  5.026   4.670   1.00 21.77 ? 34  ARG A C   1 
ATOM   218  O O   . ARG A 1 34  ? -5.212  4.380   3.893   1.00 21.57 ? 34  ARG A O   1 
ATOM   219  C CB  . ARG A 1 34  ? -4.822  4.981   6.913   1.00 25.78 ? 34  ARG A CB  1 
ATOM   220  C CG  . ARG A 1 34  ? -4.811  4.516   8.363   1.00 28.90 ? 34  ARG A CG  1 
ATOM   221  C CD  . ARG A 1 34  ? -5.994  5.074   9.142   1.00 30.60 ? 34  ARG A CD  1 
ATOM   222  N NE  . ARG A 1 34  ? -5.948  4.683   10.550  1.00 35.13 ? 34  ARG A NE  1 
ATOM   223  C CZ  . ARG A 1 34  ? -6.946  4.859   11.410  1.00 36.41 ? 34  ARG A CZ  1 
ATOM   224  N NH1 . ARG A 1 34  ? -8.079  5.423   11.012  1.00 37.24 ? 34  ARG A NH1 1 
ATOM   225  N NH2 . ARG A 1 34  ? -6.811  4.470   12.671  1.00 38.38 ? 34  ARG A NH2 1 
ATOM   226  N N   . LYS A 1 35  ? -6.585  6.118   4.309   1.00 20.12 ? 35  LYS A N   1 
ATOM   227  C CA  . LYS A 1 35  ? -6.508  6.663   2.951   1.00 20.40 ? 35  LYS A CA  1 
ATOM   228  C C   . LYS A 1 35  ? -5.809  8.014   2.951   1.00 17.77 ? 35  LYS A C   1 
ATOM   229  O O   . LYS A 1 35  ? -6.043  8.841   3.832   1.00 14.71 ? 35  LYS A O   1 
ATOM   230  C CB  . LYS A 1 35  ? -7.900  6.844   2.338   1.00 19.09 ? 35  LYS A CB  1 
ATOM   231  C CG  . LYS A 1 35  ? -8.571  5.565   1.879   1.00 26.23 ? 35  LYS A CG  1 
ATOM   232  C CD  . LYS A 1 35  ? -9.228  4.840   3.026   1.00 28.48 ? 35  LYS A CD  1 
ATOM   233  C CE  . LYS A 1 35  ? -10.393 5.644   3.575   1.00 29.36 ? 35  LYS A CE  1 
ATOM   234  N NZ  . LYS A 1 35  ? -11.050 4.913   4.687   1.00 31.55 ? 35  LYS A NZ  1 
ATOM   235  N N   . GLY A 1 36  ? -4.964  8.239   1.951   1.00 16.66 ? 36  GLY A N   1 
ATOM   236  C CA  . GLY A 1 36  ? -4.254  9.502   1.870   1.00 15.10 ? 36  GLY A CA  1 
ATOM   237  C C   . GLY A 1 36  ? -2.870  9.388   2.471   1.00 14.66 ? 36  GLY A C   1 
ATOM   238  O O   . GLY A 1 36  ? -2.643  8.562   3.358   1.00 13.53 ? 36  GLY A O   1 
ATOM   239  N N   . THR A 1 37  ? -1.948  10.223  2.002   1.00 13.37 ? 37  THR A N   1 
ATOM   240  C CA  . THR A 1 37  ? -0.573  10.178  2.481   1.00 14.24 ? 37  THR A CA  1 
ATOM   241  C C   . THR A 1 37  ? -0.407  10.596  3.932   1.00 14.77 ? 37  THR A C   1 
ATOM   242  O O   . THR A 1 37  ? 0.508   10.127  4.602   1.00 14.40 ? 37  THR A O   1 
ATOM   243  C CB  . THR A 1 37  ? 0.362   11.062  1.635   1.00 15.47 ? 37  THR A CB  1 
ATOM   244  O OG1 . THR A 1 37  ? -0.039  12.435  1.754   1.00 19.50 ? 37  THR A OG1 1 
ATOM   245  C CG2 . THR A 1 37  ? 0.321   10.642  0.179   1.00 14.60 ? 37  THR A CG2 1 
ATOM   246  N N   . ASN A 1 38  ? -1.270  11.480  4.423   1.00 13.84 ? 38  ASN A N   1 
ATOM   247  C CA  . ASN A 1 38  ? -1.140  11.919  5.809   1.00 15.17 ? 38  ASN A CA  1 
ATOM   248  C C   . ASN A 1 38  ? -1.323  10.799  6.819   1.00 13.37 ? 38  ASN A C   1 
ATOM   249  O O   . ASN A 1 38  ? -0.457  10.589  7.669   1.00 14.88 ? 38  ASN A O   1 
ATOM   250  C CB  . ASN A 1 38  ? -2.097  13.074  6.110   1.00 14.53 ? 38  ASN A CB  1 
ATOM   251  C CG  . ASN A 1 38  ? -1.595  14.386  5.545   1.00 18.15 ? 38  ASN A CG  1 
ATOM   252  O OD1 . ASN A 1 38  ? -0.389  14.588  5.430   1.00 18.94 ? 38  ASN A OD1 1 
ATOM   253  N ND2 . ASN A 1 38  ? -2.508  15.284  5.202   1.00 18.06 ? 38  ASN A ND2 1 
ATOM   254  N N   . GLU A 1 39  ? -2.432  10.068  6.730   1.00 13.14 ? 39  GLU A N   1 
ATOM   255  C CA  . GLU A 1 39  ? -2.663  8.974   7.661   1.00 12.28 ? 39  GLU A CA  1 
ATOM   256  C C   . GLU A 1 39  ? -1.799  7.760   7.338   1.00 12.37 ? 39  GLU A C   1 
ATOM   257  O O   . GLU A 1 39  ? -1.521  6.947   8.223   1.00 13.08 ? 39  GLU A O   1 
ATOM   258  C CB  . GLU A 1 39  ? -4.140  8.578   7.681   1.00 13.62 ? 39  GLU A CB  1 
ATOM   259  C CG  . GLU A 1 39  ? -5.020  9.511   8.500   1.00 16.36 ? 39  GLU A CG  1 
ATOM   260  C CD  . GLU A 1 39  ? -4.613  9.570   9.965   1.00 19.84 ? 39  GLU A CD  1 
ATOM   261  O OE1 . GLU A 1 39  ? -4.007  10.580  10.385  1.00 19.54 ? 39  GLU A OE1 1 
ATOM   262  O OE2 . GLU A 1 39  ? -4.895  8.598   10.700  1.00 20.84 ? 39  GLU A OE2 1 
ATOM   263  N N   . THR A 1 40  ? -1.383  7.626   6.080   1.00 10.26 ? 40  THR A N   1 
ATOM   264  C CA  . THR A 1 40  ? -0.521  6.503   5.695   1.00 10.95 ? 40  THR A CA  1 
ATOM   265  C C   . THR A 1 40  ? 0.850   6.732   6.339   1.00 12.86 ? 40  THR A C   1 
ATOM   266  O O   . THR A 1 40  ? 1.406   5.850   6.996   1.00 14.38 ? 40  THR A O   1 
ATOM   267  C CB  . THR A 1 40  ? -0.335  6.402   4.147   1.00 11.47 ? 40  THR A CB  1 
ATOM   268  O OG1 . THR A 1 40  ? -1.591  6.118   3.518   1.00 13.32 ? 40  THR A OG1 1 
ATOM   269  C CG2 . THR A 1 40  ? 0.638   5.275   3.797   1.00 9.55  ? 40  THR A CG2 1 
ATOM   270  N N   . THR A 1 41  ? 1.388   7.932   6.157   1.00 13.99 ? 41  THR A N   1 
ATOM   271  C CA  . THR A 1 41  ? 2.687   8.267   6.721   1.00 15.78 ? 41  THR A CA  1 
ATOM   272  C C   . THR A 1 41  ? 2.665   8.060   8.237   1.00 16.12 ? 41  THR A C   1 
ATOM   273  O O   . THR A 1 41  ? 3.533   7.381   8.797   1.00 16.06 ? 41  THR A O   1 
ATOM   274  C CB  . THR A 1 41  ? 3.057   9.724   6.400   1.00 16.37 ? 41  THR A CB  1 
ATOM   275  O OG1 . THR A 1 41  ? 3.074   9.903   4.977   1.00 16.81 ? 41  THR A OG1 1 
ATOM   276  C CG2 . THR A 1 41  ? 4.423   10.064  6.958   1.00 19.67 ? 41  THR A CG2 1 
ATOM   277  N N   . LYS A 1 42  ? 1.662   8.627   8.895   1.00 15.70 ? 42  LYS A N   1 
ATOM   278  C CA  . LYS A 1 42  ? 1.539   8.498   10.342  1.00 16.69 ? 42  LYS A CA  1 
ATOM   279  C C   . LYS A 1 42  ? 1.477   7.030   10.774  1.00 17.17 ? 42  LYS A C   1 
ATOM   280  O O   . LYS A 1 42  ? 2.097   6.646   11.764  1.00 14.93 ? 42  LYS A O   1 
ATOM   281  C CB  . LYS A 1 42  ? 0.302   9.256   10.833  1.00 20.52 ? 42  LYS A CB  1 
ATOM   282  C CG  . LYS A 1 42  ? 0.132   9.266   12.347  1.00 26.14 ? 42  LYS A CG  1 
ATOM   283  C CD  . LYS A 1 42  ? -0.338  10.629  12.855  1.00 30.29 ? 42  LYS A CD  1 
ATOM   284  C CE  . LYS A 1 42  ? -1.715  11.007  12.339  1.00 32.02 ? 42  LYS A CE  1 
ATOM   285  N NZ  . LYS A 1 42  ? -2.795  10.148  12.899  1.00 34.07 ? 42  LYS A NZ  1 
ATOM   286  N N   . ALA A 1 43  ? 0.752   6.205   10.022  1.00 14.33 ? 43  ALA A N   1 
ATOM   287  C CA  . ALA A 1 43  ? 0.639   4.791   10.363  1.00 13.84 ? 43  ALA A CA  1 
ATOM   288  C C   . ALA A 1 43  ? 1.999   4.101   10.269  1.00 14.88 ? 43  ALA A C   1 
ATOM   289  O O   . ALA A 1 43  ? 2.305   3.206   11.056  1.00 16.95 ? 43  ALA A O   1 
ATOM   290  C CB  . ALA A 1 43  ? -0.361  4.105   9.441   1.00 11.61 ? 43  ALA A CB  1 
ATOM   291  N N   . VAL A 1 44  ? 2.817   4.523   9.310   1.00 16.24 ? 44  VAL A N   1 
ATOM   292  C CA  . VAL A 1 44  ? 4.140   3.934   9.146   1.00 16.34 ? 44  VAL A CA  1 
ATOM   293  C C   . VAL A 1 44  ? 5.049   4.345   10.296  1.00 18.89 ? 44  VAL A C   1 
ATOM   294  O O   . VAL A 1 44  ? 5.705   3.503   10.906  1.00 19.77 ? 44  VAL A O   1 
ATOM   295  C CB  . VAL A 1 44  ? 4.797   4.365   7.814   1.00 17.51 ? 44  VAL A CB  1 
ATOM   296  C CG1 . VAL A 1 44  ? 6.232   3.836   7.739   1.00 14.70 ? 44  VAL A CG1 1 
ATOM   297  C CG2 . VAL A 1 44  ? 3.980   3.834   6.640   1.00 14.89 ? 44  VAL A CG2 1 
ATOM   298  N N   . GLU A 1 45  ? 5.079   5.641   10.590  1.00 18.83 ? 45  GLU A N   1 
ATOM   299  C CA  . GLU A 1 45  ? 5.917   6.167   11.659  1.00 20.22 ? 45  GLU A CA  1 
ATOM   300  C C   . GLU A 1 45  ? 5.635   5.521   13.012  1.00 22.76 ? 45  GLU A C   1 
ATOM   301  O O   . GLU A 1 45  ? 6.553   5.320   13.810  1.00 21.53 ? 45  GLU A O   1 
ATOM   302  C CB  . GLU A 1 45  ? 5.734   7.680   11.777  1.00 20.37 ? 45  GLU A CB  1 
ATOM   303  C CG  . GLU A 1 45  ? 5.954   8.427   10.472  1.00 22.01 ? 45  GLU A CG  1 
ATOM   304  C CD  . GLU A 1 45  ? 5.712   9.916   10.601  1.00 22.93 ? 45  GLU A CD  1 
ATOM   305  O OE1 . GLU A 1 45  ? 4.757   10.309  11.304  1.00 23.06 ? 45  GLU A OE1 1 
ATOM   306  O OE2 . GLU A 1 45  ? 6.467   10.697  9.985   1.00 25.77 ? 45  GLU A OE2 1 
ATOM   307  N N   . ARG A 1 46  ? 4.368   5.200   13.266  1.00 21.39 ? 46  ARG A N   1 
ATOM   308  C CA  . ARG A 1 46  ? 3.974   4.589   14.531  1.00 23.02 ? 46  ARG A CA  1 
ATOM   309  C C   . ARG A 1 46  ? 3.966   3.064   14.474  1.00 21.64 ? 46  ARG A C   1 
ATOM   310  O O   . ARG A 1 46  ? 3.601   2.400   15.446  1.00 20.05 ? 46  ARG A O   1 
ATOM   311  C CB  . ARG A 1 46  ? 2.592   5.102   14.951  1.00 25.05 ? 46  ARG A CB  1 
ATOM   312  C CG  . ARG A 1 46  ? 2.504   6.619   15.017  1.00 32.47 ? 46  ARG A CG  1 
ATOM   313  C CD  . ARG A 1 46  ? 1.170   7.079   15.577  1.00 38.40 ? 46  ARG A CD  1 
ATOM   314  N NE  . ARG A 1 46  ? 0.992   8.525   15.467  1.00 43.43 ? 46  ARG A NE  1 
ATOM   315  C CZ  . ARG A 1 46  ? 1.825   9.428   15.973  1.00 46.07 ? 46  ARG A CZ  1 
ATOM   316  N NH1 . ARG A 1 46  ? 2.910   9.042   16.633  1.00 47.78 ? 46  ARG A NH1 1 
ATOM   317  N NH2 . ARG A 1 46  ? 1.573   10.720  15.822  1.00 47.93 ? 46  ARG A NH2 1 
ATOM   318  N N   . GLY A 1 47  ? 4.366   2.514   13.330  1.00 20.40 ? 47  GLY A N   1 
ATOM   319  C CA  . GLY A 1 47  ? 4.413   1.072   13.170  1.00 22.12 ? 47  GLY A CA  1 
ATOM   320  C C   . GLY A 1 47  ? 3.060   0.389   13.190  1.00 22.83 ? 47  GLY A C   1 
ATOM   321  O O   . GLY A 1 47  ? 2.963   -0.807  13.469  1.00 24.03 ? 47  GLY A O   1 
ATOM   322  N N   . GLN A 1 48  ? 2.011   1.141   12.881  1.00 22.38 ? 48  GLN A N   1 
ATOM   323  C CA  . GLN A 1 48  ? 0.659   0.595   12.873  1.00 24.20 ? 48  GLN A CA  1 
ATOM   324  C C   . GLN A 1 48  ? 0.319   -0.121  11.566  1.00 22.45 ? 48  GLN A C   1 
ATOM   325  O O   . GLN A 1 48  ? -0.500  -1.043  11.543  1.00 22.04 ? 48  GLN A O   1 
ATOM   326  C CB  . GLN A 1 48  ? -0.349  1.716   13.122  1.00 26.06 ? 48  GLN A CB  1 
ATOM   327  C CG  . GLN A 1 48  ? -0.146  2.430   14.449  1.00 32.14 ? 48  GLN A CG  1 
ATOM   328  C CD  . GLN A 1 48  ? -1.106  3.588   14.651  1.00 35.52 ? 48  GLN A CD  1 
ATOM   329  O OE1 . GLN A 1 48  ? -1.134  4.537   13.861  1.00 38.04 ? 48  GLN A OE1 1 
ATOM   330  N NE2 . GLN A 1 48  ? -1.898  3.519   15.717  1.00 37.86 ? 48  GLN A NE2 1 
ATOM   331  N N   . ALA A 1 49  ? 0.959   0.302   10.482  1.00 20.41 ? 49  ALA A N   1 
ATOM   332  C CA  . ALA A 1 49  ? 0.711   -0.280  9.170   1.00 19.65 ? 49  ALA A CA  1 
ATOM   333  C C   . ALA A 1 49  ? 1.319   -1.665  8.972   1.00 20.06 ? 49  ALA A C   1 
ATOM   334  O O   . ALA A 1 49  ? 2.488   -1.893  9.285   1.00 21.59 ? 49  ALA A O   1 
ATOM   335  C CB  . ALA A 1 49  ? 1.221   0.670   8.088   1.00 18.58 ? 49  ALA A CB  1 
ATOM   336  N N   . LYS A 1 50  ? 0.516   -2.586  8.448   1.00 20.26 ? 50  LYS A N   1 
ATOM   337  C CA  . LYS A 1 50  ? 0.973   -3.943  8.168   1.00 20.97 ? 50  LYS A CA  1 
ATOM   338  C C   . LYS A 1 50  ? 1.402   -4.007  6.703   1.00 19.96 ? 50  LYS A C   1 
ATOM   339  O O   . LYS A 1 50  ? 2.206   -4.852  6.314   1.00 19.15 ? 50  LYS A O   1 
ATOM   340  C CB  . LYS A 1 50  ? -0.144  -4.957  8.430   1.00 23.32 ? 50  LYS A CB  1 
ATOM   341  C CG  . LYS A 1 50  ? -0.430  -5.200  9.913   1.00 27.03 ? 50  LYS A CG  1 
ATOM   342  C CD  . LYS A 1 50  ? -0.798  -3.922  10.640  1.00 31.51 ? 50  LYS A CD  1 
ATOM   343  C CE  . LYS A 1 50  ? -1.040  -4.171  12.122  1.00 32.81 ? 50  LYS A CE  1 
ATOM   344  N NZ  . LYS A 1 50  ? 0.188   -4.662  12.806  1.00 36.29 ? 50  LYS A NZ  1 
ATOM   345  N N   . LEU A 1 51  ? 0.850   -3.105  5.897   1.00 17.54 ? 51  LEU A N   1 
ATOM   346  C CA  . LEU A 1 51  ? 1.186   -3.027  4.477   1.00 16.15 ? 51  LEU A CA  1 
ATOM   347  C C   . LEU A 1 51  ? 0.818   -1.657  3.930   1.00 15.77 ? 51  LEU A C   1 
ATOM   348  O O   . LEU A 1 51  ? -0.277  -1.153  4.176   1.00 15.63 ? 51  LEU A O   1 
ATOM   349  C CB  . LEU A 1 51  ? 0.448   -4.104  3.677   1.00 15.33 ? 51  LEU A CB  1 
ATOM   350  C CG  . LEU A 1 51  ? 0.693   -4.115  2.160   1.00 15.49 ? 51  LEU A CG  1 
ATOM   351  C CD1 . LEU A 1 51  ? 2.154   -4.445  1.865   1.00 14.41 ? 51  LEU A CD1 1 
ATOM   352  C CD2 . LEU A 1 51  ? -0.228  -5.142  1.503   1.00 16.08 ? 51  LEU A CD2 1 
ATOM   353  N N   . VAL A 1 52  ? 1.742   -1.053  3.194   1.00 15.27 ? 52  VAL A N   1 
ATOM   354  C CA  . VAL A 1 52  ? 1.503   0.250   2.598   1.00 13.01 ? 52  VAL A CA  1 
ATOM   355  C C   . VAL A 1 52  ? 1.418   0.056   1.087   1.00 13.38 ? 52  VAL A C   1 
ATOM   356  O O   . VAL A 1 52  ? 2.277   -0.592  0.498   1.00 13.66 ? 52  VAL A O   1 
ATOM   357  C CB  . VAL A 1 52  ? 2.648   1.238   2.934   1.00 13.35 ? 52  VAL A CB  1 
ATOM   358  C CG1 . VAL A 1 52  ? 2.498   2.512   2.110   1.00 14.94 ? 52  VAL A CG1 1 
ATOM   359  C CG2 . VAL A 1 52  ? 2.624   1.569   4.424   1.00 11.59 ? 52  VAL A CG2 1 
ATOM   360  N N   . ILE A 1 53  ? 0.370   0.593   0.470   1.00 13.27 ? 53  ILE A N   1 
ATOM   361  C CA  . ILE A 1 53  ? 0.192   0.470   -0.973  1.00 13.23 ? 53  ILE A CA  1 
ATOM   362  C C   . ILE A 1 53  ? 0.362   1.856   -1.583  1.00 13.01 ? 53  ILE A C   1 
ATOM   363  O O   . ILE A 1 53  ? -0.337  2.802   -1.210  1.00 11.46 ? 53  ILE A O   1 
ATOM   364  C CB  . ILE A 1 53  ? -1.205  -0.088  -1.326  1.00 13.07 ? 53  ILE A CB  1 
ATOM   365  C CG1 . ILE A 1 53  ? -1.439  -1.420  -0.612  1.00 15.45 ? 53  ILE A CG1 1 
ATOM   366  C CG2 . ILE A 1 53  ? -1.311  -0.311  -2.829  1.00 15.13 ? 53  ILE A CG2 1 
ATOM   367  C CD1 . ILE A 1 53  ? -1.818  -1.296  0.853   1.00 13.83 ? 53  ILE A CD1 1 
ATOM   368  N N   . ILE A 1 54  ? 1.297   1.968   -2.522  1.00 10.49 ? 54  ILE A N   1 
ATOM   369  C CA  . ILE A 1 54  ? 1.605   3.246   -3.153  1.00 10.95 ? 54  ILE A CA  1 
ATOM   370  C C   . ILE A 1 54  ? 1.368   3.236   -4.662  1.00 9.50  ? 54  ILE A C   1 
ATOM   371  O O   . ILE A 1 54  ? 1.882   2.370   -5.367  1.00 11.45 ? 54  ILE A O   1 
ATOM   372  C CB  . ILE A 1 54  ? 3.090   3.613   -2.897  1.00 10.41 ? 54  ILE A CB  1 
ATOM   373  C CG1 . ILE A 1 54  ? 3.418   3.440   -1.409  1.00 11.43 ? 54  ILE A CG1 1 
ATOM   374  C CG2 . ILE A 1 54  ? 3.368   5.027   -3.362  1.00 8.83  ? 54  ILE A CG2 1 
ATOM   375  C CD1 . ILE A 1 54  ? 4.910   3.622   -1.056  1.00 11.74 ? 54  ILE A CD1 1 
ATOM   376  N N   . ALA A 1 55  ? 0.590   4.199   -5.154  1.00 8.75  ? 55  ALA A N   1 
ATOM   377  C CA  . ALA A 1 55  ? 0.319   4.308   -6.588  1.00 9.39  ? 55  ALA A CA  1 
ATOM   378  C C   . ALA A 1 55  ? 1.574   4.799   -7.309  1.00 11.07 ? 55  ALA A C   1 
ATOM   379  O O   . ALA A 1 55  ? 2.296   5.647   -6.791  1.00 11.50 ? 55  ALA A O   1 
ATOM   380  C CB  . ALA A 1 55  ? -0.824  5.277   -6.825  1.00 9.89  ? 55  ALA A CB  1 
ATOM   381  N N   . GLU A 1 56  ? 1.830   4.282   -8.510  1.00 11.68 ? 56  GLU A N   1 
ATOM   382  C CA  . GLU A 1 56  ? 3.023   4.687   -9.260  1.00 13.10 ? 56  GLU A CA  1 
ATOM   383  C C   . GLU A 1 56  ? 2.841   5.941   -10.115 1.00 14.01 ? 56  GLU A C   1 
ATOM   384  O O   . GLU A 1 56  ? 3.820   6.475   -10.656 1.00 13.66 ? 56  GLU A O   1 
ATOM   385  C CB  . GLU A 1 56  ? 3.485   3.552   -10.179 1.00 13.54 ? 56  GLU A CB  1 
ATOM   386  C CG  . GLU A 1 56  ? 3.840   2.251   -9.467  1.00 12.57 ? 56  GLU A CG  1 
ATOM   387  C CD  . GLU A 1 56  ? 4.466   1.234   -10.402 1.00 16.96 ? 56  GLU A CD  1 
ATOM   388  O OE1 . GLU A 1 56  ? 4.296   0.018   -10.167 1.00 15.34 ? 56  GLU A OE1 1 
ATOM   389  O OE2 . GLU A 1 56  ? 5.137   1.653   -11.368 1.00 14.70 ? 56  GLU A OE2 1 
ATOM   390  N N   . ASP A 1 57  ? 1.604   6.414   -10.229 1.00 13.26 ? 57  ASP A N   1 
ATOM   391  C CA  . ASP A 1 57  ? 1.308   7.569   -11.069 1.00 15.81 ? 57  ASP A CA  1 
ATOM   392  C C   . ASP A 1 57  ? 0.929   8.852   -10.327 1.00 15.32 ? 57  ASP A C   1 
ATOM   393  O O   . ASP A 1 57  ? 0.072   9.614   -10.787 1.00 15.96 ? 57  ASP A O   1 
ATOM   394  C CB  . ASP A 1 57  ? 0.199   7.197   -12.064 1.00 16.41 ? 57  ASP A CB  1 
ATOM   395  C CG  . ASP A 1 57  ? -1.118  6.853   -11.375 1.00 19.94 ? 57  ASP A CG  1 
ATOM   396  O OD1 . ASP A 1 57  ? -1.093  6.482   -10.184 1.00 19.45 ? 57  ASP A OD1 1 
ATOM   397  O OD2 . ASP A 1 57  ? -2.179  6.941   -12.032 1.00 20.24 ? 57  ASP A OD2 1 
ATOM   398  N N   . VAL A 1 58  ? 1.574   9.089   -9.192  1.00 15.37 ? 58  VAL A N   1 
ATOM   399  C CA  . VAL A 1 58  ? 1.316   10.284  -8.403  1.00 16.37 ? 58  VAL A CA  1 
ATOM   400  C C   . VAL A 1 58  ? 2.175   11.417  -8.954  1.00 17.42 ? 58  VAL A C   1 
ATOM   401  O O   . VAL A 1 58  ? 3.361   11.232  -9.235  1.00 17.32 ? 58  VAL A O   1 
ATOM   402  C CB  . VAL A 1 58  ? 1.648   10.048  -6.910  1.00 16.06 ? 58  VAL A CB  1 
ATOM   403  C CG1 . VAL A 1 58  ? 1.434   11.336  -6.110  1.00 15.23 ? 58  VAL A CG1 1 
ATOM   404  C CG2 . VAL A 1 58  ? 0.754   8.942   -6.354  1.00 12.93 ? 58  VAL A CG2 1 
ATOM   405  N N   . ASP A 1 59  ? 1.567   12.584  -9.123  1.00 19.85 ? 59  ASP A N   1 
ATOM   406  C CA  . ASP A 1 59  ? 2.267   13.744  -9.659  1.00 24.43 ? 59  ASP A CA  1 
ATOM   407  C C   . ASP A 1 59  ? 1.603   14.987  -9.080  1.00 24.55 ? 59  ASP A C   1 
ATOM   408  O O   . ASP A 1 59  ? 0.401   15.182  -9.252  1.00 24.01 ? 59  ASP A O   1 
ATOM   409  C CB  . ASP A 1 59  ? 2.152   13.755  -11.187 1.00 28.14 ? 59  ASP A CB  1 
ATOM   410  C CG  . ASP A 1 59  ? 3.004   14.832  -11.831 1.00 32.10 ? 59  ASP A CG  1 
ATOM   411  O OD1 . ASP A 1 59  ? 2.929   16.000  -11.394 1.00 35.37 ? 59  ASP A OD1 1 
ATOM   412  O OD2 . ASP A 1 59  ? 3.743   14.511  -12.786 1.00 37.24 ? 59  ASP A OD2 1 
ATOM   413  N N   . PRO A 1 60  ? 2.374   15.851  -8.398  1.00 24.44 ? 60  PRO A N   1 
ATOM   414  C CA  . PRO A 1 60  ? 3.813   15.789  -8.113  1.00 24.48 ? 60  PRO A CA  1 
ATOM   415  C C   . PRO A 1 60  ? 4.256   14.554  -7.326  1.00 23.78 ? 60  PRO A C   1 
ATOM   416  O O   . PRO A 1 60  ? 3.588   14.140  -6.376  1.00 23.30 ? 60  PRO A O   1 
ATOM   417  C CB  . PRO A 1 60  ? 4.069   17.073  -7.320  1.00 24.92 ? 60  PRO A CB  1 
ATOM   418  C CG  . PRO A 1 60  ? 2.970   17.990  -7.764  1.00 26.59 ? 60  PRO A CG  1 
ATOM   419  C CD  . PRO A 1 60  ? 1.786   17.066  -7.809  1.00 25.76 ? 60  PRO A CD  1 
ATOM   420  N N   . GLU A 1 61  ? 5.390   13.985  -7.725  1.00 22.72 ? 61  GLU A N   1 
ATOM   421  C CA  . GLU A 1 61  ? 5.959   12.808  -7.067  1.00 23.57 ? 61  GLU A CA  1 
ATOM   422  C C   . GLU A 1 61  ? 6.234   13.050  -5.588  1.00 22.59 ? 61  GLU A C   1 
ATOM   423  O O   . GLU A 1 61  ? 6.112   12.140  -4.769  1.00 19.32 ? 61  GLU A O   1 
ATOM   424  C CB  . GLU A 1 61  ? 7.285   12.419  -7.721  1.00 26.57 ? 61  GLU A CB  1 
ATOM   425  C CG  . GLU A 1 61  ? 7.179   11.670  -9.025  1.00 30.04 ? 61  GLU A CG  1 
ATOM   426  C CD  . GLU A 1 61  ? 8.544   11.407  -9.628  1.00 31.45 ? 61  GLU A CD  1 
ATOM   427  O OE1 . GLU A 1 61  ? 9.463   11.026  -8.869  1.00 30.00 ? 61  GLU A OE1 1 
ATOM   428  O OE2 . GLU A 1 61  ? 8.694   11.578  -10.856 1.00 34.54 ? 61  GLU A OE2 1 
ATOM   429  N N   . GLU A 1 62  ? 6.630   14.277  -5.258  1.00 21.44 ? 62  GLU A N   1 
ATOM   430  C CA  . GLU A 1 62  ? 6.954   14.648  -3.884  1.00 22.56 ? 62  GLU A CA  1 
ATOM   431  C C   . GLU A 1 62  ? 5.866   14.275  -2.885  1.00 20.77 ? 62  GLU A C   1 
ATOM   432  O O   . GLU A 1 62  ? 6.131   14.118  -1.692  1.00 20.19 ? 62  GLU A O   1 
ATOM   433  C CB  . GLU A 1 62  ? 7.231   16.154  -3.790  1.00 26.04 ? 62  GLU A CB  1 
ATOM   434  C CG  . GLU A 1 62  ? 8.401   16.653  -4.634  1.00 32.71 ? 62  GLU A CG  1 
ATOM   435  C CD  . GLU A 1 62  ? 8.069   16.766  -6.116  1.00 36.48 ? 62  GLU A CD  1 
ATOM   436  O OE1 . GLU A 1 62  ? 8.053   15.732  -6.818  1.00 37.92 ? 62  GLU A OE1 1 
ATOM   437  O OE2 . GLU A 1 62  ? 7.819   17.901  -6.578  1.00 40.77 ? 62  GLU A OE2 1 
ATOM   438  N N   . ILE A 1 63  ? 4.640   14.140  -3.372  1.00 18.69 ? 63  ILE A N   1 
ATOM   439  C CA  . ILE A 1 63  ? 3.521   13.785  -2.512  1.00 16.70 ? 63  ILE A CA  1 
ATOM   440  C C   . ILE A 1 63  ? 3.711   12.429  -1.819  1.00 16.77 ? 63  ILE A C   1 
ATOM   441  O O   . ILE A 1 63  ? 3.320   12.269  -0.658  1.00 15.22 ? 63  ILE A O   1 
ATOM   442  C CB  . ILE A 1 63  ? 2.204   13.776  -3.318  1.00 17.59 ? 63  ILE A CB  1 
ATOM   443  C CG1 . ILE A 1 63  ? 1.871   15.207  -3.760  1.00 17.09 ? 63  ILE A CG1 1 
ATOM   444  C CG2 . ILE A 1 63  ? 1.076   13.172  -2.490  1.00 17.61 ? 63  ILE A CG2 1 
ATOM   445  C CD1 . ILE A 1 63  ? 0.619   15.327  -4.604  1.00 19.28 ? 63  ILE A CD1 1 
ATOM   446  N N   . VAL A 1 64  ? 4.310   11.462  -2.518  1.00 13.84 ? 64  VAL A N   1 
ATOM   447  C CA  . VAL A 1 64  ? 4.533   10.129  -1.944  1.00 13.38 ? 64  VAL A CA  1 
ATOM   448  C C   . VAL A 1 64  ? 5.993   9.687   -1.962  1.00 14.66 ? 64  VAL A C   1 
ATOM   449  O O   . VAL A 1 64  ? 6.326   8.606   -1.468  1.00 13.68 ? 64  VAL A O   1 
ATOM   450  C CB  . VAL A 1 64  ? 3.731   9.027   -2.693  1.00 13.08 ? 64  VAL A CB  1 
ATOM   451  C CG1 . VAL A 1 64  ? 2.231   9.280   -2.565  1.00 16.74 ? 64  VAL A CG1 1 
ATOM   452  C CG2 . VAL A 1 64  ? 4.164   8.967   -4.168  1.00 8.00  ? 64  VAL A CG2 1 
ATOM   453  N N   . ALA A 1 65  ? 6.862   10.519  -2.524  1.00 14.98 ? 65  ALA A N   1 
ATOM   454  C CA  . ALA A 1 65  ? 8.281   10.184  -2.630  1.00 16.15 ? 65  ALA A CA  1 
ATOM   455  C C   . ALA A 1 65  ? 8.951   9.777   -1.319  1.00 14.51 ? 65  ALA A C   1 
ATOM   456  O O   . ALA A 1 65  ? 9.906   8.999   -1.325  1.00 16.46 ? 65  ALA A O   1 
ATOM   457  C CB  . ALA A 1 65  ? 9.042   11.346  -3.262  1.00 15.16 ? 65  ALA A CB  1 
ATOM   458  N N   . HIS A 1 66  ? 8.462   10.303  -0.202  1.00 15.99 ? 66  HIS A N   1 
ATOM   459  C CA  . HIS A 1 66  ? 9.040   9.988   1.105   1.00 17.41 ? 66  HIS A CA  1 
ATOM   460  C C   . HIS A 1 66  ? 8.643   8.616   1.650   1.00 17.25 ? 66  HIS A C   1 
ATOM   461  O O   . HIS A 1 66  ? 9.315   8.081   2.533   1.00 16.47 ? 66  HIS A O   1 
ATOM   462  C CB  . HIS A 1 66  ? 8.617   11.034  2.132   1.00 16.25 ? 66  HIS A CB  1 
ATOM   463  C CG  . HIS A 1 66  ? 7.154   11.000  2.447   1.00 17.50 ? 66  HIS A CG  1 
ATOM   464  N ND1 . HIS A 1 66  ? 6.193   11.460  1.570   1.00 16.94 ? 66  HIS A ND1 1 
ATOM   465  C CD2 . HIS A 1 66  ? 6.485   10.533  3.527   1.00 18.27 ? 66  HIS A CD2 1 
ATOM   466  C CE1 . HIS A 1 66  ? 4.996   11.277  2.097   1.00 18.71 ? 66  HIS A CE1 1 
ATOM   467  N NE2 . HIS A 1 66  ? 5.144   10.716  3.284   1.00 17.11 ? 66  HIS A NE2 1 
ATOM   468  N N   . LEU A 1 67  ? 7.556   8.047   1.136   1.00 17.26 ? 67  LEU A N   1 
ATOM   469  C CA  . LEU A 1 67  ? 7.084   6.753   1.637   1.00 17.26 ? 67  LEU A CA  1 
ATOM   470  C C   . LEU A 1 67  ? 7.976   5.530   1.441   1.00 17.16 ? 67  LEU A C   1 
ATOM   471  O O   . LEU A 1 67  ? 8.146   4.741   2.369   1.00 16.58 ? 67  LEU A O   1 
ATOM   472  C CB  . LEU A 1 67  ? 5.678   6.462   1.104   1.00 13.96 ? 67  LEU A CB  1 
ATOM   473  C CG  . LEU A 1 67  ? 4.568   7.302   1.746   1.00 16.59 ? 67  LEU A CG  1 
ATOM   474  C CD1 . LEU A 1 67  ? 3.250   7.052   1.025   1.00 13.78 ? 67  LEU A CD1 1 
ATOM   475  C CD2 . LEU A 1 67  ? 4.443   6.946   3.230   1.00 15.94 ? 67  LEU A CD2 1 
ATOM   476  N N   . PRO A 1 68  ? 8.541   5.329   0.240   1.00 17.40 ? 68  PRO A N   1 
ATOM   477  C CA  . PRO A 1 68  ? 9.391   4.138   0.123   1.00 18.92 ? 68  PRO A CA  1 
ATOM   478  C C   . PRO A 1 68  ? 10.544  4.145   1.136   1.00 19.96 ? 68  PRO A C   1 
ATOM   479  O O   . PRO A 1 68  ? 10.743  3.174   1.865   1.00 19.98 ? 68  PRO A O   1 
ATOM   480  C CB  . PRO A 1 68  ? 9.866   4.198   -1.333  1.00 17.87 ? 68  PRO A CB  1 
ATOM   481  C CG  . PRO A 1 68  ? 8.680   4.824   -2.028  1.00 16.13 ? 68  PRO A CG  1 
ATOM   482  C CD  . PRO A 1 68  ? 8.337   5.960   -1.075  1.00 16.59 ? 68  PRO A CD  1 
ATOM   483  N N   . PRO A 1 69  ? 11.315  5.244   1.203   1.00 21.66 ? 69  PRO A N   1 
ATOM   484  C CA  . PRO A 1 69  ? 12.416  5.261   2.171   1.00 22.50 ? 69  PRO A CA  1 
ATOM   485  C C   . PRO A 1 69  ? 11.943  5.177   3.627   1.00 22.51 ? 69  PRO A C   1 
ATOM   486  O O   . PRO A 1 69  ? 12.611  4.569   4.467   1.00 22.20 ? 69  PRO A O   1 
ATOM   487  C CB  . PRO A 1 69  ? 13.138  6.573   1.852   1.00 22.52 ? 69  PRO A CB  1 
ATOM   488  C CG  . PRO A 1 69  ? 12.044  7.441   1.291   1.00 22.59 ? 69  PRO A CG  1 
ATOM   489  C CD  . PRO A 1 69  ? 11.306  6.477   0.396   1.00 20.88 ? 69  PRO A CD  1 
ATOM   490  N N   . LEU A 1 70  ? 10.796  5.779   3.930   1.00 22.29 ? 70  LEU A N   1 
ATOM   491  C CA  . LEU A 1 70  ? 10.281  5.734   5.298   1.00 21.17 ? 70  LEU A CA  1 
ATOM   492  C C   . LEU A 1 70  ? 9.896   4.306   5.672   1.00 21.05 ? 70  LEU A C   1 
ATOM   493  O O   . LEU A 1 70  ? 10.228  3.834   6.762   1.00 21.24 ? 70  LEU A O   1 
ATOM   494  C CB  . LEU A 1 70  ? 9.063   6.645   5.467   1.00 20.90 ? 70  LEU A CB  1 
ATOM   495  C CG  . LEU A 1 70  ? 8.484   6.666   6.887   1.00 20.21 ? 70  LEU A CG  1 
ATOM   496  C CD1 . LEU A 1 70  ? 9.495   7.288   7.838   1.00 21.02 ? 70  LEU A CD1 1 
ATOM   497  C CD2 . LEU A 1 70  ? 7.185   7.456   6.910   1.00 20.66 ? 70  LEU A CD2 1 
ATOM   498  N N   . CYS A 1 71  ? 9.201   3.618   4.769   1.00 20.48 ? 71  CYS A N   1 
ATOM   499  C CA  . CYS A 1 71  ? 8.787   2.245   5.030   1.00 20.49 ? 71  CYS A CA  1 
ATOM   500  C C   . CYS A 1 71  ? 9.997   1.335   5.245   1.00 23.13 ? 71  CYS A C   1 
ATOM   501  O O   . CYS A 1 71  ? 9.945   0.407   6.054   1.00 23.58 ? 71  CYS A O   1 
ATOM   502  C CB  . CYS A 1 71  ? 7.928   1.713   3.882   1.00 18.92 ? 71  CYS A CB  1 
ATOM   503  S SG  . CYS A 1 71  ? 6.273   2.450   3.787   1.00 17.74 ? 71  CYS A SG  1 
ATOM   504  N N   . GLU A 1 72  ? 11.083  1.598   4.525   1.00 23.94 ? 72  GLU A N   1 
ATOM   505  C CA  . GLU A 1 72  ? 12.292  0.793   4.674   1.00 26.39 ? 72  GLU A CA  1 
ATOM   506  C C   . GLU A 1 72  ? 12.974  1.114   6.003   1.00 27.41 ? 72  GLU A C   1 
ATOM   507  O O   . GLU A 1 72  ? 13.472  0.220   6.688   1.00 29.86 ? 72  GLU A O   1 
ATOM   508  C CB  . GLU A 1 72  ? 13.251  1.043   3.502   1.00 27.02 ? 72  GLU A CB  1 
ATOM   509  C CG  . GLU A 1 72  ? 12.800  0.395   2.196   1.00 29.18 ? 72  GLU A CG  1 
ATOM   510  C CD  . GLU A 1 72  ? 13.778  0.614   1.045   1.00 31.62 ? 72  GLU A CD  1 
ATOM   511  O OE1 . GLU A 1 72  ? 14.971  0.272   1.187   1.00 30.64 ? 72  GLU A OE1 1 
ATOM   512  O OE2 . GLU A 1 72  ? 13.346  1.123   -0.011  1.00 30.73 ? 72  GLU A OE2 1 
ATOM   513  N N   . GLU A 1 73  ? 12.983  2.391   6.365   1.00 28.55 ? 73  GLU A N   1 
ATOM   514  C CA  . GLU A 1 73  ? 13.584  2.847   7.614   1.00 29.98 ? 73  GLU A CA  1 
ATOM   515  C C   . GLU A 1 73  ? 12.836  2.273   8.822   1.00 29.98 ? 73  GLU A C   1 
ATOM   516  O O   . GLU A 1 73  ? 13.429  2.027   9.873   1.00 30.09 ? 73  GLU A O   1 
ATOM   517  C CB  . GLU A 1 73  ? 13.565  4.379   7.653   1.00 32.96 ? 73  GLU A CB  1 
ATOM   518  C CG  . GLU A 1 73  ? 13.596  5.006   9.043   1.00 38.59 ? 73  GLU A CG  1 
ATOM   519  C CD  . GLU A 1 73  ? 13.348  6.511   9.005   1.00 42.82 ? 73  GLU A CD  1 
ATOM   520  O OE1 . GLU A 1 73  ? 13.108  7.113   10.076  1.00 46.01 ? 73  GLU A OE1 1 
ATOM   521  O OE2 . GLU A 1 73  ? 13.394  7.097   7.901   1.00 42.87 ? 73  GLU A OE2 1 
ATOM   522  N N   . LYS A 1 74  ? 11.535  2.054   8.662   1.00 27.93 ? 74  LYS A N   1 
ATOM   523  C CA  . LYS A 1 74  ? 10.699  1.520   9.735   1.00 27.07 ? 74  LYS A CA  1 
ATOM   524  C C   . LYS A 1 74  ? 10.433  0.029   9.557   1.00 25.88 ? 74  LYS A C   1 
ATOM   525  O O   . LYS A 1 74  ? 9.801   -0.610  10.402  1.00 25.05 ? 74  LYS A O   1 
ATOM   526  C CB  . LYS A 1 74  ? 9.369   2.272   9.779   1.00 27.23 ? 74  LYS A CB  1 
ATOM   527  C CG  . LYS A 1 74  ? 9.506   3.761   10.052  1.00 27.71 ? 74  LYS A CG  1 
ATOM   528  C CD  . LYS A 1 74  ? 10.125  4.005   11.415  1.00 28.67 ? 74  LYS A CD  1 
ATOM   529  C CE  . LYS A 1 74  ? 10.111  5.475   11.777  1.00 30.95 ? 74  LYS A CE  1 
ATOM   530  N NZ  . LYS A 1 74  ? 10.644  5.679   13.147  1.00 33.85 ? 74  LYS A NZ  1 
ATOM   531  N N   . GLU A 1 75  ? 10.916  -0.514  8.446   1.00 24.57 ? 75  GLU A N   1 
ATOM   532  C CA  . GLU A 1 75  ? 10.744  -1.919  8.124   1.00 24.50 ? 75  GLU A CA  1 
ATOM   533  C C   . GLU A 1 75  ? 9.262   -2.321  8.051   1.00 24.89 ? 75  GLU A C   1 
ATOM   534  O O   . GLU A 1 75  ? 8.838   -3.321  8.638   1.00 25.32 ? 75  GLU A O   1 
ATOM   535  C CB  . GLU A 1 75  ? 11.505  -2.779  9.141   1.00 25.93 ? 75  GLU A CB  1 
ATOM   536  C CG  . GLU A 1 75  ? 11.544  -4.257  8.808   1.00 28.52 ? 75  GLU A CG  1 
ATOM   537  C CD  . GLU A 1 75  ? 12.587  -5.018  9.618   1.00 30.03 ? 75  GLU A CD  1 
ATOM   538  O OE1 . GLU A 1 75  ? 12.300  -6.166  10.023  1.00 28.92 ? 75  GLU A OE1 1 
ATOM   539  O OE2 . GLU A 1 75  ? 13.695  -4.477  9.837   1.00 28.90 ? 75  GLU A OE2 1 
ATOM   540  N N   . ILE A 1 76  ? 8.484   -1.520  7.326   1.00 23.30 ? 76  ILE A N   1 
ATOM   541  C CA  . ILE A 1 76  ? 7.056   -1.773  7.117   1.00 19.38 ? 76  ILE A CA  1 
ATOM   542  C C   . ILE A 1 76  ? 6.920   -2.190  5.654   1.00 20.47 ? 76  ILE A C   1 
ATOM   543  O O   . ILE A 1 76  ? 7.444   -1.518  4.762   1.00 19.91 ? 76  ILE A O   1 
ATOM   544  C CB  . ILE A 1 76  ? 6.209   -0.498  7.348   1.00 19.64 ? 76  ILE A CB  1 
ATOM   545  C CG1 . ILE A 1 76  ? 6.304   -0.065  8.810   1.00 21.64 ? 76  ILE A CG1 1 
ATOM   546  C CG2 . ILE A 1 76  ? 4.747   -0.755  6.969   1.00 18.76 ? 76  ILE A CG2 1 
ATOM   547  C CD1 . ILE A 1 76  ? 5.750   -1.073  9.783   1.00 22.45 ? 76  ILE A CD1 1 
ATOM   548  N N   . PRO A 1 77  ? 6.230   -3.308  5.385   1.00 20.03 ? 77  PRO A N   1 
ATOM   549  C CA  . PRO A 1 77  ? 6.049   -3.791  4.013   1.00 20.22 ? 77  PRO A CA  1 
ATOM   550  C C   . PRO A 1 77  ? 5.310   -2.790  3.128   1.00 20.25 ? 77  PRO A C   1 
ATOM   551  O O   . PRO A 1 77  ? 4.311   -2.202  3.547   1.00 18.93 ? 77  PRO A O   1 
ATOM   552  C CB  . PRO A 1 77  ? 5.240   -5.072  4.199   1.00 20.02 ? 77  PRO A CB  1 
ATOM   553  C CG  . PRO A 1 77  ? 5.626   -5.527  5.568   1.00 19.89 ? 77  PRO A CG  1 
ATOM   554  C CD  . PRO A 1 77  ? 5.626   -4.242  6.347   1.00 20.42 ? 77  PRO A CD  1 
ATOM   555  N N   . TYR A 1 78  ? 5.799   -2.599  1.905   1.00 18.90 ? 78  TYR A N   1 
ATOM   556  C CA  . TYR A 1 78  ? 5.145   -1.685  0.980   1.00 18.98 ? 78  TYR A CA  1 
ATOM   557  C C   . TYR A 1 78  ? 5.196   -2.231  -0.437  1.00 17.58 ? 78  TYR A C   1 
ATOM   558  O O   . TYR A 1 78  ? 6.117   -2.965  -0.803  1.00 17.27 ? 78  TYR A O   1 
ATOM   559  C CB  . TYR A 1 78  ? 5.781   -0.287  1.052   1.00 18.30 ? 78  TYR A CB  1 
ATOM   560  C CG  . TYR A 1 78  ? 7.130   -0.136  0.377   1.00 20.28 ? 78  TYR A CG  1 
ATOM   561  C CD1 . TYR A 1 78  ? 7.230   0.333   -0.935  1.00 19.24 ? 78  TYR A CD1 1 
ATOM   562  C CD2 . TYR A 1 78  ? 8.307   -0.432  1.063   1.00 21.54 ? 78  TYR A CD2 1 
ATOM   563  C CE1 . TYR A 1 78  ? 8.476   0.510   -1.548  1.00 20.05 ? 78  TYR A CE1 1 
ATOM   564  C CE2 . TYR A 1 78  ? 9.555   -0.260  0.466   1.00 22.92 ? 78  TYR A CE2 1 
ATOM   565  C CZ  . TYR A 1 78  ? 9.634   0.212   -0.839  1.00 23.24 ? 78  TYR A CZ  1 
ATOM   566  O OH  . TYR A 1 78  ? 10.870  0.387   -1.420  1.00 23.30 ? 78  TYR A OH  1 
ATOM   567  N N   . ILE A 1 79  ? 4.193   -1.882  -1.231  1.00 14.47 ? 79  ILE A N   1 
ATOM   568  C CA  . ILE A 1 79  ? 4.130   -2.350  -2.604  1.00 15.04 ? 79  ILE A CA  1 
ATOM   569  C C   . ILE A 1 79  ? 3.472   -1.310  -3.492  1.00 14.22 ? 79  ILE A C   1 
ATOM   570  O O   . ILE A 1 79  ? 2.617   -0.541  -3.044  1.00 15.21 ? 79  ILE A O   1 
ATOM   571  C CB  . ILE A 1 79  ? 3.338   -3.681  -2.699  1.00 16.23 ? 79  ILE A CB  1 
ATOM   572  C CG1 . ILE A 1 79  ? 3.330   -4.182  -4.144  1.00 15.28 ? 79  ILE A CG1 1 
ATOM   573  C CG2 . ILE A 1 79  ? 1.928   -3.483  -2.172  1.00 17.54 ? 79  ILE A CG2 1 
ATOM   574  C CD1 . ILE A 1 79  ? 2.671   -5.538  -4.325  1.00 17.67 ? 79  ILE A CD1 1 
ATOM   575  N N   . TYR A 1 80  ? 3.872   -1.290  -4.758  1.00 13.86 ? 80  TYR A N   1 
ATOM   576  C CA  . TYR A 1 80  ? 3.308   -0.345  -5.706  1.00 12.88 ? 80  TYR A CA  1 
ATOM   577  C C   . TYR A 1 80  ? 2.179   -0.957  -6.518  1.00 12.19 ? 80  TYR A C   1 
ATOM   578  O O   . TYR A 1 80  ? 2.181   -2.156  -6.797  1.00 12.53 ? 80  TYR A O   1 
ATOM   579  C CB  . TYR A 1 80  ? 4.366   0.138   -6.703  1.00 13.21 ? 80  TYR A CB  1 
ATOM   580  C CG  . TYR A 1 80  ? 5.620   0.713   -6.088  1.00 14.92 ? 80  TYR A CG  1 
ATOM   581  C CD1 . TYR A 1 80  ? 6.748   -0.081  -5.886  1.00 12.13 ? 80  TYR A CD1 1 
ATOM   582  C CD2 . TYR A 1 80  ? 5.686   2.057   -5.725  1.00 12.15 ? 80  TYR A CD2 1 
ATOM   583  C CE1 . TYR A 1 80  ? 7.912   0.452   -5.339  1.00 13.55 ? 80  TYR A CE1 1 
ATOM   584  C CE2 . TYR A 1 80  ? 6.842   2.596   -5.177  1.00 13.80 ? 80  TYR A CE2 1 
ATOM   585  C CZ  . TYR A 1 80  ? 7.951   1.791   -4.988  1.00 14.32 ? 80  TYR A CZ  1 
ATOM   586  O OH  . TYR A 1 80  ? 9.100   2.328   -4.449  1.00 15.62 ? 80  TYR A OH  1 
ATOM   587  N N   . VAL A 1 81  ? 1.219   -0.111  -6.879  1.00 11.97 ? 81  VAL A N   1 
ATOM   588  C CA  . VAL A 1 81  ? 0.100   -0.478  -7.738  1.00 12.51 ? 81  VAL A CA  1 
ATOM   589  C C   . VAL A 1 81  ? 0.194   0.598   -8.816  1.00 14.17 ? 81  VAL A C   1 
ATOM   590  O O   . VAL A 1 81  ? 0.557   1.746   -8.527  1.00 12.25 ? 81  VAL A O   1 
ATOM   591  C CB  . VAL A 1 81  ? -1.269  -0.434  -7.011  1.00 14.46 ? 81  VAL A CB  1 
ATOM   592  C CG1 . VAL A 1 81  ? -1.344  -1.570  -5.997  1.00 15.00 ? 81  VAL A CG1 1 
ATOM   593  C CG2 . VAL A 1 81  ? -1.482  0.912   -6.334  1.00 13.04 ? 81  VAL A CG2 1 
ATOM   594  N N   . PRO A 1 82  ? -0.124  0.251   -10.070 1.00 14.66 ? 82  PRO A N   1 
ATOM   595  C CA  . PRO A 1 82  ? -0.043  1.204   -11.180 1.00 15.67 ? 82  PRO A CA  1 
ATOM   596  C C   . PRO A 1 82  ? -0.989  2.399   -11.228 1.00 16.08 ? 82  PRO A C   1 
ATOM   597  O O   . PRO A 1 82  ? -0.636  3.438   -11.787 1.00 18.47 ? 82  PRO A O   1 
ATOM   598  C CB  . PRO A 1 82  ? -0.204  0.308   -12.404 1.00 15.05 ? 82  PRO A CB  1 
ATOM   599  C CG  . PRO A 1 82  ? -1.181  -0.712  -11.921 1.00 16.88 ? 82  PRO A CG  1 
ATOM   600  C CD  . PRO A 1 82  ? -0.675  -1.040  -10.528 1.00 15.79 ? 82  PRO A CD  1 
ATOM   601  N N   . SER A 1 83  ? -2.172  2.273   -10.639 1.00 15.48 ? 83  SER A N   1 
ATOM   602  C CA  . SER A 1 83  ? -3.146  3.360   -10.711 1.00 14.16 ? 83  SER A CA  1 
ATOM   603  C C   . SER A 1 83  ? -3.728  3.903   -9.408  1.00 14.75 ? 83  SER A C   1 
ATOM   604  O O   . SER A 1 83  ? -4.382  3.175   -8.648  1.00 12.23 ? 83  SER A O   1 
ATOM   605  C CB  . SER A 1 83  ? -4.299  2.929   -11.625 1.00 13.36 ? 83  SER A CB  1 
ATOM   606  O OG  . SER A 1 83  ? -5.423  3.778   -11.476 1.00 13.71 ? 83  SER A OG  1 
ATOM   607  N N   . LYS A 1 84  ? -3.505  5.193   -9.166  1.00 12.14 ? 84  LYS A N   1 
ATOM   608  C CA  . LYS A 1 84  ? -4.049  5.830   -7.978  1.00 13.49 ? 84  LYS A CA  1 
ATOM   609  C C   . LYS A 1 84  ? -5.580  5.808   -8.060  1.00 14.10 ? 84  LYS A C   1 
ATOM   610  O O   . LYS A 1 84  ? -6.265  5.743   -7.041  1.00 14.47 ? 84  LYS A O   1 
ATOM   611  C CB  . LYS A 1 84  ? -3.521  7.263   -7.843  1.00 14.57 ? 84  LYS A CB  1 
ATOM   612  C CG  . LYS A 1 84  ? -3.766  8.188   -9.026  1.00 13.08 ? 84  LYS A CG  1 
ATOM   613  C CD  . LYS A 1 84  ? -3.032  9.508   -8.788  1.00 16.92 ? 84  LYS A CD  1 
ATOM   614  C CE  . LYS A 1 84  ? -3.361  10.568  -9.829  1.00 17.57 ? 84  LYS A CE  1 
ATOM   615  N NZ  . LYS A 1 84  ? -2.863  10.203  -11.172 1.00 20.82 ? 84  LYS A NZ  1 
ATOM   616  N N   . LYS A 1 85  ? -6.111  5.842   -9.280  1.00 14.26 ? 85  LYS A N   1 
ATOM   617  C CA  . LYS A 1 85  ? -7.562  5.793   -9.483  1.00 15.68 ? 85  LYS A CA  1 
ATOM   618  C C   . LYS A 1 85  ? -8.112  4.454   -8.984  1.00 14.29 ? 85  LYS A C   1 
ATOM   619  O O   . LYS A 1 85  ? -9.094  4.408   -8.242  1.00 14.08 ? 85  LYS A O   1 
ATOM   620  C CB  . LYS A 1 85  ? -7.894  5.976   -10.973 1.00 16.27 ? 85  LYS A CB  1 
ATOM   621  C CG  . LYS A 1 85  ? -9.355  5.724   -11.353 1.00 18.79 ? 85  LYS A CG  1 
ATOM   622  C CD  . LYS A 1 85  ? -10.298 6.748   -10.744 1.00 21.69 ? 85  LYS A CD  1 
ATOM   623  C CE  . LYS A 1 85  ? -11.717 6.567   -11.274 1.00 24.35 ? 85  LYS A CE  1 
ATOM   624  N NZ  . LYS A 1 85  ? -12.667 7.568   -10.714 1.00 22.98 ? 85  LYS A NZ  1 
ATOM   625  N N   . GLU A 1 86  ? -7.477  3.357   -9.385  1.00 15.03 ? 86  GLU A N   1 
ATOM   626  C CA  . GLU A 1 86  ? -7.934  2.043   -8.952  1.00 16.79 ? 86  GLU A CA  1 
ATOM   627  C C   . GLU A 1 86  ? -7.640  1.803   -7.472  1.00 16.88 ? 86  GLU A C   1 
ATOM   628  O O   . GLU A 1 86  ? -8.359  1.057   -6.809  1.00 14.91 ? 86  GLU A O   1 
ATOM   629  C CB  . GLU A 1 86  ? -7.301  0.945   -9.809  1.00 20.77 ? 86  GLU A CB  1 
ATOM   630  C CG  . GLU A 1 86  ? -7.844  0.914   -11.230 1.00 27.61 ? 86  GLU A CG  1 
ATOM   631  C CD  . GLU A 1 86  ? -9.353  0.726   -11.266 1.00 33.02 ? 86  GLU A CD  1 
ATOM   632  O OE1 . GLU A 1 86  ? -9.831  -0.363  -10.881 1.00 35.02 ? 86  GLU A OE1 1 
ATOM   633  O OE2 . GLU A 1 86  ? -10.066 1.670   -11.674 1.00 36.92 ? 86  GLU A OE2 1 
ATOM   634  N N   . LEU A 1 87  ? -6.588  2.435   -6.952  1.00 14.16 ? 87  LEU A N   1 
ATOM   635  C CA  . LEU A 1 87  ? -6.257  2.276   -5.536  1.00 14.00 ? 87  LEU A CA  1 
ATOM   636  C C   . LEU A 1 87  ? -7.368  2.942   -4.734  1.00 14.82 ? 87  LEU A C   1 
ATOM   637  O O   . LEU A 1 87  ? -7.843  2.399   -3.737  1.00 12.56 ? 87  LEU A O   1 
ATOM   638  C CB  . LEU A 1 87  ? -4.908  2.928   -5.201  1.00 12.24 ? 87  LEU A CB  1 
ATOM   639  C CG  . LEU A 1 87  ? -4.490  2.857   -3.727  1.00 12.93 ? 87  LEU A CG  1 
ATOM   640  C CD1 . LEU A 1 87  ? -4.551  1.396   -3.238  1.00 10.97 ? 87  LEU A CD1 1 
ATOM   641  C CD2 . LEU A 1 87  ? -3.085  3.412   -3.556  1.00 12.42 ? 87  LEU A CD2 1 
ATOM   642  N N   . GLY A 1 88  ? -7.780  4.122   -5.183  1.00 15.06 ? 88  GLY A N   1 
ATOM   643  C CA  . GLY A 1 88  ? -8.847  4.832   -4.504  1.00 18.08 ? 88  GLY A CA  1 
ATOM   644  C C   . GLY A 1 88  ? -10.117 4.006   -4.556  1.00 17.71 ? 88  GLY A C   1 
ATOM   645  O O   . GLY A 1 88  ? -10.840 3.895   -3.564  1.00 18.82 ? 88  GLY A O   1 
ATOM   646  N N   . ALA A 1 89  ? -10.383 3.415   -5.718  1.00 18.67 ? 89  ALA A N   1 
ATOM   647  C CA  . ALA A 1 89  ? -11.572 2.588   -5.907  1.00 18.93 ? 89  ALA A CA  1 
ATOM   648  C C   . ALA A 1 89  ? -11.550 1.405   -4.947  1.00 19.19 ? 89  ALA A C   1 
ATOM   649  O O   . ALA A 1 89  ? -12.561 1.079   -4.325  1.00 20.35 ? 89  ALA A O   1 
ATOM   650  C CB  . ALA A 1 89  ? -11.645 2.097   -7.354  1.00 20.55 ? 89  ALA A CB  1 
ATOM   651  N N   . ALA A 1 90  ? -10.393 0.764   -4.826  1.00 17.67 ? 90  ALA A N   1 
ATOM   652  C CA  . ALA A 1 90  ? -10.251 -0.375  -3.925  1.00 16.06 ? 90  ALA A CA  1 
ATOM   653  C C   . ALA A 1 90  ? -10.437 0.094   -2.484  1.00 16.13 ? 90  ALA A C   1 
ATOM   654  O O   . ALA A 1 90  ? -10.984 -0.627  -1.653  1.00 14.05 ? 90  ALA A O   1 
ATOM   655  C CB  . ALA A 1 90  ? -8.876  -1.011  -4.097  1.00 16.89 ? 90  ALA A CB  1 
ATOM   656  N N   . ALA A 1 91  ? -9.983  1.312   -2.202  1.00 13.76 ? 91  ALA A N   1 
ATOM   657  C CA  . ALA A 1 91  ? -10.086 1.890   -0.865  1.00 16.13 ? 91  ALA A CA  1 
ATOM   658  C C   . ALA A 1 91  ? -11.501 2.364   -0.545  1.00 16.40 ? 91  ALA A C   1 
ATOM   659  O O   . ALA A 1 91  ? -11.786 2.748   0.587   1.00 16.10 ? 91  ALA A O   1 
ATOM   660  C CB  . ALA A 1 91  ? -9.102  3.048   -0.717  1.00 14.39 ? 91  ALA A CB  1 
ATOM   661  N N   . GLY A 1 92  ? -12.376 2.355   -1.546  1.00 16.93 ? 92  GLY A N   1 
ATOM   662  C CA  . GLY A 1 92  ? -13.750 2.759   -1.315  1.00 19.44 ? 92  GLY A CA  1 
ATOM   663  C C   . GLY A 1 92  ? -14.179 4.145   -1.753  1.00 20.91 ? 92  GLY A C   1 
ATOM   664  O O   . GLY A 1 92  ? -15.289 4.567   -1.432  1.00 21.03 ? 92  GLY A O   1 
ATOM   665  N N   . ILE A 1 93  ? -13.322 4.868   -2.467  1.00 21.61 ? 93  ILE A N   1 
ATOM   666  C CA  . ILE A 1 93  ? -13.689 6.202   -2.928  1.00 22.54 ? 93  ILE A CA  1 
ATOM   667  C C   . ILE A 1 93  ? -13.690 6.264   -4.452  1.00 23.74 ? 93  ILE A C   1 
ATOM   668  O O   . ILE A 1 93  ? -12.971 5.518   -5.117  1.00 23.65 ? 93  ILE A O   1 
ATOM   669  C CB  . ILE A 1 93  ? -12.751 7.295   -2.349  1.00 22.35 ? 93  ILE A CB  1 
ATOM   670  C CG1 . ILE A 1 93  ? -11.297 7.029   -2.746  1.00 21.23 ? 93  ILE A CG1 1 
ATOM   671  C CG2 . ILE A 1 93  ? -12.882 7.330   -0.831  1.00 22.57 ? 93  ILE A CG2 1 
ATOM   672  C CD1 . ILE A 1 93  ? -10.319 8.050   -2.199  1.00 21.79 ? 93  ILE A CD1 1 
ATOM   673  N N   . GLU A 1 94  ? -14.515 7.151   -4.996  1.00 24.68 ? 94  GLU A N   1 
ATOM   674  C CA  . GLU A 1 94  ? -14.646 7.297   -6.437  1.00 25.35 ? 94  GLU A CA  1 
ATOM   675  C C   . GLU A 1 94  ? -13.503 8.052   -7.084  1.00 23.66 ? 94  GLU A C   1 
ATOM   676  O O   . GLU A 1 94  ? -13.433 8.140   -8.308  1.00 23.52 ? 94  GLU A O   1 
ATOM   677  C CB  . GLU A 1 94  ? -15.959 8.001   -6.776  1.00 28.99 ? 94  GLU A CB  1 
ATOM   678  C CG  . GLU A 1 94  ? -17.186 7.309   -6.230  1.00 34.40 ? 94  GLU A CG  1 
ATOM   679  C CD  . GLU A 1 94  ? -18.464 7.857   -6.828  1.00 37.69 ? 94  GLU A CD  1 
ATOM   680  O OE1 . GLU A 1 94  ? -18.718 7.593   -8.024  1.00 39.30 ? 94  GLU A OE1 1 
ATOM   681  O OE2 . GLU A 1 94  ? -19.206 8.558   -6.105  1.00 41.00 ? 94  GLU A OE2 1 
ATOM   682  N N   . VAL A 1 95  ? -12.620 8.611   -6.269  1.00 19.89 ? 95  VAL A N   1 
ATOM   683  C CA  . VAL A 1 95  ? -11.492 9.352   -6.796  1.00 19.43 ? 95  VAL A CA  1 
ATOM   684  C C   . VAL A 1 95  ? -10.184 8.685   -6.406  1.00 17.07 ? 95  VAL A C   1 
ATOM   685  O O   . VAL A 1 95  ? -10.169 7.732   -5.627  1.00 16.98 ? 95  VAL A O   1 
ATOM   686  C CB  . VAL A 1 95  ? -11.504 10.815  -6.308  1.00 20.68 ? 95  VAL A CB  1 
ATOM   687  C CG1 . VAL A 1 95  ? -12.644 11.568  -6.983  1.00 19.84 ? 95  VAL A CG1 1 
ATOM   688  C CG2 . VAL A 1 95  ? -11.647 10.864  -4.792  1.00 20.31 ? 95  VAL A CG2 1 
ATOM   689  N N   . ALA A 1 96  ? -9.090  9.186   -6.959  1.00 15.71 ? 96  ALA A N   1 
ATOM   690  C CA  . ALA A 1 96  ? -7.776  8.624   -6.695  1.00 18.50 ? 96  ALA A CA  1 
ATOM   691  C C   . ALA A 1 96  ? -7.333  8.702   -5.242  1.00 17.21 ? 96  ALA A C   1 
ATOM   692  O O   . ALA A 1 96  ? -7.784  9.557   -4.484  1.00 16.09 ? 96  ALA A O   1 
ATOM   693  C CB  . ALA A 1 96  ? -6.740  9.306   -7.572  1.00 14.80 ? 96  ALA A CB  1 
ATOM   694  N N   . ALA A 1 97  ? -6.455  7.771   -4.877  1.00 16.10 ? 97  ALA A N   1 
ATOM   695  C CA  . ALA A 1 97  ? -5.846  7.701   -3.554  1.00 14.95 ? 97  ALA A CA  1 
ATOM   696  C C   . ALA A 1 97  ? -4.364  7.483   -3.873  1.00 13.65 ? 97  ALA A C   1 
ATOM   697  O O   . ALA A 1 97  ? -4.014  6.522   -4.553  1.00 12.60 ? 97  ALA A O   1 
ATOM   698  C CB  . ALA A 1 97  ? -6.403  6.523   -2.772  1.00 17.06 ? 97  ALA A CB  1 
ATOM   699  N N   . ALA A 1 98  ? -3.500  8.380   -3.405  1.00 13.71 ? 98  ALA A N   1 
ATOM   700  C CA  . ALA A 1 98  ? -2.063  8.280   -3.678  1.00 12.99 ? 98  ALA A CA  1 
ATOM   701  C C   . ALA A 1 98  ? -1.416  7.121   -2.931  1.00 13.67 ? 98  ALA A C   1 
ATOM   702  O O   . ALA A 1 98  ? -0.495  6.471   -3.433  1.00 11.04 ? 98  ALA A O   1 
ATOM   703  C CB  . ALA A 1 98  ? -1.367  9.594   -3.308  1.00 12.41 ? 98  ALA A CB  1 
ATOM   704  N N   . SER A 1 99  ? -1.894  6.877   -1.719  1.00 13.17 ? 99  SER A N   1 
ATOM   705  C CA  . SER A 1 99  ? -1.371  5.792   -0.911  1.00 12.81 ? 99  SER A CA  1 
ATOM   706  C C   . SER A 1 99  ? -2.442  5.311   0.043   1.00 12.85 ? 99  SER A C   1 
ATOM   707  O O   . SER A 1 99  ? -3.390  6.035   0.356   1.00 13.47 ? 99  SER A O   1 
ATOM   708  C CB  . SER A 1 99  ? -0.153  6.260   -0.110  1.00 14.21 ? 99  SER A CB  1 
ATOM   709  O OG  . SER A 1 99  ? -0.516  7.258   0.828   1.00 12.14 ? 99  SER A OG  1 
ATOM   710  N N   . VAL A 1 100 ? -2.285  4.079   0.500   1.00 12.89 ? 100 VAL A N   1 
ATOM   711  C CA  . VAL A 1 100 ? -3.221  3.487   1.441   1.00 13.79 ? 100 VAL A CA  1 
ATOM   712  C C   . VAL A 1 100 ? -2.412  2.649   2.408   1.00 14.03 ? 100 VAL A C   1 
ATOM   713  O O   . VAL A 1 100 ? -1.403  2.061   2.031   1.00 14.30 ? 100 VAL A O   1 
ATOM   714  C CB  . VAL A 1 100 ? -4.253  2.572   0.724   1.00 16.81 ? 100 VAL A CB  1 
ATOM   715  C CG1 . VAL A 1 100 ? -5.024  1.731   1.755   1.00 14.10 ? 100 VAL A CG1 1 
ATOM   716  C CG2 . VAL A 1 100 ? -5.220  3.418   -0.089  1.00 15.96 ? 100 VAL A CG2 1 
ATOM   717  N N   . ALA A 1 101 ? -2.845  2.606   3.661   1.00 15.37 ? 101 ALA A N   1 
ATOM   718  C CA  . ALA A 1 101 ? -2.159  1.805   4.657   1.00 15.35 ? 101 ALA A CA  1 
ATOM   719  C C   . ALA A 1 101 ? -3.158  0.851   5.296   1.00 15.55 ? 101 ALA A C   1 
ATOM   720  O O   . ALA A 1 101 ? -4.194  1.280   5.795   1.00 15.49 ? 101 ALA A O   1 
ATOM   721  C CB  . ALA A 1 101 ? -1.534  2.698   5.716   1.00 15.12 ? 101 ALA A CB  1 
ATOM   722  N N   . ILE A 1 102 ? -2.852  -0.442  5.250   1.00 16.48 ? 102 ILE A N   1 
ATOM   723  C CA  . ILE A 1 102 ? -3.712  -1.451  5.863   1.00 17.83 ? 102 ILE A CA  1 
ATOM   724  C C   . ILE A 1 102 ? -3.269  -1.571  7.319   1.00 19.95 ? 102 ILE A C   1 
ATOM   725  O O   . ILE A 1 102 ? -2.130  -1.951  7.595   1.00 20.58 ? 102 ILE A O   1 
ATOM   726  C CB  . ILE A 1 102 ? -3.568  -2.819  5.155   1.00 17.23 ? 102 ILE A CB  1 
ATOM   727  C CG1 . ILE A 1 102 ? -4.132  -2.727  3.733   1.00 15.65 ? 102 ILE A CG1 1 
ATOM   728  C CG2 . ILE A 1 102 ? -4.281  -3.902  5.959   1.00 16.31 ? 102 ILE A CG2 1 
ATOM   729  C CD1 . ILE A 1 102 ? -4.030  -4.018  2.929   1.00 14.59 ? 102 ILE A CD1 1 
ATOM   730  N N   . ILE A 1 103 ? -4.163  -1.223  8.241   1.00 21.23 ? 103 ILE A N   1 
ATOM   731  C CA  . ILE A 1 103 ? -3.865  -1.269  9.671   1.00 23.59 ? 103 ILE A CA  1 
ATOM   732  C C   . ILE A 1 103 ? -4.286  -2.613  10.258  1.00 25.65 ? 103 ILE A C   1 
ATOM   733  O O   . ILE A 1 103 ? -3.554  -3.221  11.037  1.00 25.26 ? 103 ILE A O   1 
ATOM   734  C CB  . ILE A 1 103 ? -4.605  -0.141  10.432  1.00 24.55 ? 103 ILE A CB  1 
ATOM   735  C CG1 . ILE A 1 103 ? -4.282  1.219   9.804   1.00 25.00 ? 103 ILE A CG1 1 
ATOM   736  C CG2 . ILE A 1 103 ? -4.211  -0.162  11.907  1.00 25.07 ? 103 ILE A CG2 1 
ATOM   737  C CD1 . ILE A 1 103 ? -2.796  1.535   9.719   1.00 23.32 ? 103 ILE A CD1 1 
ATOM   738  N N   . GLU A 1 104 ? -5.480  -3.055  9.881   1.00 26.43 ? 104 GLU A N   1 
ATOM   739  C CA  . GLU A 1 104 ? -6.022  -4.334  10.326  1.00 29.07 ? 104 GLU A CA  1 
ATOM   740  C C   . GLU A 1 104 ? -6.481  -5.069  9.073   1.00 28.09 ? 104 GLU A C   1 
ATOM   741  O O   . GLU A 1 104 ? -7.467  -4.691  8.438   1.00 28.37 ? 104 GLU A O   1 
ATOM   742  C CB  . GLU A 1 104 ? -7.185  -4.108  11.292  1.00 30.90 ? 104 GLU A CB  1 
ATOM   743  C CG  . GLU A 1 104 ? -6.736  -3.757  12.704  1.00 35.72 ? 104 GLU A CG  1 
ATOM   744  C CD  . GLU A 1 104 ? -7.862  -3.225  13.571  1.00 39.15 ? 104 GLU A CD  1 
ATOM   745  O OE1 . GLU A 1 104 ? -8.981  -3.784  13.513  1.00 41.29 ? 104 GLU A OE1 1 
ATOM   746  O OE2 . GLU A 1 104 ? -7.625  -2.251  14.320  1.00 41.74 ? 104 GLU A OE2 1 
ATOM   747  N N   . PRO A 1 105 ? -5.755  -6.128  8.694   1.00 28.55 ? 105 PRO A N   1 
ATOM   748  C CA  . PRO A 1 105 ? -6.043  -6.942  7.514   1.00 29.00 ? 105 PRO A CA  1 
ATOM   749  C C   . PRO A 1 105 ? -7.467  -7.466  7.417   1.00 29.72 ? 105 PRO A C   1 
ATOM   750  O O   . PRO A 1 105 ? -8.013  -7.594  6.322   1.00 29.61 ? 105 PRO A O   1 
ATOM   751  C CB  . PRO A 1 105 ? -5.030  -8.078  7.626   1.00 29.10 ? 105 PRO A CB  1 
ATOM   752  C CG  . PRO A 1 105 ? -3.888  -7.443  8.335   1.00 30.63 ? 105 PRO A CG  1 
ATOM   753  C CD  . PRO A 1 105 ? -4.586  -6.662  9.415   1.00 28.81 ? 105 PRO A CD  1 
ATOM   754  N N   . GLY A 1 106 ? -8.074  -7.762  8.560   1.00 29.50 ? 106 GLY A N   1 
ATOM   755  C CA  . GLY A 1 106 ? -9.416  -8.310  8.532   1.00 30.08 ? 106 GLY A CA  1 
ATOM   756  C C   . GLY A 1 106 ? -9.302  -9.700  7.930   1.00 28.76 ? 106 GLY A C   1 
ATOM   757  O O   . GLY A 1 106 ? -8.457  -10.488 8.350   1.00 29.75 ? 106 GLY A O   1 
ATOM   758  N N   . LYS A 1 107 ? -10.129 -10.006 6.936   1.00 30.00 ? 107 LYS A N   1 
ATOM   759  C CA  . LYS A 1 107 ? -10.074 -11.318 6.305   1.00 29.76 ? 107 LYS A CA  1 
ATOM   760  C C   . LYS A 1 107 ? -8.868  -11.462 5.377   1.00 30.83 ? 107 LYS A C   1 
ATOM   761  O O   . LYS A 1 107 ? -8.565  -12.562 4.909   1.00 29.60 ? 107 LYS A O   1 
ATOM   762  C CB  . LYS A 1 107 ? -11.359 -11.586 5.515   1.00 31.45 ? 107 LYS A CB  1 
ATOM   763  C CG  . LYS A 1 107 ? -12.618 -11.659 6.368   1.00 32.80 ? 107 LYS A CG  1 
ATOM   764  C CD  . LYS A 1 107 ? -13.798 -12.150 5.546   1.00 35.45 ? 107 LYS A CD  1 
ATOM   765  C CE  . LYS A 1 107 ? -15.064 -12.254 6.379   1.00 36.47 ? 107 LYS A CE  1 
ATOM   766  N NZ  . LYS A 1 107 ? -16.193 -12.805 5.570   1.00 36.25 ? 107 LYS A NZ  1 
ATOM   767  N N   . ALA A 1 108 ? -8.177  -10.353 5.121   1.00 29.58 ? 108 ALA A N   1 
ATOM   768  C CA  . ALA A 1 108 ? -7.014  -10.359 4.236   1.00 29.72 ? 108 ALA A CA  1 
ATOM   769  C C   . ALA A 1 108 ? -5.704  -10.607 4.976   1.00 30.17 ? 108 ALA A C   1 
ATOM   770  O O   . ALA A 1 108 ? -4.626  -10.325 4.452   1.00 29.01 ? 108 ALA A O   1 
ATOM   771  C CB  . ALA A 1 108 ? -6.935  -9.036  3.476   1.00 29.80 ? 108 ALA A CB  1 
ATOM   772  N N   . ARG A 1 109 ? -5.791  -11.140 6.190   1.00 31.33 ? 109 ARG A N   1 
ATOM   773  C CA  . ARG A 1 109 ? -4.596  -11.411 6.981   1.00 31.73 ? 109 ARG A CA  1 
ATOM   774  C C   . ARG A 1 109 ? -3.564  -12.246 6.225   1.00 30.18 ? 109 ARG A C   1 
ATOM   775  O O   . ARG A 1 109 ? -2.398  -11.871 6.140   1.00 28.30 ? 109 ARG A O   1 
ATOM   776  C CB  . ARG A 1 109 ? -4.960  -12.130 8.282   1.00 34.53 ? 109 ARG A CB  1 
ATOM   777  C CG  . ARG A 1 109 ? -3.746  -12.456 9.134   1.00 40.20 ? 109 ARG A CG  1 
ATOM   778  C CD  . ARG A 1 109 ? -4.092  -13.340 10.318  1.00 45.12 ? 109 ARG A CD  1 
ATOM   779  N NE  . ARG A 1 109 ? -2.895  -13.698 11.074  1.00 49.98 ? 109 ARG A NE  1 
ATOM   780  C CZ  . ARG A 1 109 ? -2.883  -14.522 12.118  1.00 52.66 ? 109 ARG A CZ  1 
ATOM   781  N NH1 . ARG A 1 109 ? -4.011  -15.085 12.537  1.00 53.61 ? 109 ARG A NH1 1 
ATOM   782  N NH2 . ARG A 1 109 ? -1.740  -14.790 12.738  1.00 53.21 ? 109 ARG A NH2 1 
ATOM   783  N N   . ASP A 1 110 ? -3.988  -13.379 5.677   1.00 28.84 ? 110 ASP A N   1 
ATOM   784  C CA  . ASP A 1 110 ? -3.064  -14.238 4.950   1.00 28.95 ? 110 ASP A CA  1 
ATOM   785  C C   . ASP A 1 110 ? -2.566  -13.614 3.650   1.00 28.30 ? 110 ASP A C   1 
ATOM   786  O O   . ASP A 1 110 ? -1.381  -13.716 3.323   1.00 27.63 ? 110 ASP A O   1 
ATOM   787  C CB  . ASP A 1 110 ? -3.706  -15.595 4.651   1.00 30.89 ? 110 ASP A CB  1 
ATOM   788  C CG  . ASP A 1 110 ? -3.948  -16.413 5.904   1.00 33.07 ? 110 ASP A CG  1 
ATOM   789  O OD1 . ASP A 1 110 ? -3.094  -16.365 6.818   1.00 33.20 ? 110 ASP A OD1 1 
ATOM   790  O OD2 . ASP A 1 110 ? -4.981  -17.113 5.967   1.00 35.11 ? 110 ASP A OD2 1 
ATOM   791  N N   . LEU A 1 111 ? -3.468  -12.973 2.912   1.00 26.11 ? 111 LEU A N   1 
ATOM   792  C CA  . LEU A 1 111 ? -3.106  -12.341 1.648   1.00 25.36 ? 111 LEU A CA  1 
ATOM   793  C C   . LEU A 1 111 ? -2.019  -11.293 1.876   1.00 24.90 ? 111 LEU A C   1 
ATOM   794  O O   . LEU A 1 111 ? -1.052  -11.208 1.113   1.00 23.71 ? 111 LEU A O   1 
ATOM   795  C CB  . LEU A 1 111 ? -4.341  -11.700 1.007   1.00 26.13 ? 111 LEU A CB  1 
ATOM   796  C CG  . LEU A 1 111 ? -4.178  -11.052 -0.372  1.00 24.41 ? 111 LEU A CG  1 
ATOM   797  C CD1 . LEU A 1 111 ? -3.462  -11.996 -1.325  1.00 23.45 ? 111 LEU A CD1 1 
ATOM   798  C CD2 . LEU A 1 111 ? -5.550  -10.693 -0.919  1.00 24.00 ? 111 LEU A CD2 1 
ATOM   799  N N   . VAL A 1 112 ? -2.171  -10.506 2.936   1.00 23.94 ? 112 VAL A N   1 
ATOM   800  C CA  . VAL A 1 112 ? -1.189  -9.477  3.266   1.00 24.74 ? 112 VAL A CA  1 
ATOM   801  C C   . VAL A 1 112 ? 0.179   -10.103 3.529   1.00 26.10 ? 112 VAL A C   1 
ATOM   802  O O   . VAL A 1 112 ? 1.210   -9.571  3.109   1.00 24.02 ? 112 VAL A O   1 
ATOM   803  C CB  . VAL A 1 112 ? -1.626  -8.673  4.510   1.00 22.94 ? 112 VAL A CB  1 
ATOM   804  C CG1 . VAL A 1 112 ? -0.478  -7.811  5.010   1.00 22.90 ? 112 VAL A CG1 1 
ATOM   805  C CG2 . VAL A 1 112 ? -2.827  -7.801  4.159   1.00 21.53 ? 112 VAL A CG2 1 
ATOM   806  N N   . GLU A 1 113 ? 0.186   -11.234 4.228   1.00 27.33 ? 113 GLU A N   1 
ATOM   807  C CA  . GLU A 1 113 ? 1.432   -11.923 4.529   1.00 27.97 ? 113 GLU A CA  1 
ATOM   808  C C   . GLU A 1 113 ? 2.081   -12.480 3.264   1.00 26.32 ? 113 GLU A C   1 
ATOM   809  O O   . GLU A 1 113 ? 3.305   -12.474 3.137   1.00 26.75 ? 113 GLU A O   1 
ATOM   810  C CB  . GLU A 1 113 ? 1.185   -13.038 5.551   1.00 32.63 ? 113 GLU A CB  1 
ATOM   811  C CG  . GLU A 1 113 ? 1.416   -12.597 6.994   1.00 37.29 ? 113 GLU A CG  1 
ATOM   812  C CD  . GLU A 1 113 ? 0.843   -11.219 7.297   1.00 41.06 ? 113 GLU A CD  1 
ATOM   813  O OE1 . GLU A 1 113 ? -0.392  -11.091 7.458   1.00 42.99 ? 113 GLU A OE1 1 
ATOM   814  O OE2 . GLU A 1 113 ? 1.634   -10.253 7.363   1.00 41.30 ? 113 GLU A OE2 1 
ATOM   815  N N   . GLU A 1 114 ? 1.268   -12.958 2.327   1.00 24.23 ? 114 GLU A N   1 
ATOM   816  C CA  . GLU A 1 114 ? 1.810   -13.482 1.077   1.00 25.02 ? 114 GLU A CA  1 
ATOM   817  C C   . GLU A 1 114 ? 2.442   -12.331 0.299   1.00 23.45 ? 114 GLU A C   1 
ATOM   818  O O   . GLU A 1 114 ? 3.524   -12.467 -0.275  1.00 22.85 ? 114 GLU A O   1 
ATOM   819  C CB  . GLU A 1 114 ? 0.706   -14.123 0.233   1.00 26.13 ? 114 GLU A CB  1 
ATOM   820  C CG  . GLU A 1 114 ? 1.111   -14.368 -1.213  1.00 30.19 ? 114 GLU A CG  1 
ATOM   821  C CD  . GLU A 1 114 ? 0.004   -14.984 -2.045  1.00 32.68 ? 114 GLU A CD  1 
ATOM   822  O OE1 . GLU A 1 114 ? -1.154  -14.525 -1.938  1.00 36.33 ? 114 GLU A OE1 1 
ATOM   823  O OE2 . GLU A 1 114 ? 0.291   -15.920 -2.818  1.00 35.62 ? 114 GLU A OE2 1 
ATOM   824  N N   . ILE A 1 115 ? 1.755   -11.194 0.290   1.00 22.76 ? 115 ILE A N   1 
ATOM   825  C CA  . ILE A 1 115 ? 2.236   -10.010 -0.413  1.00 20.73 ? 115 ILE A CA  1 
ATOM   826  C C   . ILE A 1 115 ? 3.545   -9.522  0.189   1.00 21.26 ? 115 ILE A C   1 
ATOM   827  O O   . ILE A 1 115 ? 4.508   -9.267  -0.537  1.00 22.78 ? 115 ILE A O   1 
ATOM   828  C CB  . ILE A 1 115 ? 1.183   -8.874  -0.370  1.00 19.53 ? 115 ILE A CB  1 
ATOM   829  C CG1 . ILE A 1 115 ? -0.034  -9.277  -1.207  1.00 15.51 ? 115 ILE A CG1 1 
ATOM   830  C CG2 . ILE A 1 115 ? 1.790   -7.565  -0.888  1.00 16.17 ? 115 ILE A CG2 1 
ATOM   831  C CD1 . ILE A 1 115 ? -1.217  -8.349  -1.076  1.00 12.79 ? 115 ILE A CD1 1 
ATOM   832  N N   . ALA A 1 116 ? 3.584   -9.402  1.513   1.00 20.73 ? 116 ALA A N   1 
ATOM   833  C CA  . ALA A 1 116 ? 4.785   -8.946  2.205   1.00 22.66 ? 116 ALA A CA  1 
ATOM   834  C C   . ALA A 1 116 ? 5.961   -9.877  1.918   1.00 24.77 ? 116 ALA A C   1 
ATOM   835  O O   . ALA A 1 116 ? 7.098   -9.430  1.757   1.00 24.09 ? 116 ALA A O   1 
ATOM   836  C CB  . ALA A 1 116 ? 4.528   -8.873  3.705   1.00 22.22 ? 116 ALA A CB  1 
ATOM   837  N N   . MET A 1 117 ? 5.678   -11.173 1.857   1.00 25.42 ? 117 MET A N   1 
ATOM   838  C CA  . MET A 1 117 ? 6.705   -12.169 1.579   1.00 27.28 ? 117 MET A CA  1 
ATOM   839  C C   . MET A 1 117 ? 7.254   -12.022 0.160   1.00 26.38 ? 117 MET A C   1 
ATOM   840  O O   . MET A 1 117 ? 8.465   -12.034 -0.050  1.00 26.19 ? 117 MET A O   1 
ATOM   841  C CB  . MET A 1 117 ? 6.128   -13.573 1.756   1.00 29.91 ? 117 MET A CB  1 
ATOM   842  C CG  . MET A 1 117 ? 7.080   -14.694 1.384   1.00 35.13 ? 117 MET A CG  1 
ATOM   843  S SD  . MET A 1 117 ? 6.269   -16.309 1.449   1.00 43.35 ? 117 MET A SD  1 
ATOM   844  C CE  . MET A 1 117 ? 5.680   -16.475 -0.249  1.00 39.25 ? 117 MET A CE  1 
ATOM   845  N N   . LYS A 1 118 ? 6.360   -11.888 -0.813  1.00 25.07 ? 118 LYS A N   1 
ATOM   846  C CA  . LYS A 1 118 ? 6.777   -11.749 -2.202  1.00 25.26 ? 118 LYS A CA  1 
ATOM   847  C C   . LYS A 1 118 ? 7.483   -10.422 -2.467  1.00 25.13 ? 118 LYS A C   1 
ATOM   848  O O   . LYS A 1 118 ? 8.339   -10.334 -3.352  1.00 24.76 ? 118 LYS A O   1 
ATOM   849  C CB  . LYS A 1 118 ? 5.571   -11.925 -3.126  1.00 24.53 ? 118 LYS A CB  1 
ATOM   850  C CG  . LYS A 1 118 ? 4.982   -13.332 -3.048  1.00 25.60 ? 118 LYS A CG  1 
ATOM   851  C CD  . LYS A 1 118 ? 3.871   -13.574 -4.056  1.00 25.33 ? 118 LYS A CD  1 
ATOM   852  C CE  . LYS A 1 118 ? 3.445   -15.043 -4.043  1.00 27.93 ? 118 LYS A CE  1 
ATOM   853  N NZ  . LYS A 1 118 ? 2.376   -15.360 -5.033  1.00 25.83 ? 118 LYS A NZ  1 
ATOM   854  N N   . VAL A 1 119 ? 7.131   -9.394  -1.696  1.00 23.67 ? 119 VAL A N   1 
ATOM   855  C CA  . VAL A 1 119 ? 7.761   -8.083  -1.844  1.00 24.12 ? 119 VAL A CA  1 
ATOM   856  C C   . VAL A 1 119 ? 9.181   -8.146  -1.283  1.00 25.89 ? 119 VAL A C   1 
ATOM   857  O O   . VAL A 1 119 ? 10.102  -7.513  -1.801  1.00 25.53 ? 119 VAL A O   1 
ATOM   858  C CB  . VAL A 1 119 ? 6.974   -6.987  -1.087  1.00 23.07 ? 119 VAL A CB  1 
ATOM   859  C CG1 . VAL A 1 119 ? 7.797   -5.704  -1.022  1.00 21.81 ? 119 VAL A CG1 1 
ATOM   860  C CG2 . VAL A 1 119 ? 5.649   -6.722  -1.789  1.00 20.10 ? 119 VAL A CG2 1 
ATOM   861  N N   . ARG A 1 120 ? 9.346   -8.921  -0.217  1.00 27.97 ? 120 ARG A N   1 
ATOM   862  C CA  . ARG A 1 120 ? 10.640  -9.093  0.429   1.00 29.32 ? 120 ARG A CA  1 
ATOM   863  C C   . ARG A 1 120 ? 11.643  -9.630  -0.592  1.00 28.88 ? 120 ARG A C   1 
ATOM   864  O O   . ARG A 1 120 ? 12.807  -9.232  -0.602  1.00 28.24 ? 120 ARG A O   1 
ATOM   865  C CB  . ARG A 1 120 ? 10.497  -10.075 1.591   1.00 32.62 ? 120 ARG A CB  1 
ATOM   866  C CG  . ARG A 1 120 ? 11.355  -9.766  2.800   1.00 38.03 ? 120 ARG A CG  1 
ATOM   867  C CD  . ARG A 1 120 ? 11.021  -10.733 3.922   1.00 41.30 ? 120 ARG A CD  1 
ATOM   868  N NE  . ARG A 1 120 ? 9.589   -10.728 4.215   1.00 44.53 ? 120 ARG A NE  1 
ATOM   869  C CZ  . ARG A 1 120 ? 8.978   -11.619 4.989   1.00 46.96 ? 120 ARG A CZ  1 
ATOM   870  N NH1 . ARG A 1 120 ? 9.673   -12.598 5.556   1.00 48.43 ? 120 ARG A NH1 1 
ATOM   871  N NH2 . ARG A 1 120 ? 7.669   -11.534 5.195   1.00 46.17 ? 120 ARG A NH2 1 
ATOM   872  N N   . GLU A 1 121 ? 11.178  -10.531 -1.451  1.00 29.66 ? 121 GLU A N   1 
ATOM   873  C CA  . GLU A 1 121 ? 12.024  -11.113 -2.488  1.00 31.24 ? 121 GLU A CA  1 
ATOM   874  C C   . GLU A 1 121 ? 12.349  -10.090 -3.571  1.00 31.78 ? 121 GLU A C   1 
ATOM   875  O O   . GLU A 1 121 ? 13.500  -9.963  -3.984  1.00 32.28 ? 121 GLU A O   1 
ATOM   876  C CB  . GLU A 1 121 ? 11.338  -12.328 -3.119  1.00 33.87 ? 121 GLU A CB  1 
ATOM   877  C CG  . GLU A 1 121 ? 11.318  -13.571 -2.237  1.00 38.66 ? 121 GLU A CG  1 
ATOM   878  C CD  . GLU A 1 121 ? 12.704  -14.164 -2.021  1.00 42.66 ? 121 GLU A CD  1 
ATOM   879  O OE1 . GLU A 1 121 ? 13.586  -13.452 -1.496  1.00 45.49 ? 121 GLU A OE1 1 
ATOM   880  O OE2 . GLU A 1 121 ? 12.912  -15.347 -2.373  1.00 44.88 ? 121 GLU A OE2 1 
ATOM   881  N N   . LEU A 1 122 ? 11.331  -9.363  -4.028  1.00 30.68 ? 122 LEU A N   1 
ATOM   882  C CA  . LEU A 1 122 ? 11.517  -8.348  -5.063  1.00 31.44 ? 122 LEU A CA  1 
ATOM   883  C C   . LEU A 1 122 ? 12.622  -7.376  -4.685  1.00 32.89 ? 122 LEU A C   1 
ATOM   884  O O   . LEU A 1 122 ? 13.341  -6.868  -5.546  1.00 34.24 ? 122 LEU A O   1 
ATOM   885  C CB  . LEU A 1 122 ? 10.217  -7.568  -5.288  1.00 29.97 ? 122 LEU A CB  1 
ATOM   886  C CG  . LEU A 1 122 ? 9.086   -8.317  -5.989  1.00 29.19 ? 122 LEU A CG  1 
ATOM   887  C CD1 . LEU A 1 122 ? 7.863   -7.418  -6.102  1.00 27.42 ? 122 LEU A CD1 1 
ATOM   888  C CD2 . LEU A 1 122 ? 9.553   -8.766  -7.366  1.00 28.16 ? 122 LEU A CD2 1 
ATOM   889  N N   . MET A 1 123 ? 12.740  -7.115  -3.389  1.00 34.23 ? 123 MET A N   1 
ATOM   890  C CA  . MET A 1 123 ? 13.753  -6.208  -2.874  1.00 35.86 ? 123 MET A CA  1 
ATOM   891  C C   . MET A 1 123 ? 15.051  -6.972  -2.651  1.00 36.97 ? 123 MET A C   1 
ATOM   892  O O   . MET A 1 123 ? 16.087  -6.382  -2.351  1.00 36.84 ? 123 MET A O   1 
ATOM   893  C CB  . MET A 1 123 ? 13.276  -5.599  -1.558  1.00 36.19 ? 123 MET A CB  1 
ATOM   894  C CG  . MET A 1 123 ? 11.945  -4.877  -1.672  1.00 37.44 ? 123 MET A CG  1 
ATOM   895  S SD  . MET A 1 123 ? 11.395  -4.209  -0.101  1.00 39.86 ? 123 MET A SD  1 
ATOM   896  C CE  . MET A 1 123 ? 12.247  -2.623  -0.095  1.00 35.79 ? 123 MET A CE  1 
ATOM   897  N N   . LYS A 1 124 ? 14.972  -8.291  -2.807  1.00 38.46 ? 124 LYS A N   1 
ATOM   898  C CA  . LYS A 1 124 ? 16.109  -9.190  -2.627  1.00 40.35 ? 124 LYS A CA  1 
ATOM   899  C C   . LYS A 1 124 ? 16.420  -9.386  -1.147  1.00 41.30 ? 124 LYS A C   1 
ATOM   900  O O   . LYS A 1 124 ? 16.165  -10.499 -0.634  1.00 42.08 ? 124 LYS A O   1 
ATOM   901  C CB  . LYS A 1 124 ? 17.338  -8.647  -3.369  1.00 39.63 ? 124 LYS A CB  1 
ATOM   902  C CG  . LYS A 1 124 ? 18.652  -9.315  -2.996  1.00 39.67 ? 124 LYS A CG  1 
ATOM   903  C CD  . LYS A 1 124 ? 18.589  -10.822 -3.162  1.00 40.78 ? 124 LYS A CD  1 
ATOM   904  C CE  . LYS A 1 124 ? 19.857  -11.474 -2.635  1.00 40.16 ? 124 LYS A CE  1 
ATOM   905  N NZ  . LYS A 1 124 ? 20.154  -11.045 -1.237  1.00 36.49 ? 124 LYS A NZ  1 
ATOM   906  O OXT . LYS A 1 124 ? 16.899  -8.423  -0.512  1.00 43.91 ? 124 LYS A OXT 1 
HETATM 907  O O   . HOH B 2 .   ? -11.584 5.804   -7.688  1.00 20.26 ? 125 HOH A O   1 
HETATM 908  O O   . HOH B 2 .   ? -3.352  -3.516  -10.957 1.00 39.99 ? 126 HOH A O   1 
HETATM 909  O O   . HOH B 2 .   ? 2.826   13.626  6.574   1.00 42.27 ? 127 HOH A O   1 
HETATM 910  O O   . HOH B 2 .   ? -3.579  0.307   -9.058  1.00 12.21 ? 128 HOH A O   1 
HETATM 911  O O   . HOH B 2 .   ? -4.592  10.577  -2.019  1.00 13.83 ? 129 HOH A O   1 
HETATM 912  O O   . HOH B 2 .   ? 15.088  -1.621  -8.673  1.00 17.26 ? 130 HOH A O   1 
HETATM 913  O O   . HOH B 2 .   ? 6.244   3.329   -13.116 1.00 17.52 ? 131 HOH A O   1 
HETATM 914  O O   . HOH B 2 .   ? 13.439  -0.382  11.832  1.00 22.81 ? 132 HOH A O   1 
HETATM 915  O O   . HOH B 2 .   ? 12.481  -4.965  -9.826  1.00 16.15 ? 133 HOH A O   1 
HETATM 916  O O   . HOH B 2 .   ? 2.578   -1.889  -9.567  1.00 14.20 ? 134 HOH A O   1 
HETATM 917  O O   . HOH B 2 .   ? 2.492   -3.615  -11.637 1.00 12.59 ? 135 HOH A O   1 
HETATM 918  O O   . HOH B 2 .   ? 6.337   6.067   -11.524 1.00 21.19 ? 136 HOH A O   1 
HETATM 919  O O   . HOH B 2 .   ? -9.467  8.838   9.582   1.00 27.40 ? 137 HOH A O   1 
HETATM 920  O O   . HOH B 2 .   ? -3.498  12.708  3.053   1.00 19.95 ? 138 HOH A O   1 
HETATM 921  O O   . HOH B 2 .   ? -2.868  6.559   10.690  1.00 17.38 ? 139 HOH A O   1 
HETATM 922  O O   . HOH B 2 .   ? 14.592  -3.004  11.857  1.00 21.28 ? 140 HOH A O   1 
HETATM 923  O O   . HOH B 2 .   ? -11.202 9.670   -11.271 1.00 26.13 ? 141 HOH A O   1 
HETATM 924  O O   . HOH B 2 .   ? -6.243  -13.588 3.313   1.00 30.62 ? 142 HOH A O   1 
HETATM 925  O O   . HOH B 2 .   ? 14.083  5.451   -2.205  1.00 29.17 ? 143 HOH A O   1 
HETATM 926  O O   . HOH B 2 .   ? 12.953  0.785   -10.318 1.00 20.34 ? 144 HOH A O   1 
HETATM 927  O O   . HOH B 2 .   ? 15.483  4.158   3.823   1.00 33.45 ? 145 HOH A O   1 
HETATM 928  O O   . HOH B 2 .   ? -7.815  7.035   6.485   1.00 21.55 ? 146 HOH A O   1 
HETATM 929  O O   . HOH B 2 .   ? 8.350   -12.081 -5.382  1.00 27.50 ? 147 HOH A O   1 
HETATM 930  O O   . HOH B 2 .   ? 1.389   12.165  8.681   1.00 22.20 ? 148 HOH A O   1 
HETATM 931  O O   . HOH B 2 .   ? -1.429  12.903  -8.082  1.00 24.17 ? 149 HOH A O   1 
HETATM 932  O O   . HOH B 2 .   ? 9.509   -7.976  -11.200 1.00 24.39 ? 150 HOH A O   1 
HETATM 933  O O   . HOH B 2 .   ? 14.577  -2.428  -4.608  1.00 31.19 ? 151 HOH A O   1 
HETATM 934  O O   . HOH B 2 .   ? -4.148  -0.308  -13.944 1.00 29.50 ? 152 HOH A O   1 
HETATM 935  O O   . HOH B 2 .   ? -11.250 1.370   7.317   1.00 29.28 ? 153 HOH A O   1 
HETATM 936  O O   . HOH B 2 .   ? 1.233   12.224  18.937  1.00 22.79 ? 154 HOH A O   1 
HETATM 937  O O   . HOH B 2 .   ? 3.456   -6.688  7.862   1.00 37.04 ? 155 HOH A O   1 
HETATM 938  O O   . HOH B 2 .   ? -15.131 1.616   -4.426  1.00 36.49 ? 156 HOH A O   1 
HETATM 939  O O   . HOH B 2 .   ? -4.635  8.324   13.434  1.00 37.21 ? 157 HOH A O   1 
HETATM 940  O O   . HOH B 2 .   ? -6.802  -14.382 5.989   1.00 42.11 ? 158 HOH A O   1 
HETATM 941  O O   . HOH B 2 .   ? -3.704  4.168   12.078  1.00 46.23 ? 159 HOH A O   1 
HETATM 942  O O   . HOH B 2 .   ? -9.413  11.093  -9.124  1.00 22.79 ? 160 HOH A O   1 
HETATM 943  O O   . HOH B 2 .   ? 2.408   14.200  1.150   1.00 27.43 ? 161 HOH A O   1 
HETATM 944  O O   . HOH B 2 .   ? 5.615   13.135  9.241   1.00 38.25 ? 162 HOH A O   1 
HETATM 945  O O   . HOH B 2 .   ? 10.812  10.626  5.218   1.00 37.05 ? 163 HOH A O   1 
HETATM 946  O O   . HOH B 2 .   ? -9.635  -1.275  -7.646  1.00 24.82 ? 164 HOH A O   1 
HETATM 947  O O   . HOH B 2 .   ? 2.884   12.020  10.897  1.00 41.34 ? 165 HOH A O   1 
HETATM 948  O O   . HOH B 2 .   ? 0.167   -16.477 6.368   1.00 46.68 ? 166 HOH A O   1 
HETATM 949  O O   . HOH B 2 .   ? 7.740   -7.198  2.969   1.00 40.10 ? 167 HOH A O   1 
HETATM 950  O O   . HOH B 2 .   ? -7.237  7.986   11.682  1.00 39.53 ? 168 HOH A O   1 
HETATM 951  O O   . HOH B 2 .   ? 10.801  -13.463 1.124   1.00 38.53 ? 169 HOH A O   1 
HETATM 952  O O   . HOH B 2 .   ? 8.982   4.127   15.054  1.00 41.07 ? 170 HOH A O   1 
HETATM 953  O O   . HOH B 2 .   ? 17.267  -12.904 -0.022  1.00 45.40 ? 171 HOH A O   1 
HETATM 954  O O   . HOH B 2 .   ? 5.039   10.219  14.307  1.00 33.01 ? 172 HOH A O   1 
HETATM 955  O O   . HOH B 2 .   ? 15.537  8.482   -4.294  1.00 40.00 ? 173 HOH A O   1 
HETATM 956  O O   . HOH B 2 .   ? 8.518   -3.813  1.494   1.00 27.02 ? 174 HOH A O   1 
HETATM 957  O O   . HOH B 2 .   ? -1.232  14.149  13.082  1.00 36.91 ? 175 HOH A O   1 
HETATM 958  O O   . HOH B 2 .   ? -3.821  -11.641 -8.858  1.00 38.29 ? 176 HOH A O   1 
HETATM 959  O O   . HOH B 2 .   ? 3.801   -3.294  13.448  1.00 50.35 ? 177 HOH A O   1 
HETATM 960  O O   . HOH B 2 .   ? -15.793 3.553   -7.045  1.00 49.39 ? 178 HOH A O   1 
HETATM 961  O O   . HOH B 2 .   ? -7.900  -16.913 5.477   1.00 38.47 ? 179 HOH A O   1 
HETATM 962  O O   . HOH B 2 .   ? 4.880   -4.949  10.147  1.00 40.12 ? 180 HOH A O   1 
HETATM 963  O O   . HOH B 2 .   ? 6.241   -4.307  -13.315 1.00 35.60 ? 181 HOH A O   1 
HETATM 964  O O   . HOH B 2 .   ? 12.429  -7.037  -11.486 1.00 18.72 ? 182 HOH A O   1 
HETATM 965  O O   . HOH B 2 .   ? 9.897   -10.393 -10.874 1.00 24.22 ? 183 HOH A O   1 
HETATM 966  O O   . HOH B 2 .   ? 5.014   -2.794  -17.868 1.00 39.42 ? 184 HOH A O   1 
HETATM 967  O O   . HOH B 2 .   ? 12.190  1.363   13.345  1.00 19.97 ? 185 HOH A O   1 
HETATM 968  O O   . HOH B 2 .   ? -4.674  -1.137  -11.203 1.00 17.06 ? 186 HOH A O   1 
HETATM 969  O O   . HOH B 2 .   ? 0.407   -3.751  -13.197 1.00 35.58 ? 187 HOH A O   1 
HETATM 970  O O   . HOH B 2 .   ? -0.556  13.510  10.039  1.00 29.38 ? 188 HOH A O   1 
HETATM 971  O O   . HOH B 2 .   ? -4.983  12.068  -4.639  1.00 39.05 ? 189 HOH A O   1 
HETATM 972  O O   . HOH B 2 .   ? 3.702   14.913  11.291  1.00 36.77 ? 190 HOH A O   1 
HETATM 973  O O   . HOH B 2 .   ? -7.228  8.031   14.310  1.00 30.89 ? 191 HOH A O   1 
HETATM 974  O O   . HOH B 2 .   ? -4.892  -10.218 -15.847 1.00 47.51 ? 192 HOH A O   1 
HETATM 975  O O   . HOH B 2 .   ? 0.257   -14.437 -8.964  1.00 34.51 ? 193 HOH A O   1 
HETATM 976  O O   . HOH B 2 .   ? -3.255  -16.209 -2.540  1.00 54.63 ? 194 HOH A O   1 
HETATM 977  O O   . HOH B 2 .   ? 11.703  8.101   -3.031  1.00 24.30 ? 195 HOH A O   1 
HETATM 978  O O   . HOH B 2 .   ? 12.192  5.151   15.139  1.00 39.28 ? 196 HOH A O   1 
HETATM 979  O O   . HOH B 2 .   ? 5.842   12.659  14.983  1.00 34.73 ? 197 HOH A O   1 
HETATM 980  O O   . HOH B 2 .   ? 9.815   -2.296  3.687   1.00 27.73 ? 198 HOH A O   1 
HETATM 981  O O   . HOH B 2 .   ? -12.507 -12.480 -0.564  1.00 39.76 ? 199 HOH A O   1 
HETATM 982  O O   . HOH B 2 .   ? 1.800   -5.588  14.692  1.00 63.29 ? 200 HOH A O   1 
HETATM 983  O O   . HOH B 2 .   ? -13.633 4.728   -8.998  1.00 28.62 ? 201 HOH A O   1 
HETATM 984  O O   . HOH B 2 .   ? 11.625  -18.564 -3.165  1.00 45.04 ? 202 HOH A O   1 
HETATM 985  O O   . HOH B 2 .   ? 8.984   -14.779 -4.171  1.00 36.48 ? 203 HOH A O   1 
HETATM 986  O O   . HOH B 2 .   ? 16.305  -13.025 -4.009  1.00 51.44 ? 204 HOH A O   1 
HETATM 987  O O   . HOH B 2 .   ? 1.747   -13.296 -6.904  1.00 31.41 ? 205 HOH A O   1 
HETATM 988  O O   . HOH B 2 .   ? -13.916 -2.285  -4.958  1.00 36.02 ? 206 HOH A O   1 
HETATM 989  O O   . HOH B 2 .   ? 7.609   18.115  -9.563  1.00 49.27 ? 207 HOH A O   1 
HETATM 990  O O   . HOH B 2 .   ? 6.550   -11.584 -7.188  1.00 28.02 ? 208 HOH A O   1 
HETATM 991  O O   . HOH B 2 .   ? 15.295  -4.801  -5.458  1.00 38.39 ? 209 HOH A O   1 
HETATM 992  O O   . HOH B 2 .   ? 1.656   -8.251  8.950   1.00 30.74 ? 210 HOH A O   1 
HETATM 993  O O   . HOH B 2 .   ? 12.575  -7.288  5.998   1.00 35.64 ? 211 HOH A O   1 
HETATM 994  O O   . HOH B 2 .   ? 5.369   -9.540  7.093   1.00 28.25 ? 212 HOH A O   1 
HETATM 995  O O   . HOH B 2 .   ? 7.576   -5.229  9.797   1.00 50.17 ? 213 HOH A O   1 
HETATM 996  O O   . HOH B 2 .   ? -4.507  -10.960 -11.445 1.00 41.75 ? 214 HOH A O   1 
HETATM 997  O O   . HOH B 2 .   ? 8.877   6.955   -9.950  1.00 42.06 ? 215 HOH A O   1 
HETATM 998  O O   . HOH B 2 .   ? -5.157  12.660  -8.246  1.00 45.72 ? 216 HOH A O   1 
HETATM 999  O O   . HOH B 2 .   ? -16.997 4.594   -3.951  1.00 58.95 ? 217 HOH A O   1 
HETATM 1000 O O   . HOH B 2 .   ? -7.769  -12.554 1.338   1.00 57.24 ? 218 HOH A O   1 
HETATM 1001 O O   . HOH B 2 .   ? -12.573 -12.306 2.035   1.00 48.97 ? 219 HOH A O   1 
HETATM 1002 O O   . HOH B 2 .   ? -3.617  -19.637 8.405   1.00 45.47 ? 220 HOH A O   1 
HETATM 1003 O O   . HOH B 2 .   ? 2.593   -10.754 10.545  1.00 51.16 ? 221 HOH A O   1 
HETATM 1004 O O   . HOH B 2 .   ? 10.621  -11.897 -6.652  1.00 35.86 ? 222 HOH A O   1 
HETATM 1005 O O   . HOH B 2 .   ? 3.820   -7.696  -14.918 1.00 31.84 ? 223 HOH A O   1 
HETATM 1006 O O   . HOH B 2 .   ? 4.076   -12.151 -8.043  1.00 34.34 ? 224 HOH A O   1 
HETATM 1007 O O   . HOH B 2 .   ? -0.735  -1.615  -15.560 1.00 37.17 ? 225 HOH A O   1 
HETATM 1008 O O   . HOH B 2 .   ? 3.828   -4.772  -19.647 1.00 54.79 ? 226 HOH A O   1 
HETATM 1009 O O   . HOH B 2 .   ? 8.054   13.299  0.203   1.00 43.01 ? 227 HOH A O   1 
HETATM 1010 O O   . HOH B 2 .   ? 13.016  7.975   5.557   1.00 37.77 ? 228 HOH A O   1 
HETATM 1011 O O   . HOH B 2 .   ? 14.561  8.067   -1.731  1.00 35.63 ? 229 HOH A O   1 
HETATM 1012 O O   . HOH B 2 .   ? 12.698  -10.544 -9.803  1.00 54.32 ? 230 HOH A O   1 
HETATM 1013 O O   . HOH B 2 .   ? -3.219  12.994  9.389   1.00 21.44 ? 231 HOH A O   1 
HETATM 1014 O O   . HOH B 2 .   ? 6.488   -1.652  -10.106 1.00 14.14 ? 232 HOH A O   1 
HETATM 1015 O O   . HOH B 2 .   ? 7.610   -7.814  -12.954 1.00 25.98 ? 233 HOH A O   1 
HETATM 1016 O O   . HOH B 2 .   ? 7.604   2.737   12.826  1.00 33.47 ? 234 HOH A O   1 
HETATM 1017 O O   . HOH B 2 .   ? -1.774  -5.363  -12.078 1.00 47.15 ? 235 HOH A O   1 
# 
